data_2L0Q
#
_entry.id   2L0Q
#
_entity_poly.entity_id   1
_entity_poly.type   'polypeptide(L)'
_entity_poly.pdbx_seq_one_letter_code
;GIPLSNIEERVKKIIVEQLGVDEAEVKNEASFVDDLGADSLDTVELVMALEEEFDTEIPDEEAEKITTVQAAIDYVNSHQ
;
_entity_poly.pdbx_strand_id   A
#
# COMPACT_ATOMS: atom_id res chain seq x y z
N GLY A 1 -12.37 0.37 15.64
CA GLY A 1 -12.09 -0.07 14.29
C GLY A 1 -12.12 1.07 13.29
N ILE A 2 -11.48 0.87 12.14
CA ILE A 2 -11.44 1.89 11.10
C ILE A 2 -12.23 1.46 9.87
N PRO A 3 -13.07 2.37 9.36
CA PRO A 3 -13.90 2.12 8.18
C PRO A 3 -13.07 2.01 6.90
N LEU A 4 -13.46 1.10 6.01
CA LEU A 4 -12.76 0.90 4.76
C LEU A 4 -12.67 2.20 3.97
N SER A 5 -13.62 3.10 4.22
CA SER A 5 -13.66 4.38 3.53
C SER A 5 -12.44 5.23 3.90
N ASN A 6 -11.89 4.98 5.08
CA ASN A 6 -10.72 5.72 5.55
C ASN A 6 -9.44 5.12 4.99
N ILE A 7 -9.29 3.81 5.14
CA ILE A 7 -8.12 3.11 4.65
C ILE A 7 -7.93 3.31 3.16
N GLU A 8 -9.04 3.28 2.42
CA GLU A 8 -9.00 3.47 0.98
C GLU A 8 -8.32 4.78 0.61
N GLU A 9 -8.81 5.88 1.17
CA GLU A 9 -8.25 7.20 0.91
C GLU A 9 -6.83 7.30 1.43
N ARG A 10 -6.59 6.69 2.60
CA ARG A 10 -5.27 6.71 3.20
C ARG A 10 -4.24 6.02 2.31
N VAL A 11 -4.44 4.72 2.09
CA VAL A 11 -3.53 3.94 1.26
C VAL A 11 -3.29 4.64 -0.09
N LYS A 12 -4.36 5.04 -0.74
CA LYS A 12 -4.27 5.72 -2.03
C LYS A 12 -3.46 6.99 -1.91
N LYS A 13 -3.71 7.77 -0.86
CA LYS A 13 -2.99 9.02 -0.64
C LYS A 13 -1.49 8.80 -0.68
N ILE A 14 -1.01 7.85 0.11
CA ILE A 14 0.42 7.54 0.15
C ILE A 14 0.94 7.14 -1.22
N ILE A 15 0.29 6.14 -1.83
CA ILE A 15 0.69 5.68 -3.15
C ILE A 15 0.80 6.83 -4.13
N VAL A 16 0.00 7.87 -3.92
CA VAL A 16 0.02 9.05 -4.78
C VAL A 16 1.20 9.95 -4.46
N GLU A 17 1.51 10.07 -3.17
CA GLU A 17 2.61 10.90 -2.72
C GLU A 17 3.96 10.25 -3.04
N GLN A 18 3.96 8.93 -3.16
CA GLN A 18 5.18 8.18 -3.46
C GLN A 18 5.43 8.15 -4.96
N LEU A 19 4.41 7.81 -5.73
CA LEU A 19 4.53 7.75 -7.19
C LEU A 19 4.28 9.12 -7.81
N GLY A 20 3.07 9.64 -7.63
CA GLY A 20 2.73 10.93 -8.17
C GLY A 20 1.70 10.84 -9.28
N VAL A 21 1.00 9.71 -9.35
CA VAL A 21 -0.01 9.50 -10.37
C VAL A 21 -1.41 9.57 -9.77
N ASP A 22 -2.41 9.27 -10.60
CA ASP A 22 -3.80 9.31 -10.15
C ASP A 22 -4.17 8.03 -9.41
N GLU A 23 -4.65 8.19 -8.18
CA GLU A 23 -5.03 7.04 -7.36
C GLU A 23 -6.03 6.16 -8.09
N ALA A 24 -6.79 6.76 -9.00
CA ALA A 24 -7.78 6.02 -9.77
C ALA A 24 -7.13 4.95 -10.63
N GLU A 25 -6.17 5.38 -11.46
CA GLU A 25 -5.47 4.45 -12.34
C GLU A 25 -4.92 3.27 -11.56
N VAL A 26 -4.58 3.49 -10.29
CA VAL A 26 -4.05 2.44 -9.43
C VAL A 26 -5.11 1.38 -9.14
N LYS A 27 -5.00 0.24 -9.80
CA LYS A 27 -5.94 -0.85 -9.61
C LYS A 27 -5.65 -1.60 -8.30
N ASN A 28 -6.70 -2.09 -7.67
CA ASN A 28 -6.56 -2.82 -6.42
C ASN A 28 -5.93 -4.19 -6.66
N GLU A 29 -6.39 -4.88 -7.68
CA GLU A 29 -5.87 -6.21 -8.02
C GLU A 29 -4.46 -6.10 -8.56
N ALA A 30 -4.13 -4.95 -9.14
CA ALA A 30 -2.80 -4.72 -9.70
C ALA A 30 -1.75 -4.59 -8.59
N SER A 31 -0.49 -4.68 -8.97
CA SER A 31 0.62 -4.57 -8.01
C SER A 31 1.30 -3.21 -8.13
N PHE A 32 2.42 -3.05 -7.42
CA PHE A 32 3.17 -1.81 -7.44
C PHE A 32 4.17 -1.80 -8.60
N VAL A 33 4.52 -2.99 -9.08
CA VAL A 33 5.46 -3.13 -10.18
C VAL A 33 4.81 -3.82 -11.38
N ASP A 34 3.94 -4.78 -11.10
CA ASP A 34 3.25 -5.52 -12.14
C ASP A 34 2.58 -4.56 -13.14
N ASP A 35 1.58 -3.84 -12.65
CA ASP A 35 0.85 -2.89 -13.49
C ASP A 35 1.49 -1.51 -13.41
N LEU A 36 1.65 -1.01 -12.19
CA LEU A 36 2.24 0.30 -11.97
C LEU A 36 3.56 0.44 -12.71
N GLY A 37 4.33 -0.65 -12.74
CA GLY A 37 5.61 -0.63 -13.42
C GLY A 37 6.70 0.05 -12.61
N ALA A 38 6.49 0.13 -11.30
CA ALA A 38 7.45 0.76 -10.41
C ALA A 38 8.62 -0.19 -10.10
N ASP A 39 9.51 0.25 -9.23
CA ASP A 39 10.67 -0.56 -8.85
C ASP A 39 10.59 -0.97 -7.38
N SER A 40 11.57 -1.76 -6.94
CA SER A 40 11.61 -2.23 -5.56
C SER A 40 11.50 -1.06 -4.60
N LEU A 41 11.99 0.10 -5.00
CA LEU A 41 11.95 1.29 -4.17
C LEU A 41 10.50 1.67 -3.84
N ASP A 42 9.64 1.59 -4.84
CA ASP A 42 8.23 1.92 -4.65
C ASP A 42 7.59 1.05 -3.58
N THR A 43 7.69 -0.27 -3.77
CA THR A 43 7.12 -1.21 -2.82
C THR A 43 7.59 -0.91 -1.40
N VAL A 44 8.91 -0.88 -1.21
CA VAL A 44 9.49 -0.59 0.09
C VAL A 44 8.95 0.70 0.67
N GLU A 45 8.77 1.70 -0.20
CA GLU A 45 8.27 3.00 0.22
C GLU A 45 6.88 2.87 0.86
N LEU A 46 6.01 2.11 0.20
CA LEU A 46 4.66 1.89 0.70
C LEU A 46 4.68 1.13 2.02
N VAL A 47 5.57 0.15 2.12
CA VAL A 47 5.69 -0.65 3.33
C VAL A 47 5.96 0.22 4.54
N MET A 48 7.06 0.98 4.50
CA MET A 48 7.42 1.86 5.59
C MET A 48 6.31 2.86 5.89
N ALA A 49 5.73 3.42 4.83
CA ALA A 49 4.65 4.39 4.98
C ALA A 49 3.49 3.79 5.77
N LEU A 50 3.24 2.50 5.57
CA LEU A 50 2.15 1.81 6.26
C LEU A 50 2.46 1.67 7.74
N GLU A 51 3.62 1.09 8.06
CA GLU A 51 4.04 0.89 9.44
C GLU A 51 4.29 2.23 10.13
N GLU A 52 4.37 3.30 9.33
CA GLU A 52 4.62 4.62 9.86
C GLU A 52 3.31 5.37 10.10
N GLU A 53 2.44 5.35 9.09
CA GLU A 53 1.14 6.02 9.20
C GLU A 53 0.13 5.16 9.94
N PHE A 54 -0.12 3.96 9.41
CA PHE A 54 -1.06 3.04 10.04
C PHE A 54 -0.48 2.44 11.30
N ASP A 55 0.81 2.70 11.54
CA ASP A 55 1.48 2.18 12.73
C ASP A 55 1.32 0.67 12.84
N THR A 56 1.37 -0.01 11.70
CA THR A 56 1.22 -1.46 11.66
C THR A 56 2.58 -2.15 11.76
N GLU A 57 2.56 -3.44 12.07
CA GLU A 57 3.79 -4.22 12.20
C GLU A 57 4.11 -4.93 10.89
N ILE A 58 4.79 -4.22 9.99
CA ILE A 58 5.17 -4.79 8.70
C ILE A 58 6.68 -4.97 8.60
N PRO A 59 7.19 -6.03 9.24
CA PRO A 59 8.62 -6.33 9.24
C PRO A 59 9.11 -6.80 7.88
N ASP A 60 10.35 -7.29 7.83
CA ASP A 60 10.94 -7.77 6.58
C ASP A 60 10.05 -8.83 5.95
N GLU A 61 9.66 -9.82 6.74
CA GLU A 61 8.81 -10.91 6.25
C GLU A 61 7.54 -10.35 5.61
N GLU A 62 6.71 -9.70 6.43
CA GLU A 62 5.46 -9.13 5.96
C GLU A 62 5.71 -8.15 4.81
N ALA A 63 6.92 -7.62 4.76
CA ALA A 63 7.29 -6.66 3.71
C ALA A 63 7.57 -7.38 2.40
N GLU A 64 8.01 -8.63 2.49
CA GLU A 64 8.33 -9.42 1.31
C GLU A 64 7.06 -9.99 0.68
N LYS A 65 6.05 -10.22 1.51
CA LYS A 65 4.78 -10.76 1.04
C LYS A 65 3.87 -9.65 0.55
N ILE A 66 3.98 -8.48 1.17
CA ILE A 66 3.16 -7.32 0.79
C ILE A 66 3.87 -6.48 -0.26
N THR A 67 3.77 -6.91 -1.52
CA THR A 67 4.41 -6.19 -2.63
C THR A 67 3.38 -5.82 -3.69
N THR A 68 2.11 -5.94 -3.35
CA THR A 68 1.03 -5.62 -4.28
C THR A 68 -0.06 -4.81 -3.59
N VAL A 69 -0.81 -4.05 -4.38
CA VAL A 69 -1.90 -3.23 -3.85
C VAL A 69 -2.87 -4.07 -3.03
N GLN A 70 -3.48 -5.05 -3.69
CA GLN A 70 -4.44 -5.92 -3.02
C GLN A 70 -3.86 -6.50 -1.73
N ALA A 71 -2.58 -6.88 -1.79
CA ALA A 71 -1.89 -7.46 -0.64
C ALA A 71 -1.79 -6.43 0.49
N ALA A 72 -1.37 -5.21 0.14
CA ALA A 72 -1.23 -4.15 1.13
C ALA A 72 -2.57 -3.76 1.73
N ILE A 73 -3.51 -3.40 0.86
CA ILE A 73 -4.84 -3.00 1.30
C ILE A 73 -5.49 -4.09 2.15
N ASP A 74 -5.18 -5.34 1.84
CA ASP A 74 -5.71 -6.48 2.58
C ASP A 74 -5.13 -6.53 3.99
N TYR A 75 -3.81 -6.39 4.09
CA TYR A 75 -3.14 -6.44 5.38
C TYR A 75 -3.69 -5.35 6.31
N VAL A 76 -3.54 -4.10 5.90
CA VAL A 76 -4.02 -2.99 6.71
C VAL A 76 -5.49 -3.15 7.07
N ASN A 77 -6.32 -3.41 6.07
CA ASN A 77 -7.75 -3.60 6.28
C ASN A 77 -8.00 -4.73 7.27
N SER A 78 -7.12 -5.72 7.28
CA SER A 78 -7.26 -6.85 8.19
C SER A 78 -6.74 -6.51 9.57
N HIS A 79 -5.80 -5.56 9.63
CA HIS A 79 -5.22 -5.13 10.90
C HIS A 79 -5.80 -3.79 11.34
N GLN A 80 -7.10 -3.78 11.60
CA GLN A 80 -7.78 -2.56 12.03
C GLN A 80 -7.50 -2.27 13.51
N GLY A 1 -14.35 0.18 14.67
CA GLY A 1 -13.43 1.29 14.81
C GLY A 1 -13.37 2.15 13.57
N ILE A 2 -12.40 1.86 12.70
CA ILE A 2 -12.23 2.62 11.47
C ILE A 2 -13.00 1.98 10.31
N PRO A 3 -13.75 2.81 9.57
CA PRO A 3 -14.54 2.34 8.43
C PRO A 3 -13.67 1.90 7.25
N LEU A 4 -14.30 1.35 6.23
CA LEU A 4 -13.59 0.88 5.05
C LEU A 4 -13.60 1.95 3.96
N SER A 5 -13.75 3.21 4.36
CA SER A 5 -13.77 4.32 3.41
C SER A 5 -12.59 5.25 3.65
N ASN A 6 -12.01 5.19 4.84
CA ASN A 6 -10.87 6.03 5.18
C ASN A 6 -9.56 5.39 4.71
N ILE A 7 -9.52 4.07 4.71
CA ILE A 7 -8.34 3.34 4.27
C ILE A 7 -8.07 3.56 2.79
N GLU A 8 -9.11 3.40 1.98
CA GLU A 8 -8.99 3.57 0.53
C GLU A 8 -8.33 4.91 0.21
N GLU A 9 -8.81 5.97 0.84
CA GLU A 9 -8.27 7.31 0.61
C GLU A 9 -6.83 7.40 1.10
N ARG A 10 -6.59 6.95 2.33
CA ARG A 10 -5.26 6.98 2.91
C ARG A 10 -4.25 6.25 2.03
N VAL A 11 -4.50 4.96 1.80
CA VAL A 11 -3.63 4.15 0.96
C VAL A 11 -3.34 4.83 -0.36
N LYS A 12 -4.40 5.10 -1.13
CA LYS A 12 -4.26 5.75 -2.42
C LYS A 12 -3.44 7.03 -2.30
N LYS A 13 -3.75 7.84 -1.30
CA LYS A 13 -3.04 9.09 -1.07
C LYS A 13 -1.53 8.86 -1.08
N ILE A 14 -1.07 7.91 -0.27
CA ILE A 14 0.34 7.59 -0.19
C ILE A 14 0.91 7.20 -1.55
N ILE A 15 0.34 6.17 -2.16
CA ILE A 15 0.78 5.71 -3.46
C ILE A 15 0.79 6.85 -4.47
N VAL A 16 -0.11 7.80 -4.29
CA VAL A 16 -0.19 8.95 -5.18
C VAL A 16 0.86 10.00 -4.85
N GLU A 17 1.25 10.05 -3.57
CA GLU A 17 2.25 11.00 -3.12
C GLU A 17 3.66 10.47 -3.37
N GLN A 18 3.77 9.16 -3.54
CA GLN A 18 5.06 8.52 -3.78
C GLN A 18 5.34 8.43 -5.27
N LEU A 19 4.43 7.78 -6.01
CA LEU A 19 4.58 7.62 -7.45
C LEU A 19 4.25 8.92 -8.18
N GLY A 20 3.02 9.39 -8.00
CA GLY A 20 2.59 10.62 -8.65
C GLY A 20 1.31 10.44 -9.44
N VAL A 21 0.97 9.20 -9.75
CA VAL A 21 -0.25 8.90 -10.50
C VAL A 21 -1.48 9.41 -9.77
N ASP A 22 -2.65 9.15 -10.34
CA ASP A 22 -3.92 9.58 -9.75
C ASP A 22 -4.56 8.45 -8.97
N GLU A 23 -5.20 8.80 -7.85
CA GLU A 23 -5.87 7.81 -7.01
C GLU A 23 -6.98 7.11 -7.76
N ALA A 24 -7.41 7.72 -8.87
CA ALA A 24 -8.48 7.16 -9.69
C ALA A 24 -7.92 6.19 -10.73
N GLU A 25 -6.64 6.34 -11.04
CA GLU A 25 -5.98 5.48 -12.02
C GLU A 25 -5.25 4.33 -11.33
N VAL A 26 -5.70 3.98 -10.13
CA VAL A 26 -5.09 2.90 -9.37
C VAL A 26 -6.11 1.82 -9.03
N LYS A 27 -5.67 0.56 -9.05
CA LYS A 27 -6.54 -0.56 -8.74
C LYS A 27 -6.03 -1.33 -7.52
N ASN A 28 -6.83 -2.28 -7.06
CA ASN A 28 -6.46 -3.09 -5.90
C ASN A 28 -5.73 -4.37 -6.33
N GLU A 29 -6.25 -5.01 -7.37
CA GLU A 29 -5.66 -6.23 -7.88
C GLU A 29 -4.29 -5.96 -8.48
N ALA A 30 -4.05 -4.72 -8.88
CA ALA A 30 -2.77 -4.34 -9.48
C ALA A 30 -1.64 -4.46 -8.46
N SER A 31 -0.42 -4.17 -8.91
CA SER A 31 0.75 -4.25 -8.04
C SER A 31 1.61 -3.00 -8.18
N PHE A 32 2.60 -2.88 -7.29
CA PHE A 32 3.49 -1.73 -7.31
C PHE A 32 4.47 -1.82 -8.48
N VAL A 33 4.89 -3.04 -8.80
CA VAL A 33 5.82 -3.26 -9.90
C VAL A 33 5.32 -4.35 -10.83
N ASP A 34 4.73 -5.39 -10.25
CA ASP A 34 4.21 -6.51 -11.03
C ASP A 34 3.29 -6.01 -12.14
N ASP A 35 2.62 -4.89 -11.88
CA ASP A 35 1.70 -4.30 -12.85
C ASP A 35 2.14 -2.90 -13.23
N LEU A 36 2.17 -2.00 -12.25
CA LEU A 36 2.57 -0.62 -12.48
C LEU A 36 3.90 -0.55 -13.21
N GLY A 37 4.82 -1.44 -12.84
CA GLY A 37 6.12 -1.47 -13.47
C GLY A 37 7.14 -0.60 -12.74
N ALA A 38 6.81 -0.22 -11.51
CA ALA A 38 7.70 0.60 -10.71
C ALA A 38 8.97 -0.16 -10.32
N ASP A 39 9.75 0.42 -9.41
CA ASP A 39 10.98 -0.21 -8.96
C ASP A 39 10.87 -0.64 -7.50
N SER A 40 11.79 -1.49 -7.06
CA SER A 40 11.79 -2.00 -5.70
C SER A 40 11.70 -0.85 -4.70
N LEU A 41 12.27 0.30 -5.06
CA LEU A 41 12.27 1.48 -4.20
C LEU A 41 10.84 1.90 -3.88
N ASP A 42 9.93 1.71 -4.84
CA ASP A 42 8.54 2.07 -4.65
C ASP A 42 7.87 1.16 -3.63
N THR A 43 8.09 -0.15 -3.78
CA THR A 43 7.51 -1.13 -2.86
C THR A 43 8.02 -0.94 -1.44
N VAL A 44 9.27 -0.48 -1.33
CA VAL A 44 9.87 -0.23 -0.02
C VAL A 44 9.25 0.97 0.67
N GLU A 45 9.21 2.10 -0.04
CA GLU A 45 8.64 3.32 0.50
C GLU A 45 7.17 3.12 0.87
N LEU A 46 6.49 2.27 0.10
CA LEU A 46 5.07 2.00 0.34
C LEU A 46 4.89 1.20 1.63
N VAL A 47 5.54 0.04 1.70
CA VAL A 47 5.45 -0.81 2.87
C VAL A 47 5.73 -0.03 4.15
N MET A 48 6.74 0.83 4.09
CA MET A 48 7.11 1.64 5.25
C MET A 48 6.02 2.65 5.58
N ALA A 49 5.49 3.30 4.55
CA ALA A 49 4.44 4.29 4.72
C ALA A 49 3.22 3.68 5.42
N LEU A 50 3.01 2.39 5.18
CA LEU A 50 1.87 1.68 5.78
C LEU A 50 2.15 1.39 7.26
N GLU A 51 3.25 0.71 7.52
CA GLU A 51 3.63 0.36 8.89
C GLU A 51 3.82 1.62 9.74
N GLU A 52 4.00 2.75 9.08
CA GLU A 52 4.19 4.02 9.76
C GLU A 52 2.87 4.77 9.91
N GLU A 53 2.22 5.03 8.78
CA GLU A 53 0.94 5.73 8.78
C GLU A 53 -0.14 4.92 9.46
N PHE A 54 -0.37 3.71 8.96
CA PHE A 54 -1.38 2.82 9.52
C PHE A 54 -0.88 2.18 10.81
N ASP A 55 0.37 2.44 11.15
CA ASP A 55 0.97 1.89 12.36
C ASP A 55 0.74 0.38 12.45
N THR A 56 1.03 -0.32 11.35
CA THR A 56 0.86 -1.76 11.30
C THR A 56 2.20 -2.48 11.31
N GLU A 57 2.31 -3.53 12.13
CA GLU A 57 3.55 -4.30 12.22
C GLU A 57 3.87 -4.97 10.90
N ILE A 58 4.95 -4.52 10.26
CA ILE A 58 5.36 -5.08 8.98
C ILE A 58 6.85 -5.40 8.99
N PRO A 59 7.22 -6.52 9.62
CA PRO A 59 8.62 -6.96 9.71
C PRO A 59 9.16 -7.43 8.37
N ASP A 60 10.36 -8.01 8.38
CA ASP A 60 10.99 -8.51 7.17
C ASP A 60 10.07 -9.46 6.43
N GLU A 61 9.60 -10.50 7.13
CA GLU A 61 8.70 -11.48 6.54
C GLU A 61 7.53 -10.81 5.86
N GLU A 62 6.69 -10.13 6.64
CA GLU A 62 5.52 -9.44 6.12
C GLU A 62 5.92 -8.46 5.02
N ALA A 63 7.16 -8.00 5.08
CA ALA A 63 7.66 -7.04 4.09
C ALA A 63 7.99 -7.74 2.78
N GLU A 64 8.29 -9.03 2.86
CA GLU A 64 8.62 -9.81 1.67
C GLU A 64 7.36 -10.28 0.96
N LYS A 65 6.29 -10.46 1.74
CA LYS A 65 5.01 -10.91 1.18
C LYS A 65 4.19 -9.73 0.68
N ILE A 66 4.32 -8.59 1.36
CA ILE A 66 3.59 -7.39 0.99
C ILE A 66 4.35 -6.59 -0.06
N THR A 67 4.07 -6.87 -1.33
CA THR A 67 4.73 -6.18 -2.43
C THR A 67 3.73 -5.77 -3.49
N THR A 68 2.45 -5.78 -3.14
CA THR A 68 1.39 -5.40 -4.07
C THR A 68 0.34 -4.54 -3.39
N VAL A 69 -0.65 -4.10 -4.16
CA VAL A 69 -1.72 -3.26 -3.63
C VAL A 69 -2.69 -4.08 -2.77
N GLN A 70 -3.33 -5.06 -3.40
CA GLN A 70 -4.28 -5.91 -2.70
C GLN A 70 -3.67 -6.47 -1.42
N ALA A 71 -2.40 -6.85 -1.49
CA ALA A 71 -1.70 -7.40 -0.34
C ALA A 71 -1.56 -6.36 0.76
N ALA A 72 -1.11 -5.17 0.39
CA ALA A 72 -0.92 -4.08 1.35
C ALA A 72 -2.26 -3.64 1.94
N ILE A 73 -3.17 -3.20 1.07
CA ILE A 73 -4.48 -2.74 1.50
C ILE A 73 -5.15 -3.78 2.40
N ASP A 74 -4.95 -5.05 2.08
CA ASP A 74 -5.53 -6.14 2.86
C ASP A 74 -4.91 -6.19 4.25
N TYR A 75 -3.59 -6.06 4.32
CA TYR A 75 -2.88 -6.10 5.59
C TYR A 75 -3.36 -4.99 6.52
N VAL A 76 -3.12 -3.74 6.12
CA VAL A 76 -3.53 -2.59 6.92
C VAL A 76 -5.01 -2.67 7.28
N ASN A 77 -5.82 -3.12 6.33
CA ASN A 77 -7.26 -3.25 6.56
C ASN A 77 -7.55 -4.24 7.68
N SER A 78 -6.88 -5.38 7.64
CA SER A 78 -7.06 -6.41 8.65
C SER A 78 -6.47 -5.98 9.99
N HIS A 79 -5.44 -5.14 9.92
CA HIS A 79 -4.78 -4.65 11.13
C HIS A 79 -5.28 -3.25 11.49
N GLN A 80 -6.57 -3.15 11.78
CA GLN A 80 -7.17 -1.87 12.15
C GLN A 80 -7.07 -1.63 13.64
N GLY A 1 -13.54 0.41 15.40
CA GLY A 1 -12.31 0.18 14.66
C GLY A 1 -12.20 1.08 13.44
N ILE A 2 -11.70 0.51 12.34
CA ILE A 2 -11.53 1.26 11.11
C ILE A 2 -12.44 0.72 10.01
N PRO A 3 -13.14 1.63 9.32
CA PRO A 3 -14.06 1.26 8.23
C PRO A 3 -13.31 0.76 7.00
N LEU A 4 -14.08 0.35 5.99
CA LEU A 4 -13.49 -0.17 4.75
C LEU A 4 -13.43 0.92 3.69
N SER A 5 -13.33 2.17 4.14
CA SER A 5 -13.26 3.30 3.22
C SER A 5 -12.07 4.20 3.56
N ASN A 6 -11.88 4.46 4.84
CA ASN A 6 -10.78 5.31 5.29
C ASN A 6 -9.44 4.78 4.78
N ILE A 7 -9.14 3.53 5.10
CA ILE A 7 -7.89 2.91 4.66
C ILE A 7 -7.74 3.00 3.15
N GLU A 8 -8.84 2.79 2.42
CA GLU A 8 -8.82 2.85 0.97
C GLU A 8 -8.23 4.17 0.48
N GLU A 9 -8.88 5.27 0.86
CA GLU A 9 -8.43 6.60 0.46
C GLU A 9 -7.01 6.86 0.96
N ARG A 10 -6.74 6.45 2.20
CA ARG A 10 -5.43 6.64 2.79
C ARG A 10 -4.35 5.96 1.96
N VAL A 11 -4.40 4.63 1.90
CA VAL A 11 -3.43 3.86 1.13
C VAL A 11 -3.23 4.45 -0.26
N LYS A 12 -4.34 4.85 -0.88
CA LYS A 12 -4.30 5.43 -2.22
C LYS A 12 -3.43 6.68 -2.25
N LYS A 13 -3.55 7.50 -1.21
CA LYS A 13 -2.77 8.73 -1.12
C LYS A 13 -1.29 8.42 -0.98
N ILE A 14 -0.97 7.35 -0.27
CA ILE A 14 0.41 6.95 -0.07
C ILE A 14 1.07 6.57 -1.39
N ILE A 15 0.40 5.73 -2.16
CA ILE A 15 0.92 5.29 -3.44
C ILE A 15 0.97 6.45 -4.44
N VAL A 16 -0.05 7.31 -4.40
CA VAL A 16 -0.11 8.46 -5.29
C VAL A 16 0.89 9.53 -4.88
N GLU A 17 1.28 9.52 -3.61
CA GLU A 17 2.24 10.49 -3.08
C GLU A 17 3.67 10.01 -3.30
N GLN A 18 3.84 8.69 -3.37
CA GLN A 18 5.16 8.11 -3.57
C GLN A 18 5.47 7.95 -5.05
N LEU A 19 4.73 7.09 -5.72
CA LEU A 19 4.93 6.85 -7.15
C LEU A 19 4.79 8.14 -7.94
N GLY A 20 3.72 8.90 -7.67
CA GLY A 20 3.50 10.15 -8.36
C GLY A 20 2.35 10.07 -9.35
N VAL A 21 1.93 8.85 -9.67
CA VAL A 21 0.84 8.65 -10.60
C VAL A 21 -0.44 9.34 -10.12
N ASP A 22 -1.53 9.14 -10.85
CA ASP A 22 -2.81 9.75 -10.50
C ASP A 22 -3.66 8.76 -9.71
N GLU A 23 -4.43 9.28 -8.74
CA GLU A 23 -5.29 8.45 -7.92
C GLU A 23 -6.37 7.77 -8.77
N ALA A 24 -6.57 8.29 -9.98
CA ALA A 24 -7.57 7.74 -10.89
C ALA A 24 -7.03 6.53 -11.62
N GLU A 25 -5.71 6.39 -11.65
CA GLU A 25 -5.06 5.27 -12.32
C GLU A 25 -4.68 4.19 -11.32
N VAL A 26 -5.59 3.90 -10.39
CA VAL A 26 -5.34 2.88 -9.38
C VAL A 26 -6.52 1.91 -9.27
N LYS A 27 -6.23 0.69 -8.83
CA LYS A 27 -7.28 -0.33 -8.68
C LYS A 27 -6.87 -1.36 -7.63
N ASN A 28 -7.86 -2.08 -7.11
CA ASN A 28 -7.61 -3.10 -6.10
C ASN A 28 -7.13 -4.39 -6.74
N GLU A 29 -7.05 -4.40 -8.07
CA GLU A 29 -6.60 -5.57 -8.80
C GLU A 29 -5.28 -5.29 -9.52
N ALA A 30 -4.55 -4.30 -9.03
CA ALA A 30 -3.26 -3.93 -9.62
C ALA A 30 -2.11 -4.30 -8.70
N SER A 31 -0.92 -4.47 -9.28
CA SER A 31 0.26 -4.82 -8.51
C SER A 31 1.02 -3.57 -8.06
N PHE A 32 2.21 -3.78 -7.53
CA PHE A 32 3.04 -2.67 -7.06
C PHE A 32 4.16 -2.37 -8.06
N VAL A 33 4.65 -3.40 -8.73
CA VAL A 33 5.72 -3.24 -9.70
C VAL A 33 5.33 -3.87 -11.04
N ASP A 34 4.62 -4.99 -10.98
CA ASP A 34 4.20 -5.69 -12.19
C ASP A 34 3.22 -4.83 -12.99
N ASP A 35 2.50 -3.96 -12.31
CA ASP A 35 1.54 -3.07 -12.96
C ASP A 35 2.02 -1.63 -12.94
N LEU A 36 2.04 -1.04 -11.75
CA LEU A 36 2.49 0.34 -11.59
C LEU A 36 3.85 0.56 -12.25
N GLY A 37 4.66 -0.49 -12.28
CA GLY A 37 5.97 -0.39 -12.88
C GLY A 37 6.98 0.28 -11.97
N ALA A 38 6.67 0.34 -10.69
CA ALA A 38 7.55 0.97 -9.71
C ALA A 38 8.84 0.18 -9.55
N ASP A 39 9.63 0.54 -8.55
CA ASP A 39 10.90 -0.14 -8.29
C ASP A 39 11.01 -0.53 -6.82
N SER A 40 12.11 -1.20 -6.48
CA SER A 40 12.34 -1.64 -5.11
C SER A 40 12.19 -0.47 -4.14
N LEU A 41 12.58 0.72 -4.58
CA LEU A 41 12.49 1.91 -3.75
C LEU A 41 11.04 2.24 -3.43
N ASP A 42 10.18 2.15 -4.44
CA ASP A 42 8.76 2.43 -4.26
C ASP A 42 8.13 1.46 -3.28
N THR A 43 8.30 0.16 -3.54
CA THR A 43 7.74 -0.88 -2.69
C THR A 43 8.13 -0.65 -1.23
N VAL A 44 9.42 -0.55 -0.98
CA VAL A 44 9.93 -0.33 0.38
C VAL A 44 9.32 0.92 0.99
N GLU A 45 9.26 2.00 0.21
CA GLU A 45 8.70 3.26 0.68
C GLU A 45 7.27 3.07 1.17
N LEU A 46 6.51 2.25 0.46
CA LEU A 46 5.13 1.97 0.82
C LEU A 46 5.04 1.23 2.14
N VAL A 47 5.82 0.15 2.26
CA VAL A 47 5.83 -0.65 3.48
C VAL A 47 6.07 0.21 4.70
N MET A 48 7.16 0.97 4.69
CA MET A 48 7.49 1.85 5.81
C MET A 48 6.39 2.88 6.03
N ALA A 49 5.81 3.36 4.95
CA ALA A 49 4.75 4.35 5.03
C ALA A 49 3.55 3.81 5.80
N LEU A 50 3.31 2.51 5.68
CA LEU A 50 2.20 1.87 6.37
C LEU A 50 2.50 1.70 7.85
N GLU A 51 3.60 1.00 8.14
CA GLU A 51 4.01 0.76 9.52
C GLU A 51 4.24 2.08 10.26
N GLU A 52 4.45 3.15 9.50
CA GLU A 52 4.68 4.46 10.07
C GLU A 52 3.38 5.24 10.20
N GLU A 53 2.72 5.47 9.07
CA GLU A 53 1.45 6.20 9.06
C GLU A 53 0.38 5.45 9.83
N PHE A 54 0.09 4.23 9.39
CA PHE A 54 -0.93 3.41 10.04
C PHE A 54 -0.41 2.86 11.37
N ASP A 55 0.87 3.07 11.63
CA ASP A 55 1.49 2.59 12.86
C ASP A 55 1.37 1.08 12.98
N THR A 56 1.45 0.39 11.84
CA THR A 56 1.36 -1.06 11.82
C THR A 56 2.73 -1.71 11.91
N GLU A 57 2.75 -3.04 11.98
CA GLU A 57 4.00 -3.78 12.06
C GLU A 57 4.24 -4.59 10.80
N ILE A 58 4.82 -3.96 9.79
CA ILE A 58 5.11 -4.62 8.52
C ILE A 58 6.61 -4.80 8.32
N PRO A 59 7.15 -5.87 8.93
CA PRO A 59 8.59 -6.18 8.84
C PRO A 59 8.99 -6.65 7.44
N ASP A 60 10.21 -7.14 7.32
CA ASP A 60 10.72 -7.62 6.04
C ASP A 60 9.95 -8.86 5.58
N GLU A 61 9.59 -9.71 6.53
CA GLU A 61 8.84 -10.93 6.23
C GLU A 61 7.49 -10.60 5.61
N GLU A 62 6.74 -9.73 6.27
CA GLU A 62 5.42 -9.33 5.77
C GLU A 62 5.55 -8.40 4.57
N ALA A 63 6.65 -7.65 4.54
CA ALA A 63 6.89 -6.71 3.44
C ALA A 63 6.99 -7.44 2.10
N GLU A 64 7.71 -8.55 2.09
CA GLU A 64 7.88 -9.34 0.88
C GLU A 64 6.52 -9.78 0.32
N LYS A 65 5.52 -9.81 1.19
CA LYS A 65 4.18 -10.21 0.80
C LYS A 65 3.41 -9.03 0.20
N ILE A 66 3.41 -7.91 0.91
CA ILE A 66 2.72 -6.72 0.45
C ILE A 66 3.33 -6.18 -0.83
N THR A 67 2.78 -6.61 -1.97
CA THR A 67 3.27 -6.18 -3.26
C THR A 67 2.12 -5.90 -4.23
N THR A 68 0.92 -5.75 -3.67
CA THR A 68 -0.27 -5.48 -4.47
C THR A 68 -1.30 -4.69 -3.68
N VAL A 69 -2.12 -3.93 -4.39
CA VAL A 69 -3.15 -3.11 -3.75
C VAL A 69 -4.03 -3.96 -2.84
N GLN A 70 -4.51 -5.08 -3.37
CA GLN A 70 -5.36 -5.98 -2.60
C GLN A 70 -4.62 -6.52 -1.38
N ALA A 71 -3.39 -6.95 -1.58
CA ALA A 71 -2.58 -7.49 -0.49
C ALA A 71 -2.33 -6.42 0.58
N ALA A 72 -2.11 -5.18 0.13
CA ALA A 72 -1.86 -4.08 1.05
C ALA A 72 -3.13 -3.69 1.80
N ILE A 73 -4.17 -3.33 1.05
CA ILE A 73 -5.44 -2.92 1.63
C ILE A 73 -5.95 -3.99 2.60
N ASP A 74 -5.63 -5.25 2.31
CA ASP A 74 -6.06 -6.36 3.15
C ASP A 74 -5.28 -6.38 4.46
N TYR A 75 -3.95 -6.39 4.35
CA TYR A 75 -3.10 -6.42 5.52
C TYR A 75 -3.49 -5.32 6.51
N VAL A 76 -3.53 -4.09 6.03
CA VAL A 76 -3.89 -2.95 6.86
C VAL A 76 -5.30 -3.10 7.43
N ASN A 77 -6.26 -3.35 6.55
CA ASN A 77 -7.65 -3.53 6.96
C ASN A 77 -7.77 -4.62 8.02
N SER A 78 -6.84 -5.56 7.99
CA SER A 78 -6.84 -6.67 8.94
C SER A 78 -6.06 -6.31 10.20
N HIS A 79 -5.10 -5.39 10.06
CA HIS A 79 -4.30 -4.96 11.19
C HIS A 79 -4.84 -3.67 11.79
N GLN A 80 -6.10 -3.70 12.19
CA GLN A 80 -6.75 -2.53 12.79
C GLN A 80 -6.34 -2.36 14.24
N GLY A 1 -10.06 -0.15 15.04
CA GLY A 1 -8.91 -0.34 14.16
C GLY A 1 -9.01 0.45 12.88
N ILE A 2 -9.53 1.68 12.98
CA ILE A 2 -9.68 2.53 11.81
C ILE A 2 -10.69 1.96 10.83
N PRO A 3 -11.62 2.81 10.37
CA PRO A 3 -12.66 2.41 9.41
C PRO A 3 -12.10 2.10 8.03
N LEU A 4 -12.64 1.08 7.38
CA LEU A 4 -12.19 0.69 6.05
C LEU A 4 -12.29 1.86 5.08
N SER A 5 -13.18 2.80 5.37
CA SER A 5 -13.36 3.97 4.53
C SER A 5 -12.12 4.86 4.54
N ASN A 6 -11.58 5.08 5.73
CA ASN A 6 -10.38 5.92 5.88
C ASN A 6 -9.16 5.21 5.31
N ILE A 7 -8.99 3.94 5.66
CA ILE A 7 -7.86 3.16 5.17
C ILE A 7 -7.74 3.24 3.66
N GLU A 8 -8.84 2.92 2.97
CA GLU A 8 -8.86 2.95 1.52
C GLU A 8 -8.36 4.29 1.00
N GLU A 9 -9.05 5.37 1.39
CA GLU A 9 -8.68 6.70 0.96
C GLU A 9 -7.22 7.00 1.27
N ARG A 10 -6.79 6.67 2.48
CA ARG A 10 -5.41 6.89 2.89
C ARG A 10 -4.44 6.16 1.98
N VAL A 11 -4.67 4.86 1.78
CA VAL A 11 -3.83 4.05 0.92
C VAL A 11 -3.59 4.73 -0.42
N LYS A 12 -4.66 5.05 -1.11
CA LYS A 12 -4.57 5.71 -2.42
C LYS A 12 -3.70 6.96 -2.33
N LYS A 13 -3.98 7.80 -1.34
CA LYS A 13 -3.21 9.03 -1.14
C LYS A 13 -1.71 8.75 -1.12
N ILE A 14 -1.31 7.83 -0.24
CA ILE A 14 0.09 7.46 -0.11
C ILE A 14 0.69 7.11 -1.47
N ILE A 15 0.13 6.08 -2.11
CA ILE A 15 0.61 5.65 -3.41
C ILE A 15 0.68 6.82 -4.39
N VAL A 16 -0.19 7.81 -4.19
CA VAL A 16 -0.22 8.98 -5.05
C VAL A 16 0.90 9.96 -4.69
N GLU A 17 1.22 10.02 -3.40
CA GLU A 17 2.28 10.91 -2.92
C GLU A 17 3.66 10.33 -3.17
N GLN A 18 3.72 8.99 -3.18
CA GLN A 18 4.99 8.30 -3.41
C GLN A 18 5.32 8.24 -4.89
N LEU A 19 4.36 7.77 -5.68
CA LEU A 19 4.55 7.65 -7.13
C LEU A 19 4.31 9.00 -7.81
N GLY A 20 3.16 9.61 -7.52
CA GLY A 20 2.82 10.88 -8.12
C GLY A 20 1.67 10.79 -9.10
N VAL A 21 1.38 9.57 -9.54
CA VAL A 21 0.30 9.34 -10.50
C VAL A 21 -1.06 9.57 -9.84
N ASP A 22 -2.12 9.29 -10.59
CA ASP A 22 -3.48 9.46 -10.09
C ASP A 22 -4.01 8.15 -9.49
N GLU A 23 -4.67 8.26 -8.34
CA GLU A 23 -5.22 7.09 -7.67
C GLU A 23 -6.13 6.30 -8.61
N ALA A 24 -6.84 7.01 -9.47
CA ALA A 24 -7.75 6.37 -10.43
C ALA A 24 -7.03 5.30 -11.23
N GLU A 25 -5.97 5.70 -11.93
CA GLU A 25 -5.20 4.77 -12.74
C GLU A 25 -4.75 3.57 -11.92
N VAL A 26 -4.36 3.83 -10.67
CA VAL A 26 -3.91 2.77 -9.78
C VAL A 26 -5.06 1.82 -9.43
N LYS A 27 -4.95 0.58 -9.88
CA LYS A 27 -5.97 -0.43 -9.61
C LYS A 27 -5.65 -1.21 -8.35
N ASN A 28 -6.68 -1.69 -7.68
CA ASN A 28 -6.51 -2.47 -6.45
C ASN A 28 -5.86 -3.81 -6.73
N GLU A 29 -6.12 -4.35 -7.91
CA GLU A 29 -5.55 -5.63 -8.31
C GLU A 29 -4.29 -5.44 -9.16
N ALA A 30 -3.60 -4.32 -8.92
CA ALA A 30 -2.38 -4.01 -9.66
C ALA A 30 -1.18 -4.00 -8.74
N SER A 31 -0.06 -4.55 -9.21
CA SER A 31 1.16 -4.60 -8.43
C SER A 31 1.94 -3.29 -8.53
N PHE A 32 2.86 -3.07 -7.60
CA PHE A 32 3.66 -1.86 -7.59
C PHE A 32 4.75 -1.92 -8.66
N VAL A 33 5.01 -3.12 -9.16
CA VAL A 33 6.03 -3.30 -10.20
C VAL A 33 5.44 -3.99 -11.43
N ASP A 34 4.68 -5.06 -11.20
CA ASP A 34 4.05 -5.80 -12.28
C ASP A 34 3.17 -4.89 -13.11
N ASP A 35 2.07 -4.42 -12.52
CA ASP A 35 1.13 -3.55 -13.21
C ASP A 35 1.69 -2.13 -13.30
N LEU A 36 1.89 -1.50 -12.15
CA LEU A 36 2.41 -0.14 -12.11
C LEU A 36 3.69 -0.02 -12.92
N GLY A 37 4.78 -0.55 -12.39
CA GLY A 37 6.05 -0.50 -13.09
C GLY A 37 7.12 0.25 -12.30
N ALA A 38 7.04 0.16 -10.98
CA ALA A 38 8.00 0.83 -10.11
C ALA A 38 9.10 -0.14 -9.67
N ASP A 39 10.11 0.40 -9.00
CA ASP A 39 11.22 -0.41 -8.51
C ASP A 39 11.00 -0.84 -7.07
N SER A 40 11.92 -1.63 -6.54
CA SER A 40 11.82 -2.12 -5.16
C SER A 40 11.58 -0.97 -4.19
N LEU A 41 12.25 0.15 -4.43
CA LEU A 41 12.12 1.33 -3.58
C LEU A 41 10.65 1.70 -3.40
N ASP A 42 9.85 1.44 -4.42
CA ASP A 42 8.42 1.75 -4.37
C ASP A 42 7.72 0.87 -3.34
N THR A 43 7.86 -0.44 -3.50
CA THR A 43 7.24 -1.40 -2.59
C THR A 43 7.58 -1.08 -1.14
N VAL A 44 8.86 -1.01 -0.84
CA VAL A 44 9.32 -0.71 0.51
C VAL A 44 8.75 0.61 1.00
N GLU A 45 8.67 1.59 0.10
CA GLU A 45 8.14 2.91 0.45
C GLU A 45 6.71 2.79 0.99
N LEU A 46 5.87 2.06 0.27
CA LEU A 46 4.49 1.87 0.67
C LEU A 46 4.41 1.20 2.04
N VAL A 47 5.16 0.11 2.20
CA VAL A 47 5.17 -0.63 3.45
C VAL A 47 5.41 0.31 4.64
N MET A 48 6.43 1.15 4.53
CA MET A 48 6.76 2.09 5.59
C MET A 48 5.59 3.03 5.86
N ALA A 49 5.03 3.60 4.81
CA ALA A 49 3.91 4.52 4.93
C ALA A 49 2.75 3.86 5.69
N LEU A 50 2.62 2.55 5.54
CA LEU A 50 1.56 1.81 6.22
C LEU A 50 1.85 1.69 7.71
N GLU A 51 3.08 1.33 8.05
CA GLU A 51 3.47 1.18 9.44
C GLU A 51 3.74 2.55 10.08
N GLU A 52 3.69 3.59 9.26
CA GLU A 52 3.91 4.94 9.75
C GLU A 52 2.62 5.73 9.82
N GLU A 53 1.64 5.33 9.00
CA GLU A 53 0.35 6.01 8.97
C GLU A 53 -0.73 5.13 9.61
N PHE A 54 -0.80 3.88 9.18
CA PHE A 54 -1.79 2.94 9.71
C PHE A 54 -1.28 2.27 10.97
N ASP A 55 -0.05 2.59 11.36
CA ASP A 55 0.57 2.02 12.55
C ASP A 55 0.49 0.50 12.52
N THR A 56 0.50 -0.06 11.32
CA THR A 56 0.43 -1.51 11.15
C THR A 56 1.81 -2.12 11.03
N GLU A 57 2.13 -3.05 11.92
CA GLU A 57 3.43 -3.71 11.92
C GLU A 57 3.62 -4.53 10.65
N ILE A 58 4.63 -4.18 9.86
CA ILE A 58 4.91 -4.88 8.61
C ILE A 58 6.41 -5.10 8.43
N PRO A 59 6.94 -6.14 9.07
CA PRO A 59 8.36 -6.48 9.00
C PRO A 59 8.77 -7.00 7.62
N ASP A 60 9.97 -7.53 7.53
CA ASP A 60 10.48 -8.06 6.26
C ASP A 60 9.70 -9.30 5.84
N GLU A 61 9.30 -10.10 6.82
CA GLU A 61 8.54 -11.32 6.56
C GLU A 61 7.17 -10.99 5.97
N GLU A 62 6.50 -10.00 6.55
CA GLU A 62 5.19 -9.59 6.07
C GLU A 62 5.30 -8.68 4.86
N ALA A 63 6.46 -8.03 4.71
CA ALA A 63 6.70 -7.13 3.59
C ALA A 63 6.81 -7.90 2.28
N GLU A 64 7.58 -8.99 2.29
CA GLU A 64 7.78 -9.81 1.11
C GLU A 64 6.43 -10.21 0.50
N LYS A 65 5.42 -10.33 1.36
CA LYS A 65 4.08 -10.72 0.91
C LYS A 65 3.40 -9.56 0.19
N ILE A 66 3.44 -8.38 0.79
CA ILE A 66 2.83 -7.20 0.19
C ILE A 66 3.50 -6.85 -1.13
N THR A 67 2.75 -6.98 -2.22
CA THR A 67 3.27 -6.68 -3.55
C THR A 67 2.31 -5.77 -4.31
N THR A 68 1.02 -6.01 -4.15
CA THR A 68 0.00 -5.20 -4.83
C THR A 68 -0.86 -4.46 -3.83
N VAL A 69 -1.70 -3.55 -4.33
CA VAL A 69 -2.59 -2.77 -3.48
C VAL A 69 -3.49 -3.68 -2.64
N GLN A 70 -4.14 -4.63 -3.31
CA GLN A 70 -5.04 -5.56 -2.63
C GLN A 70 -4.34 -6.20 -1.43
N ALA A 71 -3.08 -6.59 -1.61
CA ALA A 71 -2.31 -7.21 -0.54
C ALA A 71 -2.12 -6.26 0.63
N ALA A 72 -1.80 -5.01 0.32
CA ALA A 72 -1.59 -3.99 1.35
C ALA A 72 -2.90 -3.65 2.05
N ILE A 73 -3.88 -3.20 1.28
CA ILE A 73 -5.19 -2.85 1.83
C ILE A 73 -5.76 -3.98 2.68
N ASP A 74 -5.46 -5.21 2.28
CA ASP A 74 -5.93 -6.38 3.02
C ASP A 74 -5.23 -6.52 4.36
N TYR A 75 -3.90 -6.38 4.33
CA TYR A 75 -3.10 -6.49 5.55
C TYR A 75 -3.59 -5.51 6.62
N VAL A 76 -3.64 -4.23 6.25
CA VAL A 76 -4.08 -3.20 7.17
C VAL A 76 -5.54 -3.42 7.59
N ASN A 77 -6.36 -3.85 6.64
CA ASN A 77 -7.77 -4.10 6.90
C ASN A 77 -7.94 -5.27 7.87
N SER A 78 -6.94 -6.15 7.91
CA SER A 78 -6.99 -7.31 8.79
C SER A 78 -6.30 -7.01 10.12
N HIS A 79 -5.33 -6.11 10.08
CA HIS A 79 -4.59 -5.73 11.28
C HIS A 79 -5.28 -4.57 12.00
N GLN A 80 -6.52 -4.79 12.40
CA GLN A 80 -7.28 -3.76 13.10
C GLN A 80 -7.18 -3.96 14.62
N GLY A 1 -11.00 1.60 16.40
CA GLY A 1 -12.14 1.32 15.53
C GLY A 1 -12.17 2.21 14.31
N ILE A 2 -11.15 2.09 13.47
CA ILE A 2 -11.07 2.89 12.26
C ILE A 2 -11.87 2.27 11.12
N PRO A 3 -12.68 3.10 10.43
CA PRO A 3 -13.50 2.64 9.31
C PRO A 3 -12.67 2.28 8.09
N LEU A 4 -13.10 1.24 7.38
CA LEU A 4 -12.40 0.78 6.19
C LEU A 4 -12.24 1.92 5.19
N SER A 5 -13.14 2.90 5.25
CA SER A 5 -13.08 4.05 4.35
C SER A 5 -11.81 4.85 4.55
N ASN A 6 -11.42 5.00 5.82
CA ASN A 6 -10.21 5.75 6.16
C ASN A 6 -8.98 5.12 5.51
N ILE A 7 -8.74 3.85 5.81
CA ILE A 7 -7.60 3.14 5.25
C ILE A 7 -7.56 3.25 3.74
N GLU A 8 -8.73 3.20 3.12
CA GLU A 8 -8.83 3.31 1.67
C GLU A 8 -8.27 4.64 1.17
N GLU A 9 -8.98 5.72 1.45
CA GLU A 9 -8.55 7.05 1.03
C GLU A 9 -7.10 7.30 1.44
N ARG A 10 -6.69 6.70 2.56
CA ARG A 10 -5.33 6.86 3.06
C ARG A 10 -4.33 6.18 2.13
N VAL A 11 -4.48 4.87 1.97
CA VAL A 11 -3.58 4.11 1.11
C VAL A 11 -3.41 4.78 -0.25
N LYS A 12 -4.49 5.39 -0.75
CA LYS A 12 -4.46 6.07 -2.03
C LYS A 12 -3.58 7.31 -1.97
N LYS A 13 -3.87 8.20 -1.01
CA LYS A 13 -3.11 9.43 -0.84
C LYS A 13 -1.61 9.12 -0.76
N ILE A 14 -1.27 7.97 -0.19
CA ILE A 14 0.13 7.56 -0.07
C ILE A 14 0.68 7.08 -1.40
N ILE A 15 0.07 6.04 -1.95
CA ILE A 15 0.51 5.49 -3.22
C ILE A 15 0.54 6.56 -4.31
N VAL A 16 -0.26 7.59 -4.13
CA VAL A 16 -0.33 8.70 -5.09
C VAL A 16 0.75 9.73 -4.82
N GLU A 17 0.97 10.02 -3.54
CA GLU A 17 1.98 11.00 -3.14
C GLU A 17 3.39 10.43 -3.33
N GLN A 18 3.48 9.11 -3.44
CA GLN A 18 4.77 8.45 -3.62
C GLN A 18 5.02 8.15 -5.09
N LEU A 19 4.06 7.51 -5.73
CA LEU A 19 4.18 7.16 -7.15
C LEU A 19 3.90 8.38 -8.03
N GLY A 20 2.78 9.05 -7.77
CA GLY A 20 2.42 10.22 -8.54
C GLY A 20 1.23 9.97 -9.45
N VAL A 21 0.98 8.70 -9.78
CA VAL A 21 -0.13 8.34 -10.63
C VAL A 21 -1.47 8.66 -9.97
N ASP A 22 -2.56 8.35 -10.66
CA ASP A 22 -3.90 8.61 -10.15
C ASP A 22 -4.41 7.42 -9.34
N GLU A 23 -4.94 7.70 -8.14
CA GLU A 23 -5.47 6.65 -7.28
C GLU A 23 -6.46 5.77 -8.04
N ALA A 24 -7.16 6.37 -8.99
CA ALA A 24 -8.14 5.64 -9.79
C ALA A 24 -7.47 4.62 -10.70
N GLU A 25 -6.58 5.10 -11.56
CA GLU A 25 -5.86 4.22 -12.49
C GLU A 25 -5.17 3.09 -11.74
N VAL A 26 -4.81 3.35 -10.49
CA VAL A 26 -4.14 2.35 -9.66
C VAL A 26 -5.06 1.19 -9.35
N LYS A 27 -5.04 0.18 -10.21
CA LYS A 27 -5.88 -1.00 -10.04
C LYS A 27 -5.56 -1.71 -8.71
N ASN A 28 -6.59 -2.02 -7.95
CA ASN A 28 -6.42 -2.69 -6.66
C ASN A 28 -5.78 -4.06 -6.85
N GLU A 29 -6.23 -4.79 -7.87
CA GLU A 29 -5.71 -6.12 -8.15
C GLU A 29 -4.27 -6.03 -8.67
N ALA A 30 -3.92 -4.88 -9.24
CA ALA A 30 -2.58 -4.67 -9.78
C ALA A 30 -1.56 -4.52 -8.67
N SER A 31 -0.28 -4.60 -9.03
CA SER A 31 0.79 -4.48 -8.05
C SER A 31 1.51 -3.14 -8.19
N PHE A 32 2.57 -2.96 -7.41
CA PHE A 32 3.34 -1.73 -7.44
C PHE A 32 4.32 -1.72 -8.61
N VAL A 33 4.83 -2.91 -8.96
CA VAL A 33 5.77 -3.04 -10.07
C VAL A 33 5.28 -4.09 -11.07
N ASP A 34 4.73 -5.18 -10.55
CA ASP A 34 4.22 -6.25 -11.40
C ASP A 34 3.27 -5.71 -12.46
N ASP A 35 2.59 -4.62 -12.13
CA ASP A 35 1.64 -4.00 -13.05
C ASP A 35 2.08 -2.57 -13.40
N LEU A 36 2.06 -1.70 -12.40
CA LEU A 36 2.45 -0.30 -12.61
C LEU A 36 3.81 -0.22 -13.28
N GLY A 37 4.71 -1.12 -12.90
CA GLY A 37 6.04 -1.13 -13.48
C GLY A 37 7.02 -0.28 -12.70
N ALA A 38 6.64 0.07 -11.47
CA ALA A 38 7.49 0.90 -10.62
C ALA A 38 8.80 0.19 -10.30
N ASP A 39 9.55 0.74 -9.35
CA ASP A 39 10.82 0.16 -8.94
C ASP A 39 10.74 -0.43 -7.54
N SER A 40 11.86 -0.92 -7.04
CA SER A 40 11.91 -1.51 -5.70
C SER A 40 11.64 -0.46 -4.63
N LEU A 41 12.28 0.70 -4.77
CA LEU A 41 12.12 1.78 -3.82
C LEU A 41 10.63 2.09 -3.61
N ASP A 42 9.86 2.06 -4.69
CA ASP A 42 8.44 2.33 -4.61
C ASP A 42 7.75 1.42 -3.61
N THR A 43 7.84 0.12 -3.86
CA THR A 43 7.22 -0.87 -2.97
C THR A 43 7.63 -0.64 -1.53
N VAL A 44 8.95 -0.58 -1.29
CA VAL A 44 9.47 -0.36 0.06
C VAL A 44 8.88 0.89 0.68
N GLU A 45 8.84 1.97 -0.10
CA GLU A 45 8.29 3.24 0.38
C GLU A 45 6.89 3.05 0.94
N LEU A 46 6.05 2.34 0.19
CA LEU A 46 4.67 2.08 0.60
C LEU A 46 4.63 1.33 1.92
N VAL A 47 5.41 0.24 2.01
CA VAL A 47 5.46 -0.56 3.22
C VAL A 47 5.69 0.30 4.44
N MET A 48 6.70 1.17 4.38
CA MET A 48 7.03 2.05 5.49
C MET A 48 5.85 2.96 5.82
N ALA A 49 5.25 3.54 4.79
CA ALA A 49 4.10 4.43 4.97
C ALA A 49 2.99 3.74 5.75
N LEU A 50 2.86 2.43 5.56
CA LEU A 50 1.84 1.66 6.23
C LEU A 50 2.17 1.49 7.72
N GLU A 51 3.39 1.05 7.99
CA GLU A 51 3.84 0.85 9.37
C GLU A 51 4.09 2.19 10.05
N GLU A 52 4.01 3.27 9.29
CA GLU A 52 4.23 4.61 9.83
C GLU A 52 2.90 5.32 10.06
N GLU A 53 1.99 5.20 9.10
CA GLU A 53 0.68 5.84 9.20
C GLU A 53 -0.31 4.92 9.89
N PHE A 54 -0.40 3.68 9.41
CA PHE A 54 -1.32 2.70 9.98
C PHE A 54 -0.68 1.99 11.16
N ASP A 55 0.60 2.25 11.39
CA ASP A 55 1.33 1.64 12.49
C ASP A 55 1.15 0.12 12.48
N THR A 56 1.13 -0.46 11.29
CA THR A 56 0.96 -1.90 11.14
C THR A 56 2.30 -2.62 11.21
N GLU A 57 2.31 -3.77 11.86
CA GLU A 57 3.53 -4.56 12.00
C GLU A 57 3.89 -5.26 10.69
N ILE A 58 4.60 -4.54 9.82
CA ILE A 58 5.01 -5.09 8.54
C ILE A 58 6.51 -5.33 8.50
N PRO A 59 6.96 -6.46 9.08
CA PRO A 59 8.36 -6.83 9.12
C PRO A 59 8.90 -7.23 7.75
N ASP A 60 10.09 -7.83 7.73
CA ASP A 60 10.70 -8.26 6.48
C ASP A 60 9.87 -9.32 5.80
N GLU A 61 9.55 -10.38 6.54
CA GLU A 61 8.74 -11.48 6.00
C GLU A 61 7.46 -10.95 5.36
N GLU A 62 6.76 -10.08 6.09
CA GLU A 62 5.52 -9.51 5.59
C GLU A 62 5.79 -8.48 4.49
N ALA A 63 6.99 -7.92 4.50
CA ALA A 63 7.37 -6.92 3.52
C ALA A 63 7.65 -7.58 2.16
N GLU A 64 8.00 -8.86 2.20
CA GLU A 64 8.30 -9.60 0.97
C GLU A 64 7.01 -10.08 0.31
N LYS A 65 6.00 -10.34 1.13
CA LYS A 65 4.71 -10.82 0.62
C LYS A 65 3.82 -9.66 0.23
N ILE A 66 3.94 -8.55 0.95
CA ILE A 66 3.15 -7.36 0.67
C ILE A 66 3.85 -6.45 -0.33
N THR A 67 3.79 -6.81 -1.60
CA THR A 67 4.42 -6.03 -2.65
C THR A 67 3.41 -5.65 -3.73
N THR A 68 2.13 -5.83 -3.42
CA THR A 68 1.07 -5.50 -4.37
C THR A 68 -0.04 -4.70 -3.70
N VAL A 69 -0.75 -3.90 -4.49
CA VAL A 69 -1.83 -3.08 -3.97
C VAL A 69 -2.82 -3.91 -3.16
N GLN A 70 -3.42 -4.90 -3.82
CA GLN A 70 -4.38 -5.78 -3.16
C GLN A 70 -3.80 -6.37 -1.88
N ALA A 71 -2.54 -6.79 -1.95
CA ALA A 71 -1.87 -7.37 -0.80
C ALA A 71 -1.75 -6.36 0.34
N ALA A 72 -1.36 -5.13 0.00
CA ALA A 72 -1.21 -4.08 1.00
C ALA A 72 -2.56 -3.68 1.57
N ILE A 73 -3.47 -3.26 0.70
CA ILE A 73 -4.80 -2.85 1.13
C ILE A 73 -5.47 -3.93 1.97
N ASP A 74 -5.17 -5.19 1.64
CA ASP A 74 -5.74 -6.32 2.36
C ASP A 74 -5.17 -6.42 3.77
N TYR A 75 -3.85 -6.38 3.87
CA TYR A 75 -3.18 -6.46 5.16
C TYR A 75 -3.71 -5.39 6.12
N VAL A 76 -3.54 -4.13 5.74
CA VAL A 76 -4.01 -3.02 6.57
C VAL A 76 -5.48 -3.17 6.91
N ASN A 77 -6.31 -3.40 5.89
CA ASN A 77 -7.74 -3.56 6.09
C ASN A 77 -8.03 -4.61 7.15
N SER A 78 -7.20 -5.65 7.18
CA SER A 78 -7.36 -6.73 8.14
C SER A 78 -6.80 -6.34 9.50
N HIS A 79 -5.78 -5.47 9.49
CA HIS A 79 -5.15 -5.02 10.72
C HIS A 79 -5.66 -3.63 11.10
N GLN A 80 -6.97 -3.48 11.16
CA GLN A 80 -7.58 -2.21 11.52
C GLN A 80 -8.18 -2.26 12.92
N GLY A 1 -13.25 -1.10 14.32
CA GLY A 1 -13.79 0.23 14.54
C GLY A 1 -13.59 1.13 13.34
N ILE A 2 -12.66 0.77 12.47
CA ILE A 2 -12.38 1.56 11.28
C ILE A 2 -13.13 1.02 10.07
N PRO A 3 -13.78 1.92 9.32
CA PRO A 3 -14.56 1.57 8.13
C PRO A 3 -13.66 1.11 6.98
N LEU A 4 -14.28 0.68 5.89
CA LEU A 4 -13.55 0.21 4.72
C LEU A 4 -13.43 1.32 3.67
N SER A 5 -13.33 2.56 4.13
CA SER A 5 -13.21 3.70 3.23
C SER A 5 -12.04 4.60 3.65
N ASN A 6 -11.88 4.79 4.96
CA ASN A 6 -10.82 5.62 5.48
C ASN A 6 -9.45 5.14 4.98
N ILE A 7 -9.13 3.88 5.28
CA ILE A 7 -7.87 3.30 4.86
C ILE A 7 -7.67 3.45 3.36
N GLU A 8 -8.73 3.21 2.60
CA GLU A 8 -8.68 3.30 1.14
C GLU A 8 -8.07 4.64 0.72
N GLU A 9 -8.64 5.73 1.21
CA GLU A 9 -8.16 7.06 0.88
C GLU A 9 -6.74 7.27 1.40
N ARG A 10 -6.42 6.64 2.52
CA ARG A 10 -5.09 6.76 3.12
C ARG A 10 -4.04 6.12 2.22
N VAL A 11 -4.12 4.80 2.08
CA VAL A 11 -3.17 4.06 1.24
C VAL A 11 -3.02 4.71 -0.13
N LYS A 12 -4.15 5.10 -0.71
CA LYS A 12 -4.14 5.74 -2.03
C LYS A 12 -3.38 7.05 -1.99
N LYS A 13 -3.69 7.89 -1.01
CA LYS A 13 -3.01 9.18 -0.86
C LYS A 13 -1.50 9.02 -0.88
N ILE A 14 -1.00 8.06 -0.10
CA ILE A 14 0.43 7.80 -0.04
C ILE A 14 0.97 7.37 -1.40
N ILE A 15 0.42 6.28 -1.92
CA ILE A 15 0.85 5.76 -3.23
C ILE A 15 0.84 6.86 -4.29
N VAL A 16 -0.07 7.82 -4.13
CA VAL A 16 -0.18 8.93 -5.07
C VAL A 16 0.87 10.00 -4.79
N GLU A 17 1.21 10.16 -3.51
CA GLU A 17 2.20 11.15 -3.10
C GLU A 17 3.62 10.63 -3.34
N GLN A 18 3.74 9.31 -3.47
CA GLN A 18 5.04 8.69 -3.69
C GLN A 18 5.31 8.50 -5.19
N LEU A 19 4.43 7.77 -5.85
CA LEU A 19 4.57 7.52 -7.28
C LEU A 19 4.16 8.75 -8.10
N GLY A 20 3.00 9.30 -7.77
CA GLY A 20 2.52 10.48 -8.48
C GLY A 20 1.33 10.17 -9.38
N VAL A 21 1.17 8.90 -9.73
CA VAL A 21 0.07 8.48 -10.58
C VAL A 21 -1.27 8.91 -10.00
N ASP A 22 -2.34 8.71 -10.78
CA ASP A 22 -3.68 9.09 -10.35
C ASP A 22 -4.29 8.00 -9.48
N GLU A 23 -4.82 8.40 -8.32
CA GLU A 23 -5.43 7.46 -7.39
C GLU A 23 -6.47 6.60 -8.09
N ALA A 24 -7.10 7.16 -9.12
CA ALA A 24 -8.12 6.45 -9.88
C ALA A 24 -7.51 5.28 -10.66
N GLU A 25 -6.55 5.59 -11.53
CA GLU A 25 -5.88 4.56 -12.32
C GLU A 25 -5.31 3.47 -11.43
N VAL A 26 -4.98 3.84 -10.19
CA VAL A 26 -4.42 2.89 -9.24
C VAL A 26 -5.46 1.86 -8.81
N LYS A 27 -5.56 0.78 -9.57
CA LYS A 27 -6.52 -0.28 -9.26
C LYS A 27 -6.11 -1.04 -8.01
N ASN A 28 -7.10 -1.48 -7.24
CA ASN A 28 -6.84 -2.22 -6.00
C ASN A 28 -6.21 -3.58 -6.31
N GLU A 29 -6.66 -4.22 -7.38
CA GLU A 29 -6.13 -5.51 -7.79
C GLU A 29 -4.96 -5.35 -8.75
N ALA A 30 -3.98 -4.55 -8.34
CA ALA A 30 -2.80 -4.31 -9.17
C ALA A 30 -1.54 -4.21 -8.32
N SER A 31 -0.45 -4.80 -8.80
CA SER A 31 0.82 -4.77 -8.08
C SER A 31 1.54 -3.45 -8.29
N PHE A 32 2.51 -3.16 -7.43
CA PHE A 32 3.27 -1.92 -7.52
C PHE A 32 4.24 -1.96 -8.71
N VAL A 33 4.59 -3.18 -9.13
CA VAL A 33 5.50 -3.37 -10.25
C VAL A 33 4.90 -4.30 -11.29
N ASP A 34 4.40 -5.44 -10.84
CA ASP A 34 3.80 -6.42 -11.74
C ASP A 34 2.72 -5.78 -12.60
N ASP A 35 2.09 -4.74 -12.07
CA ASP A 35 1.04 -4.03 -12.78
C ASP A 35 1.50 -2.63 -13.21
N LEU A 36 1.64 -1.74 -12.22
CA LEU A 36 2.08 -0.38 -12.49
C LEU A 36 3.39 -0.37 -13.27
N GLY A 37 4.44 -0.92 -12.66
CA GLY A 37 5.73 -0.97 -13.30
C GLY A 37 6.81 -0.26 -12.51
N ALA A 38 6.57 -0.11 -11.21
CA ALA A 38 7.53 0.55 -10.33
C ALA A 38 8.75 -0.31 -10.09
N ASP A 39 9.63 0.14 -9.21
CA ASP A 39 10.86 -0.60 -8.89
C ASP A 39 10.84 -1.06 -7.43
N SER A 40 11.85 -1.83 -7.06
CA SER A 40 11.95 -2.35 -5.70
C SER A 40 11.83 -1.22 -4.68
N LEU A 41 12.49 -0.10 -4.96
CA LEU A 41 12.44 1.06 -4.07
C LEU A 41 11.01 1.50 -3.82
N ASP A 42 10.16 1.32 -4.82
CA ASP A 42 8.76 1.71 -4.72
C ASP A 42 8.03 0.85 -3.69
N THR A 43 8.09 -0.46 -3.88
CA THR A 43 7.44 -1.40 -2.97
C THR A 43 7.86 -1.14 -1.52
N VAL A 44 9.16 -1.14 -1.28
CA VAL A 44 9.69 -0.90 0.05
C VAL A 44 9.22 0.44 0.61
N GLU A 45 9.15 1.43 -0.28
CA GLU A 45 8.71 2.77 0.13
C GLU A 45 7.31 2.73 0.73
N LEU A 46 6.39 2.05 0.04
CA LEU A 46 5.02 1.94 0.50
C LEU A 46 4.96 1.21 1.85
N VAL A 47 5.68 0.09 1.94
CA VAL A 47 5.72 -0.70 3.16
C VAL A 47 6.04 0.17 4.37
N MET A 48 7.08 0.98 4.25
CA MET A 48 7.50 1.86 5.33
C MET A 48 6.42 2.88 5.66
N ALA A 49 5.85 3.47 4.61
CA ALA A 49 4.80 4.47 4.78
C ALA A 49 3.62 3.89 5.55
N LEU A 50 3.41 2.58 5.42
CA LEU A 50 2.32 1.91 6.10
C LEU A 50 2.63 1.73 7.59
N GLU A 51 3.76 1.10 7.87
CA GLU A 51 4.18 0.85 9.26
C GLU A 51 4.40 2.18 9.99
N GLU A 52 4.53 3.26 9.22
CA GLU A 52 4.74 4.58 9.81
C GLU A 52 3.42 5.33 9.94
N GLU A 53 2.72 5.50 8.83
CA GLU A 53 1.45 6.20 8.82
C GLU A 53 0.39 5.41 9.59
N PHE A 54 0.18 4.16 9.19
CA PHE A 54 -0.80 3.30 9.85
C PHE A 54 -0.25 2.73 11.15
N ASP A 55 1.01 3.05 11.44
CA ASP A 55 1.67 2.57 12.65
C ASP A 55 1.53 1.05 12.77
N THR A 56 1.67 0.36 11.65
CA THR A 56 1.57 -1.09 11.62
C THR A 56 2.95 -1.74 11.69
N GLU A 57 2.97 -3.05 11.97
CA GLU A 57 4.22 -3.79 12.07
C GLU A 57 4.45 -4.62 10.81
N ILE A 58 5.03 -4.00 9.80
CA ILE A 58 5.31 -4.68 8.54
C ILE A 58 6.81 -4.85 8.33
N PRO A 59 7.39 -5.87 9.00
CA PRO A 59 8.82 -6.16 8.90
C PRO A 59 9.21 -6.72 7.53
N ASP A 60 10.44 -7.21 7.43
CA ASP A 60 10.93 -7.77 6.18
C ASP A 60 10.00 -8.88 5.68
N GLU A 61 9.60 -9.75 6.59
CA GLU A 61 8.71 -10.87 6.24
C GLU A 61 7.42 -10.35 5.62
N GLU A 62 6.64 -9.60 6.38
CA GLU A 62 5.38 -9.04 5.91
C GLU A 62 5.62 -8.10 4.72
N ALA A 63 6.86 -7.66 4.57
CA ALA A 63 7.22 -6.76 3.48
C ALA A 63 7.39 -7.52 2.17
N GLU A 64 7.82 -8.77 2.27
CA GLU A 64 8.04 -9.61 1.09
C GLU A 64 6.70 -10.10 0.54
N LYS A 65 5.73 -10.30 1.42
CA LYS A 65 4.41 -10.77 1.03
C LYS A 65 3.54 -9.60 0.55
N ILE A 66 3.76 -8.43 1.13
CA ILE A 66 3.00 -7.25 0.77
C ILE A 66 3.72 -6.45 -0.32
N THR A 67 3.54 -6.86 -1.57
CA THR A 67 4.17 -6.19 -2.70
C THR A 67 3.13 -5.78 -3.74
N THR A 68 1.88 -5.67 -3.31
CA THR A 68 0.79 -5.29 -4.20
C THR A 68 -0.27 -4.50 -3.46
N VAL A 69 -1.00 -3.65 -4.19
CA VAL A 69 -2.06 -2.84 -3.59
C VAL A 69 -3.02 -3.70 -2.79
N GLN A 70 -3.66 -4.64 -3.46
CA GLN A 70 -4.62 -5.53 -2.80
C GLN A 70 -4.01 -6.17 -1.55
N ALA A 71 -2.74 -6.55 -1.66
CA ALA A 71 -2.03 -7.17 -0.54
C ALA A 71 -1.89 -6.20 0.62
N ALA A 72 -1.45 -4.98 0.33
CA ALA A 72 -1.28 -3.96 1.35
C ALA A 72 -2.62 -3.58 1.98
N ILE A 73 -3.57 -3.17 1.16
CA ILE A 73 -4.88 -2.78 1.64
C ILE A 73 -5.52 -3.90 2.46
N ASP A 74 -5.22 -5.14 2.10
CA ASP A 74 -5.75 -6.30 2.80
C ASP A 74 -5.15 -6.40 4.20
N TYR A 75 -3.84 -6.25 4.29
CA TYR A 75 -3.14 -6.33 5.57
C TYR A 75 -3.65 -5.28 6.54
N VAL A 76 -3.51 -4.01 6.17
CA VAL A 76 -3.95 -2.91 7.02
C VAL A 76 -5.42 -3.08 7.40
N ASN A 77 -6.26 -3.34 6.41
CA ASN A 77 -7.69 -3.53 6.65
C ASN A 77 -7.93 -4.67 7.63
N SER A 78 -7.06 -5.68 7.57
CA SER A 78 -7.18 -6.85 8.45
C SER A 78 -6.67 -6.52 9.85
N HIS A 79 -5.68 -5.64 9.93
CA HIS A 79 -5.10 -5.25 11.20
C HIS A 79 -5.66 -3.91 11.66
N GLN A 80 -6.92 -3.64 11.33
CA GLN A 80 -7.56 -2.40 11.70
C GLN A 80 -8.01 -2.42 13.16
N GLY A 1 -14.99 0.38 15.36
CA GLY A 1 -13.91 0.38 14.38
C GLY A 1 -13.98 1.58 13.44
N ILE A 2 -13.70 1.34 12.16
CA ILE A 2 -13.74 2.41 11.16
C ILE A 2 -14.77 2.11 10.08
N PRO A 3 -15.21 3.17 9.39
CA PRO A 3 -16.19 3.04 8.31
C PRO A 3 -15.63 2.34 7.07
N LEU A 4 -14.40 1.85 7.20
CA LEU A 4 -13.74 1.15 6.10
C LEU A 4 -13.54 2.09 4.90
N SER A 5 -13.58 3.39 5.16
CA SER A 5 -13.41 4.38 4.12
C SER A 5 -12.12 5.19 4.34
N ASN A 6 -11.67 5.23 5.58
CA ASN A 6 -10.45 5.96 5.93
C ASN A 6 -9.22 5.30 5.33
N ILE A 7 -9.03 4.02 5.65
CA ILE A 7 -7.88 3.27 5.14
C ILE A 7 -7.80 3.38 3.62
N GLU A 8 -8.89 3.09 2.94
CA GLU A 8 -8.93 3.16 1.49
C GLU A 8 -8.40 4.50 1.00
N GLU A 9 -8.97 5.58 1.52
CA GLU A 9 -8.55 6.93 1.14
C GLU A 9 -7.07 7.14 1.42
N ARG A 10 -6.67 6.90 2.67
CA ARG A 10 -5.28 7.08 3.07
C ARG A 10 -4.34 6.33 2.12
N VAL A 11 -4.60 5.04 1.94
CA VAL A 11 -3.79 4.21 1.06
C VAL A 11 -3.58 4.88 -0.29
N LYS A 12 -4.68 5.17 -0.97
CA LYS A 12 -4.61 5.81 -2.28
C LYS A 12 -3.74 7.06 -2.23
N LYS A 13 -3.96 7.90 -1.22
CA LYS A 13 -3.19 9.13 -1.06
C LYS A 13 -1.69 8.84 -1.09
N ILE A 14 -1.24 7.94 -0.22
CA ILE A 14 0.16 7.58 -0.15
C ILE A 14 0.70 7.21 -1.53
N ILE A 15 0.06 6.24 -2.16
CA ILE A 15 0.47 5.78 -3.49
C ILE A 15 0.51 6.95 -4.47
N VAL A 16 -0.31 7.96 -4.22
CA VAL A 16 -0.37 9.13 -5.09
C VAL A 16 0.74 10.12 -4.74
N GLU A 17 1.21 10.06 -3.50
CA GLU A 17 2.26 10.95 -3.05
C GLU A 17 3.64 10.31 -3.25
N GLN A 18 3.65 9.00 -3.48
CA GLN A 18 4.90 8.28 -3.70
C GLN A 18 5.19 8.11 -5.18
N LEU A 19 4.22 7.57 -5.91
CA LEU A 19 4.36 7.36 -7.35
C LEU A 19 4.02 8.64 -8.12
N GLY A 20 3.02 9.36 -7.64
CA GLY A 20 2.62 10.60 -8.30
C GLY A 20 1.48 10.38 -9.28
N VAL A 21 1.28 9.13 -9.69
CA VAL A 21 0.22 8.79 -10.63
C VAL A 21 -1.14 9.19 -10.09
N ASP A 22 -2.18 8.95 -10.88
CA ASP A 22 -3.54 9.29 -10.48
C ASP A 22 -4.13 8.18 -9.61
N GLU A 23 -4.87 8.58 -8.57
CA GLU A 23 -5.49 7.62 -7.66
C GLU A 23 -6.52 6.78 -8.40
N ALA A 24 -7.06 7.32 -9.48
CA ALA A 24 -8.07 6.61 -10.28
C ALA A 24 -7.49 5.34 -10.88
N GLU A 25 -6.50 5.50 -11.74
CA GLU A 25 -5.87 4.36 -12.40
C GLU A 25 -5.42 3.32 -11.36
N VAL A 26 -5.09 3.79 -10.17
CA VAL A 26 -4.65 2.91 -9.09
C VAL A 26 -5.80 2.06 -8.57
N LYS A 27 -5.84 0.80 -9.01
CA LYS A 27 -6.89 -0.12 -8.59
C LYS A 27 -6.41 -1.02 -7.46
N ASN A 28 -7.32 -1.81 -6.90
CA ASN A 28 -6.98 -2.72 -5.82
C ASN A 28 -6.68 -4.12 -6.34
N GLU A 29 -6.48 -4.22 -7.66
CA GLU A 29 -6.19 -5.50 -8.29
C GLU A 29 -4.87 -5.44 -9.07
N ALA A 30 -4.01 -4.51 -8.67
CA ALA A 30 -2.72 -4.34 -9.33
C ALA A 30 -1.58 -4.43 -8.32
N SER A 31 -0.36 -4.19 -8.79
CA SER A 31 0.82 -4.26 -7.93
C SER A 31 1.66 -2.99 -8.06
N PHE A 32 2.86 -3.02 -7.49
CA PHE A 32 3.76 -1.86 -7.54
C PHE A 32 4.82 -2.06 -8.61
N VAL A 33 5.35 -3.28 -8.70
CA VAL A 33 6.38 -3.59 -9.69
C VAL A 33 5.95 -4.74 -10.59
N ASP A 34 5.20 -5.69 -10.01
CA ASP A 34 4.72 -6.84 -10.76
C ASP A 34 3.83 -6.41 -11.92
N ASP A 35 3.20 -5.24 -11.77
CA ASP A 35 2.32 -4.71 -12.81
C ASP A 35 2.79 -3.32 -13.25
N LEU A 36 2.70 -2.36 -12.34
CA LEU A 36 3.11 -0.99 -12.64
C LEU A 36 4.52 -0.94 -13.23
N GLY A 37 5.38 -1.83 -12.73
CA GLY A 37 6.75 -1.88 -13.23
C GLY A 37 7.66 -0.93 -12.51
N ALA A 38 7.25 -0.49 -11.33
CA ALA A 38 8.04 0.44 -10.53
C ALA A 38 9.36 -0.20 -10.10
N ASP A 39 10.06 0.47 -9.18
CA ASP A 39 11.34 -0.04 -8.68
C ASP A 39 11.20 -0.52 -7.25
N SER A 40 12.31 -0.94 -6.66
CA SER A 40 12.33 -1.43 -5.29
C SER A 40 12.00 -0.30 -4.31
N LEU A 41 12.51 0.89 -4.60
CA LEU A 41 12.28 2.04 -3.73
C LEU A 41 10.78 2.30 -3.57
N ASP A 42 10.02 2.04 -4.62
CA ASP A 42 8.57 2.24 -4.59
C ASP A 42 7.93 1.34 -3.54
N THR A 43 8.09 0.04 -3.70
CA THR A 43 7.53 -0.93 -2.77
C THR A 43 7.89 -0.59 -1.33
N VAL A 44 9.18 -0.41 -1.07
CA VAL A 44 9.66 -0.08 0.26
C VAL A 44 9.03 1.21 0.77
N GLU A 45 8.80 2.15 -0.14
CA GLU A 45 8.19 3.43 0.22
C GLU A 45 6.79 3.23 0.79
N LEU A 46 5.98 2.45 0.07
CA LEU A 46 4.61 2.18 0.51
C LEU A 46 4.60 1.43 1.84
N VAL A 47 5.44 0.40 1.93
CA VAL A 47 5.53 -0.41 3.14
C VAL A 47 5.73 0.47 4.37
N MET A 48 6.72 1.37 4.30
CA MET A 48 7.01 2.27 5.41
C MET A 48 5.81 3.15 5.73
N ALA A 49 5.25 3.77 4.69
CA ALA A 49 4.08 4.63 4.86
C ALA A 49 2.96 3.91 5.58
N LEU A 50 2.90 2.59 5.41
CA LEU A 50 1.86 1.78 6.05
C LEU A 50 2.16 1.59 7.53
N GLU A 51 3.39 1.19 7.84
CA GLU A 51 3.80 0.97 9.22
C GLU A 51 3.99 2.30 9.95
N GLU A 52 3.90 3.40 9.20
CA GLU A 52 4.06 4.73 9.77
C GLU A 52 2.71 5.43 9.91
N GLU A 53 1.88 5.29 8.88
CA GLU A 53 0.56 5.92 8.88
C GLU A 53 -0.47 5.01 9.56
N PHE A 54 -0.45 3.73 9.18
CA PHE A 54 -1.38 2.76 9.74
C PHE A 54 -0.76 2.03 10.93
N ASP A 55 0.49 2.37 11.24
CA ASP A 55 1.20 1.75 12.35
C ASP A 55 1.12 0.23 12.27
N THR A 56 1.04 -0.29 11.05
CA THR A 56 0.96 -1.73 10.84
C THR A 56 2.34 -2.34 10.67
N GLU A 57 2.68 -3.28 11.57
CA GLU A 57 3.98 -3.94 11.51
C GLU A 57 4.16 -4.66 10.18
N ILE A 58 5.35 -4.51 9.60
CA ILE A 58 5.65 -5.14 8.32
C ILE A 58 7.12 -5.57 8.26
N PRO A 59 7.42 -6.73 8.85
CA PRO A 59 8.78 -7.28 8.87
C PRO A 59 9.24 -7.74 7.50
N ASP A 60 10.33 -8.51 7.47
CA ASP A 60 10.87 -9.02 6.22
C ASP A 60 9.95 -10.07 5.62
N GLU A 61 9.59 -11.07 6.42
CA GLU A 61 8.71 -12.15 5.96
C GLU A 61 7.42 -11.58 5.39
N GLU A 62 6.97 -10.46 5.94
CA GLU A 62 5.75 -9.81 5.49
C GLU A 62 6.03 -8.82 4.36
N ALA A 63 7.26 -8.32 4.33
CA ALA A 63 7.67 -7.36 3.31
C ALA A 63 7.82 -8.04 1.94
N GLU A 64 8.10 -9.33 1.97
CA GLU A 64 8.27 -10.10 0.74
C GLU A 64 6.92 -10.47 0.14
N LYS A 65 5.94 -10.74 1.00
CA LYS A 65 4.61 -11.11 0.56
C LYS A 65 3.80 -9.87 0.18
N ILE A 66 4.06 -8.76 0.87
CA ILE A 66 3.35 -7.52 0.60
C ILE A 66 4.09 -6.69 -0.45
N THR A 67 3.67 -6.83 -1.70
CA THR A 67 4.29 -6.10 -2.80
C THR A 67 3.24 -5.64 -3.82
N THR A 68 1.99 -5.59 -3.38
CA THR A 68 0.90 -5.16 -4.25
C THR A 68 -0.15 -4.38 -3.48
N VAL A 69 -1.06 -3.73 -4.20
CA VAL A 69 -2.11 -2.94 -3.57
C VAL A 69 -3.00 -3.81 -2.69
N GLN A 70 -3.64 -4.80 -3.31
CA GLN A 70 -4.53 -5.71 -2.58
C GLN A 70 -3.83 -6.27 -1.35
N ALA A 71 -2.59 -6.70 -1.52
CA ALA A 71 -1.82 -7.26 -0.43
C ALA A 71 -1.64 -6.24 0.70
N ALA A 72 -1.35 -5.00 0.33
CA ALA A 72 -1.16 -3.93 1.31
C ALA A 72 -2.48 -3.57 1.99
N ILE A 73 -3.46 -3.16 1.20
CA ILE A 73 -4.76 -2.78 1.72
C ILE A 73 -5.34 -3.89 2.60
N ASP A 74 -5.06 -5.13 2.23
CA ASP A 74 -5.55 -6.29 2.98
C ASP A 74 -4.85 -6.38 4.33
N TYR A 75 -3.52 -6.24 4.32
CA TYR A 75 -2.74 -6.32 5.54
C TYR A 75 -3.22 -5.30 6.57
N VAL A 76 -3.19 -4.03 6.20
CA VAL A 76 -3.62 -2.95 7.08
C VAL A 76 -5.09 -3.15 7.50
N ASN A 77 -5.90 -3.59 6.56
CA ASN A 77 -7.32 -3.81 6.82
C ASN A 77 -7.51 -4.83 7.95
N SER A 78 -6.66 -5.85 7.96
CA SER A 78 -6.74 -6.89 8.98
C SER A 78 -6.04 -6.44 10.26
N HIS A 79 -5.08 -5.54 10.12
CA HIS A 79 -4.34 -5.02 11.27
C HIS A 79 -4.91 -3.69 11.73
N GLN A 80 -6.19 -3.69 12.13
CA GLN A 80 -6.84 -2.47 12.59
C GLN A 80 -6.36 -2.08 13.98
N GLY A 1 -13.14 1.05 16.08
CA GLY A 1 -11.79 1.20 15.54
C GLY A 1 -11.77 2.06 14.29
N ILE A 2 -11.27 1.50 13.21
CA ILE A 2 -11.19 2.21 11.94
C ILE A 2 -12.26 1.74 10.97
N PRO A 3 -12.96 2.69 10.33
CA PRO A 3 -14.01 2.40 9.37
C PRO A 3 -13.47 1.81 8.07
N LEU A 4 -14.37 1.41 7.18
CA LEU A 4 -13.97 0.83 5.90
C LEU A 4 -13.96 1.88 4.80
N SER A 5 -13.75 3.14 5.20
CA SER A 5 -13.71 4.25 4.25
C SER A 5 -12.43 5.06 4.42
N ASN A 6 -12.00 5.23 5.66
CA ASN A 6 -10.79 5.98 5.95
C ASN A 6 -9.57 5.31 5.33
N ILE A 7 -9.41 4.01 5.60
CA ILE A 7 -8.29 3.25 5.07
C ILE A 7 -8.16 3.44 3.57
N GLU A 8 -9.26 3.22 2.84
CA GLU A 8 -9.26 3.36 1.40
C GLU A 8 -8.67 4.71 0.99
N GLU A 9 -9.23 5.79 1.53
CA GLU A 9 -8.77 7.13 1.22
C GLU A 9 -7.30 7.29 1.57
N ARG A 10 -6.95 6.91 2.80
CA ARG A 10 -5.56 7.01 3.26
C ARG A 10 -4.61 6.29 2.31
N VAL A 11 -4.79 4.98 2.20
CA VAL A 11 -3.95 4.17 1.32
C VAL A 11 -3.78 4.84 -0.04
N LYS A 12 -4.89 5.15 -0.69
CA LYS A 12 -4.86 5.78 -2.00
C LYS A 12 -3.94 7.00 -1.99
N LYS A 13 -3.99 7.75 -0.90
CA LYS A 13 -3.15 8.95 -0.76
C LYS A 13 -1.68 8.58 -0.69
N ILE A 14 -1.38 7.45 -0.05
CA ILE A 14 -0.01 6.99 0.08
C ILE A 14 0.60 6.68 -1.30
N ILE A 15 -0.12 5.89 -2.09
CA ILE A 15 0.34 5.53 -3.42
C ILE A 15 0.45 6.74 -4.32
N VAL A 16 -0.49 7.67 -4.18
CA VAL A 16 -0.50 8.89 -4.98
C VAL A 16 0.57 9.87 -4.51
N GLU A 17 0.97 9.74 -3.25
CA GLU A 17 2.00 10.60 -2.68
C GLU A 17 3.40 10.03 -2.91
N GLN A 18 3.46 8.71 -3.06
CA GLN A 18 4.74 8.03 -3.28
C GLN A 18 5.03 7.90 -4.78
N LEU A 19 4.20 7.14 -5.47
CA LEU A 19 4.37 6.93 -6.90
C LEU A 19 4.27 8.24 -7.66
N GLY A 20 3.22 9.01 -7.37
CA GLY A 20 3.02 10.29 -8.03
C GLY A 20 2.02 10.20 -9.17
N VAL A 21 1.20 9.16 -9.15
CA VAL A 21 0.19 8.97 -10.19
C VAL A 21 -1.22 9.26 -9.64
N ASP A 22 -2.21 9.09 -10.51
CA ASP A 22 -3.60 9.32 -10.12
C ASP A 22 -4.22 8.06 -9.53
N GLU A 23 -5.04 8.23 -8.50
CA GLU A 23 -5.70 7.10 -7.84
C GLU A 23 -6.43 6.24 -8.87
N ALA A 24 -6.93 6.88 -9.93
CA ALA A 24 -7.65 6.17 -10.98
C ALA A 24 -6.84 4.98 -11.49
N GLU A 25 -5.52 5.09 -11.44
CA GLU A 25 -4.64 4.03 -11.89
C GLU A 25 -4.73 2.81 -10.97
N VAL A 26 -4.78 3.07 -9.66
CA VAL A 26 -4.87 2.00 -8.69
C VAL A 26 -6.19 1.25 -8.81
N LYS A 27 -6.15 0.08 -9.44
CA LYS A 27 -7.34 -0.74 -9.63
C LYS A 27 -7.48 -1.76 -8.51
N ASN A 28 -6.53 -1.74 -7.58
CA ASN A 28 -6.55 -2.66 -6.45
C ASN A 28 -6.52 -4.11 -6.93
N GLU A 29 -6.09 -4.30 -8.18
CA GLU A 29 -6.01 -5.65 -8.76
C GLU A 29 -4.64 -5.89 -9.39
N ALA A 30 -3.72 -4.95 -9.16
CA ALA A 30 -2.38 -5.07 -9.71
C ALA A 30 -1.33 -4.90 -8.61
N SER A 31 -0.06 -4.93 -8.99
CA SER A 31 1.04 -4.79 -8.05
C SER A 31 1.79 -3.48 -8.28
N PHE A 32 2.85 -3.27 -7.49
CA PHE A 32 3.65 -2.06 -7.60
C PHE A 32 4.69 -2.19 -8.71
N VAL A 33 5.20 -3.41 -8.88
CA VAL A 33 6.21 -3.68 -9.90
C VAL A 33 5.72 -4.76 -10.88
N ASP A 34 4.95 -5.71 -10.37
CA ASP A 34 4.43 -6.78 -11.20
C ASP A 34 3.49 -6.24 -12.27
N ASP A 35 2.94 -5.06 -12.03
CA ASP A 35 2.03 -4.43 -12.97
C ASP A 35 2.57 -3.07 -13.42
N LEU A 36 2.49 -2.09 -12.54
CA LEU A 36 2.97 -0.74 -12.85
C LEU A 36 4.40 -0.78 -13.39
N GLY A 37 5.18 -1.73 -12.88
CA GLY A 37 6.57 -1.85 -13.32
C GLY A 37 7.51 -0.94 -12.56
N ALA A 38 7.08 -0.51 -11.37
CA ALA A 38 7.88 0.37 -10.54
C ALA A 38 9.20 -0.30 -10.15
N ASP A 39 9.92 0.31 -9.22
CA ASP A 39 11.20 -0.22 -8.75
C ASP A 39 11.09 -0.65 -7.29
N SER A 40 12.21 -1.14 -6.75
CA SER A 40 12.25 -1.60 -5.37
C SER A 40 11.99 -0.44 -4.41
N LEU A 41 12.52 0.73 -4.74
CA LEU A 41 12.34 1.91 -3.91
C LEU A 41 10.87 2.23 -3.72
N ASP A 42 10.07 1.97 -4.76
CA ASP A 42 8.64 2.23 -4.71
C ASP A 42 7.96 1.31 -3.71
N THR A 43 8.08 0.00 -3.94
CA THR A 43 7.48 -0.99 -3.05
C THR A 43 7.85 -0.73 -1.60
N VAL A 44 9.15 -0.62 -1.34
CA VAL A 44 9.64 -0.38 0.01
C VAL A 44 9.07 0.90 0.58
N GLU A 45 8.95 1.93 -0.27
CA GLU A 45 8.42 3.22 0.16
C GLU A 45 7.01 3.06 0.72
N LEU A 46 6.18 2.31 0.01
CA LEU A 46 4.80 2.08 0.44
C LEU A 46 4.76 1.34 1.76
N VAL A 47 5.51 0.25 1.85
CA VAL A 47 5.56 -0.55 3.07
C VAL A 47 5.86 0.32 4.28
N MET A 48 6.91 1.14 4.18
CA MET A 48 7.30 2.03 5.27
C MET A 48 6.17 3.01 5.60
N ALA A 49 5.52 3.53 4.56
CA ALA A 49 4.43 4.48 4.74
C ALA A 49 3.29 3.86 5.55
N LEU A 50 3.10 2.55 5.39
CA LEU A 50 2.04 1.84 6.11
C LEU A 50 2.41 1.68 7.58
N GLU A 51 3.56 1.07 7.83
CA GLU A 51 4.02 0.85 9.20
C GLU A 51 4.32 2.18 9.90
N GLU A 52 4.38 3.25 9.11
CA GLU A 52 4.65 4.57 9.66
C GLU A 52 3.34 5.32 9.94
N GLU A 53 2.48 5.41 8.93
CA GLU A 53 1.20 6.09 9.08
C GLU A 53 0.21 5.24 9.86
N PHE A 54 -0.04 4.04 9.36
CA PHE A 54 -0.98 3.13 10.01
C PHE A 54 -0.36 2.51 11.26
N ASP A 55 0.93 2.78 11.47
CA ASP A 55 1.65 2.25 12.63
C ASP A 55 1.48 0.75 12.72
N THR A 56 1.48 0.08 11.57
CA THR A 56 1.33 -1.37 11.52
C THR A 56 2.68 -2.07 11.63
N GLU A 57 2.65 -3.37 11.90
CA GLU A 57 3.87 -4.15 12.03
C GLU A 57 4.17 -4.90 10.74
N ILE A 58 4.85 -4.23 9.82
CA ILE A 58 5.20 -4.83 8.54
C ILE A 58 6.71 -5.03 8.42
N PRO A 59 7.21 -6.08 9.09
CA PRO A 59 8.64 -6.40 9.08
C PRO A 59 9.11 -6.92 7.72
N ASP A 60 10.34 -7.43 7.67
CA ASP A 60 10.90 -7.95 6.43
C ASP A 60 9.97 -8.99 5.81
N GLU A 61 9.53 -9.94 6.62
CA GLU A 61 8.64 -11.00 6.15
C GLU A 61 7.40 -10.40 5.48
N GLU A 62 6.57 -9.74 6.27
CA GLU A 62 5.36 -9.12 5.75
C GLU A 62 5.67 -8.18 4.60
N ALA A 63 6.89 -7.65 4.59
CA ALA A 63 7.32 -6.73 3.55
C ALA A 63 7.59 -7.46 2.24
N GLU A 64 7.97 -8.73 2.35
CA GLU A 64 8.26 -9.55 1.18
C GLU A 64 6.97 -10.05 0.53
N LYS A 65 5.97 -10.33 1.36
CA LYS A 65 4.69 -10.81 0.87
C LYS A 65 3.82 -9.66 0.37
N ILE A 66 3.97 -8.50 0.99
CA ILE A 66 3.21 -7.32 0.60
C ILE A 66 3.95 -6.51 -0.46
N THR A 67 3.76 -6.90 -1.72
CA THR A 67 4.41 -6.21 -2.83
C THR A 67 3.40 -5.82 -3.91
N THR A 68 2.13 -5.77 -3.52
CA THR A 68 1.06 -5.41 -4.43
C THR A 68 0.03 -4.50 -3.77
N VAL A 69 -0.94 -4.04 -4.54
CA VAL A 69 -1.98 -3.16 -4.02
C VAL A 69 -2.96 -3.94 -3.15
N GLN A 70 -3.66 -4.89 -3.76
CA GLN A 70 -4.63 -5.71 -3.04
C GLN A 70 -4.02 -6.29 -1.77
N ALA A 71 -2.76 -6.71 -1.87
CA ALA A 71 -2.06 -7.29 -0.73
C ALA A 71 -1.88 -6.26 0.38
N ALA A 72 -1.51 -5.05 0.01
CA ALA A 72 -1.31 -3.98 0.98
C ALA A 72 -2.64 -3.54 1.60
N ILE A 73 -3.58 -3.13 0.75
CA ILE A 73 -4.88 -2.69 1.20
C ILE A 73 -5.55 -3.75 2.08
N ASP A 74 -5.29 -5.01 1.76
CA ASP A 74 -5.86 -6.12 2.52
C ASP A 74 -5.25 -6.19 3.91
N TYR A 75 -3.92 -6.18 3.97
CA TYR A 75 -3.21 -6.25 5.24
C TYR A 75 -3.69 -5.16 6.20
N VAL A 76 -3.49 -3.91 5.81
CA VAL A 76 -3.92 -2.79 6.63
C VAL A 76 -5.38 -2.90 7.03
N ASN A 77 -6.23 -3.14 6.04
CA ASN A 77 -7.67 -3.27 6.28
C ASN A 77 -7.95 -4.41 7.27
N SER A 78 -7.04 -5.38 7.30
CA SER A 78 -7.19 -6.54 8.19
C SER A 78 -6.68 -6.20 9.59
N HIS A 79 -5.61 -5.41 9.64
CA HIS A 79 -5.01 -5.02 10.92
C HIS A 79 -5.52 -3.65 11.36
N GLN A 80 -6.84 -3.50 11.43
CA GLN A 80 -7.45 -2.25 11.84
C GLN A 80 -7.94 -2.32 13.29
N GLY A 1 -13.79 0.01 15.19
CA GLY A 1 -12.44 0.43 14.85
C GLY A 1 -12.40 1.30 13.61
N ILE A 2 -11.72 0.82 12.59
CA ILE A 2 -11.61 1.57 11.33
C ILE A 2 -12.50 0.95 10.25
N PRO A 3 -13.25 1.82 9.55
CA PRO A 3 -14.16 1.38 8.49
C PRO A 3 -13.41 0.89 7.25
N LEU A 4 -14.15 0.38 6.27
CA LEU A 4 -13.56 -0.12 5.04
C LEU A 4 -13.57 0.94 3.95
N SER A 5 -13.50 2.21 4.36
CA SER A 5 -13.52 3.32 3.42
C SER A 5 -12.35 4.27 3.69
N ASN A 6 -12.06 4.49 4.96
CA ASN A 6 -10.96 5.37 5.35
C ASN A 6 -9.63 4.85 4.82
N ILE A 7 -9.31 3.60 5.16
CA ILE A 7 -8.07 2.99 4.72
C ILE A 7 -7.89 3.13 3.21
N GLU A 8 -8.96 2.89 2.47
CA GLU A 8 -8.93 3.00 1.01
C GLU A 8 -8.35 4.34 0.58
N GLU A 9 -8.99 5.41 1.01
CA GLU A 9 -8.54 6.76 0.66
C GLU A 9 -7.12 7.01 1.16
N ARG A 10 -6.85 6.56 2.37
CA ARG A 10 -5.52 6.73 2.98
C ARG A 10 -4.45 6.07 2.12
N VAL A 11 -4.50 4.75 2.02
CA VAL A 11 -3.54 3.99 1.23
C VAL A 11 -3.33 4.63 -0.14
N LYS A 12 -4.43 4.98 -0.80
CA LYS A 12 -4.35 5.60 -2.12
C LYS A 12 -3.43 6.81 -2.09
N LYS A 13 -3.68 7.72 -1.16
CA LYS A 13 -2.86 8.93 -1.03
C LYS A 13 -1.38 8.57 -0.91
N ILE A 14 -1.10 7.50 -0.18
CA ILE A 14 0.28 7.06 0.02
C ILE A 14 0.95 6.74 -1.31
N ILE A 15 0.43 5.72 -2.00
CA ILE A 15 0.97 5.30 -3.29
C ILE A 15 1.09 6.49 -4.23
N VAL A 16 0.23 7.48 -4.05
CA VAL A 16 0.24 8.67 -4.89
C VAL A 16 1.43 9.56 -4.56
N GLU A 17 1.55 9.93 -3.28
CA GLU A 17 2.65 10.78 -2.82
C GLU A 17 3.99 10.12 -3.11
N GLN A 18 3.99 8.80 -3.20
CA GLN A 18 5.22 8.04 -3.45
C GLN A 18 5.53 8.01 -4.95
N LEU A 19 4.52 7.67 -5.75
CA LEU A 19 4.69 7.60 -7.19
C LEU A 19 4.40 8.95 -7.84
N GLY A 20 3.12 9.30 -7.94
CA GLY A 20 2.73 10.56 -8.53
C GLY A 20 1.54 10.43 -9.46
N VAL A 21 1.24 9.20 -9.86
CA VAL A 21 0.11 8.94 -10.75
C VAL A 21 -1.20 9.39 -10.11
N ASP A 22 -2.30 9.18 -10.83
CA ASP A 22 -3.62 9.56 -10.34
C ASP A 22 -4.21 8.47 -9.47
N GLU A 23 -4.64 8.84 -8.27
CA GLU A 23 -5.23 7.89 -7.33
C GLU A 23 -6.36 7.11 -7.99
N ALA A 24 -7.02 7.73 -8.95
CA ALA A 24 -8.12 7.10 -9.67
C ALA A 24 -7.64 5.90 -10.48
N GLU A 25 -6.53 6.10 -11.20
CA GLU A 25 -5.96 5.03 -12.02
C GLU A 25 -5.56 3.85 -11.16
N VAL A 26 -5.19 4.11 -9.92
CA VAL A 26 -4.78 3.06 -9.00
C VAL A 26 -5.95 2.15 -8.65
N LYS A 27 -5.82 0.87 -8.99
CA LYS A 27 -6.87 -0.11 -8.73
C LYS A 27 -6.49 -1.00 -7.54
N ASN A 28 -7.46 -1.73 -7.03
CA ASN A 28 -7.23 -2.62 -5.89
C ASN A 28 -6.54 -3.90 -6.33
N GLU A 29 -6.75 -4.27 -7.60
CA GLU A 29 -6.14 -5.47 -8.16
C GLU A 29 -4.84 -5.14 -8.89
N ALA A 30 -4.22 -4.04 -8.50
CA ALA A 30 -2.97 -3.60 -9.13
C ALA A 30 -1.75 -4.09 -8.33
N SER A 31 -0.62 -4.19 -9.01
CA SER A 31 0.61 -4.65 -8.35
C SER A 31 1.40 -3.47 -7.81
N PHE A 32 2.63 -3.73 -7.39
CA PHE A 32 3.50 -2.69 -6.84
C PHE A 32 4.62 -2.36 -7.82
N VAL A 33 4.92 -3.28 -8.71
CA VAL A 33 5.98 -3.08 -9.71
C VAL A 33 5.52 -3.53 -11.09
N ASP A 34 4.80 -4.65 -11.14
CA ASP A 34 4.31 -5.18 -12.40
C ASP A 34 3.30 -4.23 -13.04
N ASP A 35 2.63 -3.44 -12.21
CA ASP A 35 1.64 -2.49 -12.69
C ASP A 35 2.14 -1.06 -12.54
N LEU A 36 2.73 -0.76 -11.38
CA LEU A 36 3.26 0.57 -11.12
C LEU A 36 4.59 0.79 -11.83
N GLY A 37 5.08 -0.26 -12.49
CA GLY A 37 6.34 -0.17 -13.21
C GLY A 37 7.50 0.16 -12.29
N ALA A 38 7.31 -0.01 -10.99
CA ALA A 38 8.34 0.27 -10.02
C ALA A 38 9.33 -0.90 -9.92
N ASP A 39 10.20 -0.84 -8.92
CA ASP A 39 11.20 -1.88 -8.71
C ASP A 39 11.29 -2.27 -7.24
N SER A 40 11.97 -1.43 -6.46
CA SER A 40 12.13 -1.69 -5.04
C SER A 40 11.83 -0.43 -4.22
N LEU A 41 12.30 0.71 -4.72
CA LEU A 41 12.08 1.98 -4.05
C LEU A 41 10.61 2.18 -3.70
N ASP A 42 9.74 1.63 -4.55
CA ASP A 42 8.30 1.74 -4.34
C ASP A 42 7.86 0.93 -3.12
N THR A 43 8.00 -0.39 -3.20
CA THR A 43 7.62 -1.27 -2.11
C THR A 43 8.21 -0.80 -0.79
N VAL A 44 9.46 -0.34 -0.83
CA VAL A 44 10.13 0.15 0.37
C VAL A 44 9.41 1.36 0.95
N GLU A 45 9.13 2.34 0.09
CA GLU A 45 8.45 3.55 0.51
C GLU A 45 7.03 3.25 0.98
N LEU A 46 6.37 2.33 0.28
CA LEU A 46 5.01 1.94 0.61
C LEU A 46 4.97 1.21 1.97
N VAL A 47 5.68 0.10 2.05
CA VAL A 47 5.73 -0.68 3.28
C VAL A 47 6.05 0.20 4.48
N MET A 48 7.01 1.10 4.31
CA MET A 48 7.41 2.00 5.39
C MET A 48 6.33 3.04 5.65
N ALA A 49 5.74 3.56 4.58
CA ALA A 49 4.69 4.56 4.69
C ALA A 49 3.49 4.02 5.47
N LEU A 50 3.33 2.70 5.45
CA LEU A 50 2.23 2.05 6.15
C LEU A 50 2.58 1.83 7.62
N GLU A 51 3.68 1.14 7.86
CA GLU A 51 4.13 0.85 9.22
C GLU A 51 4.37 2.15 10.00
N GLU A 52 4.55 3.25 9.27
CA GLU A 52 4.78 4.54 9.89
C GLU A 52 3.48 5.30 10.07
N GLU A 53 2.76 5.50 8.98
CA GLU A 53 1.48 6.22 9.02
C GLU A 53 0.45 5.42 9.79
N PHE A 54 0.13 4.24 9.29
CA PHE A 54 -0.86 3.38 9.93
C PHE A 54 -0.32 2.81 11.25
N ASP A 55 0.97 3.00 11.47
CA ASP A 55 1.61 2.51 12.69
C ASP A 55 1.46 0.99 12.82
N THR A 56 1.63 0.30 11.70
CA THR A 56 1.51 -1.16 11.68
C THR A 56 2.88 -1.82 11.72
N GLU A 57 2.89 -3.12 11.99
CA GLU A 57 4.13 -3.87 12.05
C GLU A 57 4.36 -4.67 10.77
N ILE A 58 4.96 -4.02 9.77
CA ILE A 58 5.22 -4.66 8.50
C ILE A 58 6.72 -4.85 8.29
N PRO A 59 7.29 -5.89 8.92
CA PRO A 59 8.71 -6.20 8.82
C PRO A 59 9.09 -6.74 7.45
N ASP A 60 10.32 -7.22 7.32
CA ASP A 60 10.80 -7.75 6.05
C ASP A 60 9.87 -8.83 5.52
N GLU A 61 9.50 -9.76 6.40
CA GLU A 61 8.60 -10.85 6.02
C GLU A 61 7.31 -10.31 5.42
N GLU A 62 6.53 -9.59 6.22
CA GLU A 62 5.28 -9.02 5.77
C GLU A 62 5.51 -8.05 4.60
N ALA A 63 6.75 -7.59 4.47
CA ALA A 63 7.10 -6.66 3.40
C ALA A 63 7.26 -7.39 2.07
N GLU A 64 7.66 -8.65 2.14
CA GLU A 64 7.87 -9.46 0.94
C GLU A 64 6.54 -9.97 0.40
N LYS A 65 5.60 -10.27 1.30
CA LYS A 65 4.29 -10.76 0.92
C LYS A 65 3.41 -9.63 0.40
N ILE A 66 3.57 -8.44 0.99
CA ILE A 66 2.78 -7.28 0.59
C ILE A 66 3.44 -6.58 -0.60
N THR A 67 3.17 -7.08 -1.80
CA THR A 67 3.72 -6.51 -3.02
C THR A 67 2.62 -6.14 -4.01
N THR A 68 1.41 -5.96 -3.49
CA THR A 68 0.27 -5.61 -4.33
C THR A 68 -0.77 -4.82 -3.55
N VAL A 69 -1.52 -3.97 -4.24
CA VAL A 69 -2.55 -3.16 -3.61
C VAL A 69 -3.48 -4.02 -2.76
N GLN A 70 -4.11 -5.00 -3.39
CA GLN A 70 -5.03 -5.90 -2.69
C GLN A 70 -4.38 -6.48 -1.44
N ALA A 71 -3.14 -6.92 -1.59
CA ALA A 71 -2.40 -7.50 -0.48
C ALA A 71 -2.24 -6.50 0.67
N ALA A 72 -1.83 -5.28 0.32
CA ALA A 72 -1.65 -4.23 1.31
C ALA A 72 -2.97 -3.86 1.99
N ILE A 73 -3.93 -3.43 1.18
CA ILE A 73 -5.24 -3.05 1.70
C ILE A 73 -5.85 -4.17 2.53
N ASP A 74 -5.54 -5.41 2.18
CA ASP A 74 -6.05 -6.56 2.91
C ASP A 74 -5.40 -6.67 4.28
N TYR A 75 -4.09 -6.42 4.33
CA TYR A 75 -3.35 -6.50 5.59
C TYR A 75 -3.88 -5.49 6.59
N VAL A 76 -3.87 -4.21 6.21
CA VAL A 76 -4.35 -3.15 7.08
C VAL A 76 -5.81 -3.36 7.44
N ASN A 77 -6.60 -3.84 6.49
CA ASN A 77 -8.02 -4.09 6.71
C ASN A 77 -8.22 -5.35 7.55
N SER A 78 -7.20 -6.19 7.61
CA SER A 78 -7.26 -7.43 8.38
C SER A 78 -6.73 -7.22 9.79
N HIS A 79 -5.90 -6.19 9.96
CA HIS A 79 -5.32 -5.89 11.26
C HIS A 79 -6.12 -4.79 11.97
N GLN A 80 -6.57 -3.80 11.20
CA GLN A 80 -7.33 -2.69 11.75
C GLN A 80 -8.51 -3.20 12.58
N GLY A 1 -15.96 1.20 14.67
CA GLY A 1 -15.14 0.56 13.64
C GLY A 1 -14.81 1.50 12.50
N ILE A 2 -14.19 0.96 11.46
CA ILE A 2 -13.81 1.75 10.30
C ILE A 2 -14.89 1.71 9.22
N PRO A 3 -15.26 2.90 8.71
CA PRO A 3 -16.29 3.02 7.67
C PRO A 3 -15.83 2.46 6.33
N LEU A 4 -14.64 1.87 6.32
CA LEU A 4 -14.08 1.29 5.09
C LEU A 4 -13.85 2.37 4.04
N SER A 5 -13.85 3.63 4.48
CA SER A 5 -13.64 4.75 3.57
C SER A 5 -12.35 5.49 3.92
N ASN A 6 -11.90 5.33 5.16
CA ASN A 6 -10.68 5.99 5.61
C ASN A 6 -9.45 5.35 4.98
N ILE A 7 -9.32 4.03 5.17
CA ILE A 7 -8.18 3.30 4.62
C ILE A 7 -8.03 3.56 3.13
N GLU A 8 -9.15 3.52 2.40
CA GLU A 8 -9.14 3.76 0.97
C GLU A 8 -8.39 5.05 0.63
N GLU A 9 -8.92 6.17 1.10
CA GLU A 9 -8.31 7.47 0.84
C GLU A 9 -6.87 7.50 1.35
N ARG A 10 -6.63 6.84 2.47
CA ARG A 10 -5.30 6.78 3.06
C ARG A 10 -4.30 6.14 2.09
N VAL A 11 -4.49 4.85 1.84
CA VAL A 11 -3.61 4.12 0.93
C VAL A 11 -3.42 4.87 -0.39
N LYS A 12 -4.52 5.20 -1.04
CA LYS A 12 -4.48 5.93 -2.30
C LYS A 12 -3.60 7.17 -2.19
N LYS A 13 -3.70 7.85 -1.04
CA LYS A 13 -2.91 9.05 -0.81
C LYS A 13 -1.42 8.75 -0.85
N ILE A 14 -1.01 7.73 -0.10
CA ILE A 14 0.40 7.33 -0.06
C ILE A 14 0.89 6.91 -1.44
N ILE A 15 0.10 6.10 -2.13
CA ILE A 15 0.46 5.63 -3.46
C ILE A 15 0.62 6.80 -4.43
N VAL A 16 -0.17 7.84 -4.22
CA VAL A 16 -0.12 9.03 -5.07
C VAL A 16 0.99 9.98 -4.63
N GLU A 17 1.36 9.89 -3.35
CA GLU A 17 2.41 10.74 -2.80
C GLU A 17 3.78 10.11 -3.00
N GLN A 18 3.79 8.81 -3.28
CA GLN A 18 5.04 8.09 -3.48
C GLN A 18 5.35 7.94 -4.97
N LEU A 19 4.34 7.52 -5.73
CA LEU A 19 4.50 7.34 -7.17
C LEU A 19 4.20 8.64 -7.93
N GLY A 20 3.13 9.32 -7.52
CA GLY A 20 2.77 10.57 -8.16
C GLY A 20 1.55 10.42 -9.06
N VAL A 21 1.24 9.18 -9.42
CA VAL A 21 0.10 8.90 -10.29
C VAL A 21 -1.20 9.37 -9.65
N ASP A 22 -2.32 9.05 -10.30
CA ASP A 22 -3.63 9.44 -9.79
C ASP A 22 -4.28 8.28 -9.04
N GLU A 23 -5.01 8.62 -7.97
CA GLU A 23 -5.69 7.60 -7.17
C GLU A 23 -6.85 6.99 -7.93
N ALA A 24 -7.20 7.59 -9.06
CA ALA A 24 -8.30 7.11 -9.88
C ALA A 24 -7.81 6.03 -10.85
N GLU A 25 -6.61 6.20 -11.38
CA GLU A 25 -6.04 5.25 -12.32
C GLU A 25 -5.53 4.00 -11.59
N VAL A 26 -4.99 4.21 -10.39
CA VAL A 26 -4.47 3.11 -9.58
C VAL A 26 -5.58 2.13 -9.21
N LYS A 27 -5.28 0.84 -9.33
CA LYS A 27 -6.25 -0.20 -9.00
C LYS A 27 -5.93 -0.84 -7.65
N ASN A 28 -6.69 -1.88 -7.29
CA ASN A 28 -6.47 -2.58 -6.03
C ASN A 28 -5.90 -3.97 -6.27
N GLU A 29 -6.45 -4.66 -7.26
CA GLU A 29 -6.00 -6.01 -7.59
C GLU A 29 -4.57 -5.98 -8.13
N ALA A 30 -4.25 -4.92 -8.87
CA ALA A 30 -2.92 -4.77 -9.45
C ALA A 30 -1.86 -4.62 -8.36
N SER A 31 -0.60 -4.85 -8.74
CA SER A 31 0.51 -4.74 -7.79
C SER A 31 1.30 -3.46 -8.02
N PHE A 32 2.34 -3.27 -7.22
CA PHE A 32 3.19 -2.08 -7.34
C PHE A 32 4.13 -2.20 -8.53
N VAL A 33 4.43 -3.44 -8.92
CA VAL A 33 5.33 -3.69 -10.04
C VAL A 33 4.69 -4.64 -11.05
N ASP A 34 3.99 -5.64 -10.54
CA ASP A 34 3.33 -6.63 -11.39
C ASP A 34 2.46 -5.94 -12.44
N ASP A 35 1.86 -4.81 -12.05
CA ASP A 35 1.00 -4.06 -12.96
C ASP A 35 1.57 -2.67 -13.21
N LEU A 36 1.71 -1.89 -12.15
CA LEU A 36 2.24 -0.53 -12.25
C LEU A 36 3.60 -0.53 -12.95
N GLY A 37 4.32 -1.65 -12.83
CA GLY A 37 5.63 -1.76 -13.46
C GLY A 37 6.66 -0.90 -12.77
N ALA A 38 6.41 -0.56 -11.52
CA ALA A 38 7.33 0.26 -10.75
C ALA A 38 8.61 -0.50 -10.40
N ASP A 39 9.43 0.08 -9.55
CA ASP A 39 10.69 -0.55 -9.14
C ASP A 39 10.64 -0.94 -7.67
N SER A 40 11.64 -1.70 -7.22
CA SER A 40 11.71 -2.14 -5.84
C SER A 40 11.61 -0.96 -4.88
N LEU A 41 12.14 0.19 -5.31
CA LEU A 41 12.11 1.39 -4.49
C LEU A 41 10.67 1.80 -4.17
N ASP A 42 9.80 1.66 -5.16
CA ASP A 42 8.39 2.01 -4.99
C ASP A 42 7.75 1.16 -3.90
N THR A 43 7.82 -0.16 -4.06
CA THR A 43 7.24 -1.07 -3.08
C THR A 43 7.73 -0.75 -1.67
N VAL A 44 9.04 -0.67 -1.49
CA VAL A 44 9.62 -0.36 -0.19
C VAL A 44 9.05 0.94 0.36
N GLU A 45 8.86 1.93 -0.52
CA GLU A 45 8.33 3.22 -0.12
C GLU A 45 6.95 3.08 0.50
N LEU A 46 6.09 2.30 -0.16
CA LEU A 46 4.73 2.08 0.32
C LEU A 46 4.74 1.31 1.64
N VAL A 47 5.51 0.24 1.68
CA VAL A 47 5.60 -0.59 2.89
C VAL A 47 5.91 0.27 4.11
N MET A 48 6.91 1.13 3.98
CA MET A 48 7.31 2.01 5.08
C MET A 48 6.17 2.97 5.45
N ALA A 49 5.62 3.64 4.44
CA ALA A 49 4.53 4.59 4.66
C ALA A 49 3.37 3.92 5.38
N LEU A 50 3.26 2.60 5.23
CA LEU A 50 2.19 1.84 5.87
C LEU A 50 2.50 1.60 7.35
N GLU A 51 3.68 1.06 7.62
CA GLU A 51 4.10 0.79 8.99
C GLU A 51 4.30 2.09 9.76
N GLU A 52 4.33 3.20 9.04
CA GLU A 52 4.53 4.51 9.67
C GLU A 52 3.19 5.23 9.83
N GLU A 53 2.40 5.27 8.76
CA GLU A 53 1.10 5.93 8.79
C GLU A 53 0.07 5.06 9.50
N PHE A 54 -0.08 3.82 9.03
CA PHE A 54 -1.04 2.89 9.60
C PHE A 54 -0.46 2.24 10.87
N ASP A 55 0.79 2.53 11.15
CA ASP A 55 1.46 1.98 12.33
C ASP A 55 1.30 0.46 12.38
N THR A 56 1.43 -0.18 11.23
CA THR A 56 1.30 -1.63 11.14
C THR A 56 2.66 -2.30 11.06
N GLU A 57 2.87 -3.30 11.92
CA GLU A 57 4.14 -4.02 11.94
C GLU A 57 4.38 -4.75 10.62
N ILE A 58 5.41 -4.34 9.90
CA ILE A 58 5.75 -4.95 8.61
C ILE A 58 7.25 -5.24 8.52
N PRO A 59 7.68 -6.33 9.17
CA PRO A 59 9.09 -6.73 9.17
C PRO A 59 9.54 -7.25 7.81
N ASP A 60 10.78 -7.72 7.74
CA ASP A 60 11.34 -8.24 6.50
C ASP A 60 10.42 -9.31 5.90
N GLU A 61 10.02 -10.27 6.73
CA GLU A 61 9.14 -11.34 6.30
C GLU A 61 7.89 -10.79 5.62
N GLU A 62 7.04 -10.15 6.41
CA GLU A 62 5.80 -9.57 5.90
C GLU A 62 6.09 -8.62 4.74
N ALA A 63 7.29 -8.05 4.73
CA ALA A 63 7.70 -7.12 3.68
C ALA A 63 7.94 -7.86 2.37
N GLU A 64 8.34 -9.11 2.46
CA GLU A 64 8.62 -9.92 1.28
C GLU A 64 7.32 -10.41 0.65
N LYS A 65 6.33 -10.69 1.49
CA LYS A 65 5.03 -11.17 1.01
C LYS A 65 4.16 -10.01 0.57
N ILE A 66 4.31 -8.86 1.23
CA ILE A 66 3.53 -7.68 0.90
C ILE A 66 4.24 -6.84 -0.16
N THR A 67 4.01 -7.17 -1.42
CA THR A 67 4.63 -6.45 -2.52
C THR A 67 3.60 -6.04 -3.56
N THR A 68 2.34 -5.96 -3.15
CA THR A 68 1.25 -5.59 -4.04
C THR A 68 0.24 -4.69 -3.33
N VAL A 69 -0.70 -4.15 -4.10
CA VAL A 69 -1.73 -3.28 -3.55
C VAL A 69 -2.72 -4.06 -2.69
N GLN A 70 -3.42 -5.00 -3.31
CA GLN A 70 -4.39 -5.83 -2.59
C GLN A 70 -3.78 -6.41 -1.33
N ALA A 71 -2.52 -6.83 -1.42
CA ALA A 71 -1.82 -7.41 -0.28
C ALA A 71 -1.62 -6.38 0.83
N ALA A 72 -1.14 -5.20 0.45
CA ALA A 72 -0.90 -4.13 1.41
C ALA A 72 -2.20 -3.67 2.06
N ILE A 73 -3.16 -3.29 1.23
CA ILE A 73 -4.46 -2.84 1.72
C ILE A 73 -5.11 -3.88 2.63
N ASP A 74 -4.90 -5.15 2.29
CA ASP A 74 -5.46 -6.25 3.08
C ASP A 74 -4.78 -6.34 4.44
N TYR A 75 -3.48 -6.09 4.46
CA TYR A 75 -2.71 -6.15 5.70
C TYR A 75 -3.16 -5.06 6.68
N VAL A 76 -2.99 -3.81 6.28
CA VAL A 76 -3.38 -2.68 7.12
C VAL A 76 -4.85 -2.79 7.53
N ASN A 77 -5.69 -3.20 6.60
CA ASN A 77 -7.12 -3.34 6.86
C ASN A 77 -7.38 -4.51 7.81
N SER A 78 -6.50 -5.50 7.78
CA SER A 78 -6.63 -6.67 8.64
C SER A 78 -6.09 -6.38 10.04
N HIS A 79 -5.07 -5.53 10.11
CA HIS A 79 -4.48 -5.17 11.39
C HIS A 79 -5.12 -3.91 11.95
N GLN A 80 -6.42 -3.97 12.19
CA GLN A 80 -7.15 -2.82 12.73
C GLN A 80 -7.59 -3.08 14.17
N GLY A 1 -14.81 -1.53 13.80
CA GLY A 1 -13.74 -0.57 14.05
C GLY A 1 -13.64 0.47 12.96
N ILE A 2 -12.47 0.53 12.32
CA ILE A 2 -12.24 1.50 11.25
C ILE A 2 -12.91 1.05 9.96
N PRO A 3 -13.61 1.98 9.30
CA PRO A 3 -14.31 1.71 8.05
C PRO A 3 -13.35 1.50 6.88
N LEU A 4 -13.68 0.55 6.02
CA LEU A 4 -12.85 0.24 4.87
C LEU A 4 -12.63 1.48 4.01
N SER A 5 -13.55 2.44 4.10
CA SER A 5 -13.46 3.67 3.33
C SER A 5 -12.25 4.50 3.78
N ASN A 6 -12.07 4.59 5.09
CA ASN A 6 -10.95 5.34 5.64
C ASN A 6 -9.62 4.82 5.12
N ILE A 7 -9.36 3.54 5.35
CA ILE A 7 -8.12 2.92 4.90
C ILE A 7 -7.95 3.06 3.39
N GLU A 8 -9.06 2.98 2.66
CA GLU A 8 -9.03 3.11 1.21
C GLU A 8 -8.39 4.42 0.79
N GLU A 9 -8.91 5.53 1.31
CA GLU A 9 -8.39 6.85 0.99
C GLU A 9 -6.95 7.00 1.46
N ARG A 10 -6.64 6.39 2.61
CA ARG A 10 -5.30 6.45 3.18
C ARG A 10 -4.30 5.74 2.28
N VAL A 11 -4.48 4.44 2.12
CA VAL A 11 -3.60 3.64 1.28
C VAL A 11 -3.39 4.28 -0.09
N LYS A 12 -4.50 4.50 -0.80
CA LYS A 12 -4.46 5.11 -2.12
C LYS A 12 -3.64 6.40 -2.10
N LYS A 13 -3.91 7.25 -1.12
CA LYS A 13 -3.20 8.51 -0.98
C LYS A 13 -1.69 8.30 -1.03
N ILE A 14 -1.19 7.43 -0.14
CA ILE A 14 0.23 7.14 -0.09
C ILE A 14 0.76 6.72 -1.46
N ILE A 15 0.19 5.66 -2.02
CA ILE A 15 0.60 5.17 -3.33
C ILE A 15 0.57 6.28 -4.37
N VAL A 16 -0.41 7.17 -4.24
CA VAL A 16 -0.55 8.29 -5.17
C VAL A 16 0.52 9.36 -4.91
N GLU A 17 1.01 9.40 -3.68
CA GLU A 17 2.03 10.37 -3.31
C GLU A 17 3.43 9.84 -3.60
N GLN A 18 3.55 8.52 -3.63
CA GLN A 18 4.83 7.88 -3.89
C GLN A 18 5.06 7.70 -5.40
N LEU A 19 4.22 6.87 -6.01
CA LEU A 19 4.32 6.61 -7.44
C LEU A 19 4.24 7.91 -8.24
N GLY A 20 3.27 8.75 -7.90
CA GLY A 20 3.11 10.01 -8.60
C GLY A 20 1.90 10.02 -9.52
N VAL A 21 1.40 8.83 -9.84
CA VAL A 21 0.25 8.70 -10.73
C VAL A 21 -1.00 9.28 -10.08
N ASP A 22 -2.09 9.35 -10.85
CA ASP A 22 -3.36 9.87 -10.35
C ASP A 22 -4.14 8.79 -9.62
N GLU A 23 -4.76 9.17 -8.51
CA GLU A 23 -5.56 8.23 -7.72
C GLU A 23 -6.72 7.67 -8.54
N ALA A 24 -7.05 8.35 -9.63
CA ALA A 24 -8.14 7.92 -10.50
C ALA A 24 -7.66 6.87 -11.49
N GLU A 25 -6.37 6.88 -11.78
CA GLU A 25 -5.79 5.92 -12.72
C GLU A 25 -5.14 4.76 -11.97
N VAL A 26 -5.73 4.38 -10.84
CA VAL A 26 -5.21 3.28 -10.04
C VAL A 26 -6.34 2.34 -9.59
N LYS A 27 -6.00 1.07 -9.41
CA LYS A 27 -6.97 0.07 -9.00
C LYS A 27 -6.42 -0.79 -7.87
N ASN A 28 -7.30 -1.59 -7.25
CA ASN A 28 -6.89 -2.45 -6.15
C ASN A 28 -6.28 -3.75 -6.68
N GLU A 29 -6.67 -4.12 -7.90
CA GLU A 29 -6.16 -5.35 -8.52
C GLU A 29 -4.78 -5.11 -9.13
N ALA A 30 -4.35 -3.85 -9.16
CA ALA A 30 -3.06 -3.50 -9.72
C ALA A 30 -1.93 -4.19 -8.96
N SER A 31 -0.70 -3.78 -9.23
CA SER A 31 0.47 -4.36 -8.58
C SER A 31 1.41 -3.28 -8.07
N PHE A 32 2.54 -3.70 -7.52
CA PHE A 32 3.53 -2.76 -7.00
C PHE A 32 4.67 -2.55 -7.99
N VAL A 33 4.73 -3.42 -9.00
CA VAL A 33 5.77 -3.33 -10.02
C VAL A 33 5.34 -4.02 -11.31
N ASP A 34 4.77 -5.20 -11.16
CA ASP A 34 4.31 -5.97 -12.32
C ASP A 34 3.33 -5.15 -13.16
N ASP A 35 2.64 -4.22 -12.52
CA ASP A 35 1.67 -3.37 -13.20
C ASP A 35 2.18 -1.93 -13.29
N LEU A 36 2.37 -1.32 -12.12
CA LEU A 36 2.85 0.06 -12.05
C LEU A 36 4.10 0.25 -12.90
N GLY A 37 5.17 -0.44 -12.54
CA GLY A 37 6.42 -0.35 -13.28
C GLY A 37 7.59 0.01 -12.39
N ALA A 38 7.34 0.11 -11.09
CA ALA A 38 8.39 0.44 -10.13
C ALA A 38 9.50 -0.61 -10.15
N ASP A 39 10.38 -0.55 -9.16
CA ASP A 39 11.49 -1.50 -9.06
C ASP A 39 11.57 -2.08 -7.65
N SER A 40 12.14 -1.31 -6.73
CA SER A 40 12.29 -1.75 -5.35
C SER A 40 12.04 -0.61 -4.38
N LEU A 41 12.58 0.56 -4.69
CA LEU A 41 12.41 1.74 -3.84
C LEU A 41 10.93 2.01 -3.58
N ASP A 42 10.09 1.60 -4.52
CA ASP A 42 8.65 1.79 -4.38
C ASP A 42 8.07 0.89 -3.30
N THR A 43 8.23 -0.43 -3.50
CA THR A 43 7.73 -1.40 -2.54
C THR A 43 8.13 -1.04 -1.12
N VAL A 44 9.43 -0.79 -0.92
CA VAL A 44 9.94 -0.43 0.39
C VAL A 44 9.35 0.89 0.88
N GLU A 45 9.16 1.82 -0.04
CA GLU A 45 8.59 3.13 0.29
C GLU A 45 7.20 2.97 0.87
N LEU A 46 6.34 2.28 0.16
CA LEU A 46 4.96 2.06 0.60
C LEU A 46 4.93 1.38 1.97
N VAL A 47 5.72 0.31 2.11
CA VAL A 47 5.79 -0.42 3.38
C VAL A 47 6.05 0.52 4.54
N MET A 48 7.04 1.39 4.39
CA MET A 48 7.39 2.34 5.43
C MET A 48 6.23 3.29 5.72
N ALA A 49 5.63 3.82 4.66
CA ALA A 49 4.50 4.74 4.80
C ALA A 49 3.37 4.10 5.60
N LEU A 50 3.26 2.78 5.51
CA LEU A 50 2.23 2.04 6.22
C LEU A 50 2.55 1.94 7.71
N GLU A 51 3.73 1.42 8.02
CA GLU A 51 4.16 1.28 9.40
C GLU A 51 4.30 2.64 10.07
N GLU A 52 4.34 3.69 9.27
CA GLU A 52 4.48 5.05 9.79
C GLU A 52 3.11 5.72 9.91
N GLU A 53 2.37 5.77 8.81
CA GLU A 53 1.05 6.38 8.81
C GLU A 53 0.05 5.55 9.61
N PHE A 54 -0.06 4.27 9.26
CA PHE A 54 -0.97 3.37 9.95
C PHE A 54 -0.35 2.85 11.24
N ASP A 55 0.87 3.27 11.52
CA ASP A 55 1.58 2.86 12.72
C ASP A 55 1.56 1.34 12.87
N THR A 56 1.64 0.65 11.73
CA THR A 56 1.64 -0.80 11.74
C THR A 56 3.06 -1.37 11.80
N GLU A 57 3.16 -2.68 11.95
CA GLU A 57 4.46 -3.34 12.02
C GLU A 57 4.68 -4.26 10.82
N ILE A 58 5.18 -3.69 9.73
CA ILE A 58 5.43 -4.46 8.52
C ILE A 58 6.92 -4.59 8.25
N PRO A 59 7.58 -5.49 8.99
CA PRO A 59 9.02 -5.73 8.84
C PRO A 59 9.37 -6.41 7.52
N ASP A 60 10.63 -6.78 7.36
CA ASP A 60 11.09 -7.43 6.13
C ASP A 60 10.21 -8.63 5.80
N GLU A 61 9.83 -9.38 6.83
CA GLU A 61 8.99 -10.56 6.65
C GLU A 61 7.69 -10.20 5.93
N GLU A 62 6.78 -9.56 6.66
CA GLU A 62 5.49 -9.15 6.10
C GLU A 62 5.69 -8.32 4.84
N ALA A 63 6.83 -7.63 4.77
CA ALA A 63 7.14 -6.80 3.62
C ALA A 63 7.20 -7.62 2.34
N GLU A 64 7.86 -8.77 2.41
CA GLU A 64 7.99 -9.65 1.26
C GLU A 64 6.62 -10.09 0.75
N LYS A 65 5.62 -10.00 1.61
CA LYS A 65 4.26 -10.39 1.26
C LYS A 65 3.50 -9.22 0.62
N ILE A 66 3.63 -8.04 1.22
CA ILE A 66 2.96 -6.85 0.71
C ILE A 66 3.63 -6.36 -0.57
N THR A 67 3.23 -6.94 -1.69
CA THR A 67 3.79 -6.56 -2.99
C THR A 67 2.69 -6.21 -3.99
N THR A 68 1.52 -5.85 -3.46
CA THR A 68 0.39 -5.49 -4.30
C THR A 68 -0.65 -4.70 -3.51
N VAL A 69 -1.40 -3.85 -4.21
CA VAL A 69 -2.43 -3.04 -3.57
C VAL A 69 -3.36 -3.89 -2.72
N GLN A 70 -4.01 -4.87 -3.36
CA GLN A 70 -4.93 -5.76 -2.67
C GLN A 70 -4.27 -6.37 -1.43
N ALA A 71 -3.00 -6.74 -1.57
CA ALA A 71 -2.26 -7.34 -0.46
C ALA A 71 -2.08 -6.33 0.68
N ALA A 72 -1.69 -5.11 0.33
CA ALA A 72 -1.48 -4.07 1.33
C ALA A 72 -2.79 -3.70 2.01
N ILE A 73 -3.79 -3.33 1.20
CA ILE A 73 -5.09 -2.95 1.73
C ILE A 73 -5.68 -4.06 2.59
N ASP A 74 -5.38 -5.31 2.24
CA ASP A 74 -5.87 -6.46 2.98
C ASP A 74 -5.25 -6.52 4.37
N TYR A 75 -3.93 -6.40 4.42
CA TYR A 75 -3.19 -6.45 5.68
C TYR A 75 -3.69 -5.36 6.63
N VAL A 76 -3.56 -4.11 6.20
CA VAL A 76 -3.99 -2.98 7.02
C VAL A 76 -5.44 -3.14 7.47
N ASN A 77 -6.30 -3.53 6.53
CA ASN A 77 -7.71 -3.73 6.83
C ASN A 77 -7.91 -4.87 7.81
N SER A 78 -7.00 -5.84 7.78
CA SER A 78 -7.07 -7.00 8.66
C SER A 78 -6.58 -6.64 10.06
N HIS A 79 -5.60 -5.74 10.12
CA HIS A 79 -5.03 -5.32 11.40
C HIS A 79 -5.72 -4.05 11.91
N GLN A 80 -7.03 -4.14 12.10
CA GLN A 80 -7.81 -3.00 12.58
C GLN A 80 -7.18 -2.41 13.84
N GLY A 1 -14.09 -0.27 15.00
CA GLY A 1 -13.61 -0.46 13.64
C GLY A 1 -13.60 0.81 12.84
N ILE A 2 -13.52 0.68 11.52
CA ILE A 2 -13.51 1.84 10.63
C ILE A 2 -14.63 1.76 9.60
N PRO A 3 -14.99 2.91 9.03
CA PRO A 3 -16.05 2.99 8.02
C PRO A 3 -15.64 2.36 6.69
N LEU A 4 -14.41 1.83 6.65
CA LEU A 4 -13.91 1.19 5.44
C LEU A 4 -13.81 2.19 4.30
N SER A 5 -13.84 3.48 4.62
CA SER A 5 -13.77 4.53 3.62
C SER A 5 -12.59 5.47 3.90
N ASN A 6 -11.96 5.28 5.06
CA ASN A 6 -10.81 6.11 5.44
C ASN A 6 -9.51 5.46 5.01
N ILE A 7 -9.44 4.13 5.13
CA ILE A 7 -8.25 3.39 4.74
C ILE A 7 -7.98 3.51 3.24
N GLU A 8 -9.01 3.28 2.45
CA GLU A 8 -8.89 3.36 1.00
C GLU A 8 -8.30 4.70 0.58
N GLU A 9 -8.83 5.78 1.13
CA GLU A 9 -8.36 7.13 0.82
C GLU A 9 -6.90 7.29 1.23
N ARG A 10 -6.58 6.86 2.45
CA ARG A 10 -5.22 6.97 2.96
C ARG A 10 -4.24 6.23 2.06
N VAL A 11 -4.41 4.91 1.97
CA VAL A 11 -3.54 4.08 1.15
C VAL A 11 -3.35 4.70 -0.24
N LYS A 12 -4.43 5.23 -0.80
CA LYS A 12 -4.37 5.85 -2.12
C LYS A 12 -3.51 7.10 -2.09
N LYS A 13 -3.70 7.94 -1.08
CA LYS A 13 -2.93 9.17 -0.94
C LYS A 13 -1.44 8.88 -0.90
N ILE A 14 -1.08 7.73 -0.33
CA ILE A 14 0.32 7.33 -0.24
C ILE A 14 0.87 6.92 -1.60
N ILE A 15 0.20 5.98 -2.25
CA ILE A 15 0.62 5.50 -3.55
C ILE A 15 0.63 6.64 -4.57
N VAL A 16 -0.22 7.63 -4.35
CA VAL A 16 -0.29 8.78 -5.24
C VAL A 16 0.78 9.82 -4.92
N GLU A 17 1.12 9.92 -3.63
CA GLU A 17 2.13 10.87 -3.19
C GLU A 17 3.54 10.29 -3.38
N GLN A 18 3.61 8.98 -3.52
CA GLN A 18 4.89 8.31 -3.70
C GLN A 18 5.20 8.09 -5.18
N LEU A 19 4.24 7.53 -5.90
CA LEU A 19 4.41 7.27 -7.33
C LEU A 19 4.17 8.54 -8.15
N GLY A 20 2.97 9.07 -8.05
CA GLY A 20 2.64 10.29 -8.79
C GLY A 20 1.38 10.14 -9.63
N VAL A 21 1.02 8.89 -9.93
CA VAL A 21 -0.15 8.62 -10.73
C VAL A 21 -1.43 9.11 -10.04
N ASP A 22 -2.58 8.82 -10.63
CA ASP A 22 -3.86 9.23 -10.07
C ASP A 22 -4.50 8.09 -9.28
N GLU A 23 -5.12 8.43 -8.16
CA GLU A 23 -5.77 7.44 -7.31
C GLU A 23 -6.83 6.67 -8.10
N ALA A 24 -7.33 7.29 -9.17
CA ALA A 24 -8.35 6.66 -10.00
C ALA A 24 -7.72 5.69 -11.00
N GLU A 25 -6.44 5.92 -11.31
CA GLU A 25 -5.73 5.06 -12.25
C GLU A 25 -5.25 3.79 -11.56
N VAL A 26 -4.73 3.93 -10.35
CA VAL A 26 -4.23 2.79 -9.59
C VAL A 26 -5.27 1.68 -9.52
N LYS A 27 -4.80 0.44 -9.48
CA LYS A 27 -5.69 -0.71 -9.40
C LYS A 27 -5.44 -1.52 -8.13
N ASN A 28 -6.52 -1.85 -7.42
CA ASN A 28 -6.41 -2.62 -6.19
C ASN A 28 -5.83 -4.00 -6.46
N GLU A 29 -6.35 -4.67 -7.49
CA GLU A 29 -5.89 -6.00 -7.85
C GLU A 29 -4.71 -5.92 -8.82
N ALA A 30 -3.64 -5.26 -8.38
CA ALA A 30 -2.44 -5.12 -9.20
C ALA A 30 -1.18 -5.16 -8.34
N SER A 31 -0.03 -5.03 -8.98
CA SER A 31 1.26 -5.05 -8.28
C SER A 31 1.99 -3.72 -8.45
N PHE A 32 2.95 -3.46 -7.57
CA PHE A 32 3.72 -2.23 -7.63
C PHE A 32 4.76 -2.29 -8.74
N VAL A 33 5.00 -3.50 -9.25
CA VAL A 33 5.97 -3.69 -10.33
C VAL A 33 5.30 -4.31 -11.57
N ASP A 34 3.99 -4.52 -11.48
CA ASP A 34 3.24 -5.09 -12.59
C ASP A 34 2.37 -4.03 -13.26
N ASP A 35 1.42 -3.50 -12.53
CA ASP A 35 0.52 -2.48 -13.05
C ASP A 35 1.25 -1.15 -13.25
N LEU A 36 2.03 -0.77 -12.25
CA LEU A 36 2.79 0.48 -12.30
C LEU A 36 4.18 0.25 -12.88
N GLY A 37 4.68 -0.97 -12.71
CA GLY A 37 6.01 -1.31 -13.23
C GLY A 37 7.11 -0.53 -12.53
N ALA A 38 7.01 -0.39 -11.22
CA ALA A 38 8.00 0.34 -10.44
C ALA A 38 9.12 -0.59 -9.98
N ASP A 39 10.14 -0.01 -9.35
CA ASP A 39 11.27 -0.79 -8.86
C ASP A 39 11.05 -1.21 -7.41
N SER A 40 12.06 -1.86 -6.83
CA SER A 40 11.98 -2.33 -5.45
C SER A 40 11.77 -1.15 -4.49
N LEU A 41 12.42 -0.04 -4.78
CA LEU A 41 12.32 1.15 -3.95
C LEU A 41 10.86 1.53 -3.74
N ASP A 42 10.04 1.30 -4.75
CA ASP A 42 8.61 1.62 -4.68
C ASP A 42 7.91 0.76 -3.62
N THR A 43 8.02 -0.56 -3.77
CA THR A 43 7.40 -1.49 -2.84
C THR A 43 7.79 -1.15 -1.40
N VAL A 44 9.09 -1.04 -1.16
CA VAL A 44 9.59 -0.73 0.18
C VAL A 44 9.02 0.59 0.68
N GLU A 45 8.92 1.57 -0.20
CA GLU A 45 8.39 2.88 0.15
C GLU A 45 6.97 2.76 0.71
N LEU A 46 6.14 1.99 0.03
CA LEU A 46 4.76 1.78 0.47
C LEU A 46 4.71 1.11 1.84
N VAL A 47 5.48 0.04 1.99
CA VAL A 47 5.52 -0.69 3.25
C VAL A 47 5.80 0.25 4.42
N MET A 48 6.78 1.12 4.25
CA MET A 48 7.14 2.08 5.30
C MET A 48 5.97 3.01 5.60
N ALA A 49 5.39 3.59 4.54
CA ALA A 49 4.27 4.51 4.70
C ALA A 49 3.14 3.87 5.51
N LEU A 50 2.99 2.55 5.36
CA LEU A 50 1.95 1.82 6.08
C LEU A 50 2.29 1.71 7.56
N GLU A 51 3.50 1.27 7.86
CA GLU A 51 3.94 1.11 9.24
C GLU A 51 4.19 2.47 9.88
N GLU A 52 4.15 3.52 9.07
CA GLU A 52 4.36 4.88 9.55
C GLU A 52 3.03 5.59 9.79
N GLU A 53 2.13 5.48 8.82
CA GLU A 53 0.82 6.12 8.92
C GLU A 53 -0.16 5.22 9.66
N PHE A 54 -0.30 3.98 9.20
CA PHE A 54 -1.21 3.02 9.82
C PHE A 54 -0.56 2.36 11.03
N ASP A 55 0.70 2.70 11.28
CA ASP A 55 1.44 2.14 12.40
C ASP A 55 1.34 0.62 12.42
N THR A 56 1.21 0.03 11.24
CA THR A 56 1.09 -1.42 11.11
C THR A 56 2.47 -2.09 11.19
N GLU A 57 2.52 -3.24 11.86
CA GLU A 57 3.78 -3.98 12.00
C GLU A 57 4.08 -4.77 10.74
N ILE A 58 4.82 -4.16 9.82
CA ILE A 58 5.18 -4.82 8.57
C ILE A 58 6.69 -4.95 8.44
N PRO A 59 7.26 -5.98 9.07
CA PRO A 59 8.70 -6.23 9.04
C PRO A 59 9.17 -6.69 7.66
N ASP A 60 10.42 -7.14 7.59
CA ASP A 60 11.00 -7.60 6.33
C ASP A 60 10.14 -8.71 5.72
N GLU A 61 9.83 -9.72 6.52
CA GLU A 61 9.02 -10.84 6.05
C GLU A 61 7.70 -10.35 5.45
N GLU A 62 6.89 -9.72 6.29
CA GLU A 62 5.59 -9.20 5.84
C GLU A 62 5.78 -8.21 4.69
N ALA A 63 6.97 -7.62 4.60
CA ALA A 63 7.27 -6.67 3.54
C ALA A 63 7.51 -7.38 2.22
N GLU A 64 8.01 -8.60 2.28
CA GLU A 64 8.29 -9.39 1.09
C GLU A 64 7.00 -9.95 0.50
N LYS A 65 6.05 -10.28 1.37
CA LYS A 65 4.77 -10.84 0.93
C LYS A 65 3.83 -9.72 0.47
N ILE A 66 3.96 -8.55 1.06
CA ILE A 66 3.12 -7.42 0.71
C ILE A 66 3.78 -6.56 -0.37
N THR A 67 3.61 -6.98 -1.63
CA THR A 67 4.19 -6.25 -2.75
C THR A 67 3.12 -5.85 -3.76
N THR A 68 1.87 -5.82 -3.29
CA THR A 68 0.75 -5.45 -4.16
C THR A 68 -0.25 -4.57 -3.40
N VAL A 69 -1.03 -3.80 -4.13
CA VAL A 69 -2.03 -2.91 -3.54
C VAL A 69 -2.99 -3.70 -2.66
N GLN A 70 -3.71 -4.64 -3.26
CA GLN A 70 -4.67 -5.46 -2.53
C GLN A 70 -4.03 -6.05 -1.29
N ALA A 71 -2.80 -6.53 -1.43
CA ALA A 71 -2.08 -7.14 -0.33
C ALA A 71 -1.82 -6.13 0.78
N ALA A 72 -1.37 -4.94 0.39
CA ALA A 72 -1.08 -3.87 1.35
C ALA A 72 -2.35 -3.40 2.04
N ILE A 73 -3.34 -2.98 1.24
CA ILE A 73 -4.61 -2.51 1.79
C ILE A 73 -5.25 -3.56 2.68
N ASP A 74 -5.07 -4.82 2.33
CA ASP A 74 -5.63 -5.93 3.11
C ASP A 74 -4.90 -6.07 4.44
N TYR A 75 -3.58 -5.86 4.42
CA TYR A 75 -2.77 -5.98 5.63
C TYR A 75 -3.17 -4.92 6.65
N VAL A 76 -3.06 -3.66 6.26
CA VAL A 76 -3.41 -2.56 7.15
C VAL A 76 -4.86 -2.65 7.59
N ASN A 77 -5.74 -3.02 6.67
CA ASN A 77 -7.17 -3.14 6.97
C ASN A 77 -7.41 -4.27 7.96
N SER A 78 -6.56 -5.30 7.90
CA SER A 78 -6.69 -6.45 8.80
C SER A 78 -6.00 -6.18 10.13
N HIS A 79 -5.00 -5.30 10.11
CA HIS A 79 -4.26 -4.96 11.31
C HIS A 79 -4.86 -3.72 11.98
N GLN A 80 -6.13 -3.81 12.34
CA GLN A 80 -6.82 -2.70 12.99
C GLN A 80 -6.49 -2.64 14.47
N GLY A 1 -13.14 1.67 15.62
CA GLY A 1 -12.80 0.92 14.43
C GLY A 1 -12.78 1.78 13.18
N ILE A 2 -12.72 1.13 12.02
CA ILE A 2 -12.70 1.84 10.75
C ILE A 2 -13.82 1.37 9.83
N PRO A 3 -14.57 2.33 9.27
CA PRO A 3 -15.68 2.03 8.36
C PRO A 3 -15.20 1.47 7.02
N LEU A 4 -13.90 1.29 6.90
CA LEU A 4 -13.31 0.76 5.67
C LEU A 4 -13.45 1.75 4.52
N SER A 5 -13.65 3.02 4.87
CA SER A 5 -13.80 4.08 3.87
C SER A 5 -12.66 5.09 3.97
N ASN A 6 -12.05 5.16 5.15
CA ASN A 6 -10.95 6.08 5.38
C ASN A 6 -9.64 5.51 4.85
N ILE A 7 -9.40 4.24 5.12
CA ILE A 7 -8.19 3.57 4.67
C ILE A 7 -7.98 3.76 3.17
N GLU A 8 -9.04 3.53 2.40
CA GLU A 8 -8.97 3.68 0.94
C GLU A 8 -8.37 5.04 0.57
N GLU A 9 -8.86 6.10 1.21
CA GLU A 9 -8.37 7.44 0.94
C GLU A 9 -6.91 7.58 1.34
N ARG A 10 -6.56 7.07 2.51
CA ARG A 10 -5.19 7.14 3.01
C ARG A 10 -4.24 6.40 2.07
N VAL A 11 -4.47 5.10 1.90
CA VAL A 11 -3.63 4.28 1.03
C VAL A 11 -3.43 4.96 -0.33
N LYS A 12 -4.53 5.40 -0.92
CA LYS A 12 -4.48 6.07 -2.23
C LYS A 12 -3.63 7.33 -2.16
N LYS A 13 -3.82 8.11 -1.10
CA LYS A 13 -3.07 9.35 -0.91
C LYS A 13 -1.57 9.08 -0.98
N ILE A 14 -1.13 7.99 -0.36
CA ILE A 14 0.28 7.62 -0.35
C ILE A 14 0.76 7.26 -1.75
N ILE A 15 0.07 6.31 -2.38
CA ILE A 15 0.42 5.86 -3.71
C ILE A 15 0.38 7.02 -4.71
N VAL A 16 -0.50 7.98 -4.44
CA VAL A 16 -0.64 9.15 -5.31
C VAL A 16 0.39 10.22 -4.97
N GLU A 17 0.85 10.22 -3.72
CA GLU A 17 1.84 11.19 -3.27
C GLU A 17 3.25 10.67 -3.50
N GLN A 18 3.37 9.38 -3.79
CA GLN A 18 4.67 8.76 -4.03
C GLN A 18 4.86 8.46 -5.51
N LEU A 19 3.93 7.68 -6.07
CA LEU A 19 3.99 7.31 -7.49
C LEU A 19 3.48 8.45 -8.37
N GLY A 20 2.57 9.24 -7.82
CA GLY A 20 2.01 10.36 -8.57
C GLY A 20 0.70 10.00 -9.26
N VAL A 21 0.49 8.70 -9.47
CA VAL A 21 -0.72 8.22 -10.12
C VAL A 21 -1.97 8.75 -9.42
N ASP A 22 -3.10 8.69 -10.11
CA ASP A 22 -4.36 9.15 -9.55
C ASP A 22 -5.04 8.06 -8.74
N GLU A 23 -5.73 8.45 -7.66
CA GLU A 23 -6.42 7.49 -6.81
C GLU A 23 -7.43 6.67 -7.62
N ALA A 24 -7.87 7.23 -8.74
CA ALA A 24 -8.83 6.55 -9.60
C ALA A 24 -8.13 5.61 -10.58
N GLU A 25 -7.01 6.09 -11.15
CA GLU A 25 -6.26 5.29 -12.11
C GLU A 25 -5.62 4.08 -11.42
N VAL A 26 -5.13 4.29 -10.21
CA VAL A 26 -4.49 3.21 -9.46
C VAL A 26 -5.40 1.99 -9.39
N LYS A 27 -4.79 0.80 -9.51
CA LYS A 27 -5.53 -0.44 -9.47
C LYS A 27 -5.31 -1.16 -8.14
N ASN A 28 -6.39 -1.65 -7.54
CA ASN A 28 -6.31 -2.36 -6.27
C ASN A 28 -5.81 -3.79 -6.47
N GLU A 29 -6.21 -4.38 -7.59
CA GLU A 29 -5.80 -5.76 -7.91
C GLU A 29 -4.54 -5.77 -8.76
N ALA A 30 -3.59 -4.91 -8.41
CA ALA A 30 -2.33 -4.82 -9.14
C ALA A 30 -1.15 -4.71 -8.19
N SER A 31 0.04 -5.07 -8.68
CA SER A 31 1.24 -5.01 -7.87
C SER A 31 1.96 -3.67 -8.05
N PHE A 32 3.15 -3.57 -7.49
CA PHE A 32 3.93 -2.34 -7.59
C PHE A 32 4.99 -2.44 -8.68
N VAL A 33 5.43 -3.68 -8.95
CA VAL A 33 6.45 -3.92 -9.97
C VAL A 33 5.91 -4.86 -11.06
N ASP A 34 5.07 -5.81 -10.64
CA ASP A 34 4.49 -6.77 -11.57
C ASP A 34 3.44 -6.11 -12.46
N ASP A 35 2.86 -5.02 -11.96
CA ASP A 35 1.84 -4.29 -12.70
C ASP A 35 2.32 -2.89 -13.07
N LEU A 36 2.36 -2.01 -12.08
CA LEU A 36 2.81 -0.63 -12.31
C LEU A 36 4.17 -0.61 -13.01
N GLY A 37 4.97 -1.64 -12.76
CA GLY A 37 6.28 -1.72 -13.38
C GLY A 37 7.28 -0.79 -12.72
N ALA A 38 7.17 -0.63 -11.40
CA ALA A 38 8.07 0.24 -10.67
C ALA A 38 9.33 -0.51 -10.23
N ASP A 39 10.17 0.15 -9.45
CA ASP A 39 11.40 -0.46 -8.96
C ASP A 39 11.28 -0.85 -7.49
N SER A 40 12.27 -1.57 -6.99
CA SER A 40 12.27 -2.01 -5.60
C SER A 40 12.08 -0.84 -4.65
N LEU A 41 12.62 0.31 -5.04
CA LEU A 41 12.52 1.52 -4.22
C LEU A 41 11.05 1.88 -3.98
N ASP A 42 10.23 1.72 -5.00
CA ASP A 42 8.81 2.03 -4.89
C ASP A 42 8.14 1.17 -3.83
N THR A 43 8.25 -0.16 -3.99
CA THR A 43 7.65 -1.09 -3.05
C THR A 43 8.05 -0.75 -1.61
N VAL A 44 9.35 -0.61 -1.38
CA VAL A 44 9.85 -0.28 -0.05
C VAL A 44 9.24 1.01 0.47
N GLU A 45 9.06 1.98 -0.43
CA GLU A 45 8.48 3.26 -0.06
C GLU A 45 7.06 3.09 0.49
N LEU A 46 6.28 2.27 -0.19
CA LEU A 46 4.90 2.01 0.22
C LEU A 46 4.87 1.25 1.55
N VAL A 47 5.63 0.17 1.62
CA VAL A 47 5.69 -0.65 2.83
C VAL A 47 5.96 0.22 4.06
N MET A 48 6.90 1.16 3.91
CA MET A 48 7.25 2.05 5.01
C MET A 48 6.11 3.03 5.31
N ALA A 49 5.49 3.55 4.26
CA ALA A 49 4.39 4.49 4.41
C ALA A 49 3.22 3.86 5.15
N LEU A 50 3.12 2.55 5.06
CA LEU A 50 2.05 1.81 5.73
C LEU A 50 2.39 1.54 7.19
N GLU A 51 3.58 0.99 7.42
CA GLU A 51 4.03 0.69 8.77
C GLU A 51 4.29 1.97 9.56
N GLU A 52 4.32 3.10 8.85
CA GLU A 52 4.57 4.39 9.48
C GLU A 52 3.26 5.15 9.69
N GLU A 53 2.45 5.22 8.64
CA GLU A 53 1.17 5.93 8.70
C GLU A 53 0.13 5.09 9.42
N PHE A 54 -0.03 3.84 8.98
CA PHE A 54 -1.00 2.93 9.58
C PHE A 54 -0.40 2.22 10.79
N ASP A 55 0.87 2.51 11.07
CA ASP A 55 1.57 1.90 12.20
C ASP A 55 1.40 0.38 12.18
N THR A 56 1.43 -0.19 10.97
CA THR A 56 1.28 -1.64 10.82
C THR A 56 2.63 -2.34 10.89
N GLU A 57 2.71 -3.37 11.73
CA GLU A 57 3.95 -4.11 11.90
C GLU A 57 4.26 -4.94 10.65
N ILE A 58 4.89 -4.30 9.67
CA ILE A 58 5.23 -4.98 8.42
C ILE A 58 6.75 -5.15 8.31
N PRO A 59 7.29 -6.16 9.00
CA PRO A 59 8.72 -6.45 8.98
C PRO A 59 9.18 -7.01 7.65
N ASP A 60 10.42 -7.49 7.61
CA ASP A 60 10.98 -8.06 6.38
C ASP A 60 10.10 -9.19 5.86
N GLU A 61 9.64 -10.04 6.77
CA GLU A 61 8.79 -11.16 6.40
C GLU A 61 7.52 -10.68 5.69
N GLU A 62 6.72 -9.90 6.39
CA GLU A 62 5.48 -9.37 5.83
C GLU A 62 5.77 -8.42 4.67
N ALA A 63 7.02 -8.00 4.56
CA ALA A 63 7.43 -7.09 3.50
C ALA A 63 7.66 -7.85 2.19
N GLU A 64 8.11 -9.09 2.30
CA GLU A 64 8.38 -9.91 1.13
C GLU A 64 7.08 -10.45 0.54
N LYS A 65 6.02 -10.42 1.34
CA LYS A 65 4.71 -10.90 0.90
C LYS A 65 3.82 -9.74 0.46
N ILE A 66 3.96 -8.61 1.14
CA ILE A 66 3.17 -7.42 0.82
C ILE A 66 3.85 -6.59 -0.26
N THR A 67 3.64 -6.96 -1.52
CA THR A 67 4.24 -6.24 -2.64
C THR A 67 3.19 -5.83 -3.65
N THR A 68 1.93 -5.73 -3.19
CA THR A 68 0.83 -5.33 -4.06
C THR A 68 -0.18 -4.49 -3.30
N VAL A 69 -1.00 -3.75 -4.05
CA VAL A 69 -2.02 -2.90 -3.45
C VAL A 69 -3.01 -3.72 -2.64
N GLN A 70 -3.70 -4.65 -3.29
CA GLN A 70 -4.67 -5.49 -2.62
C GLN A 70 -4.07 -6.13 -1.37
N ALA A 71 -2.80 -6.51 -1.46
CA ALA A 71 -2.11 -7.12 -0.33
C ALA A 71 -1.92 -6.13 0.81
N ALA A 72 -1.40 -4.95 0.48
CA ALA A 72 -1.17 -3.92 1.48
C ALA A 72 -2.48 -3.47 2.13
N ILE A 73 -3.45 -3.10 1.29
CA ILE A 73 -4.75 -2.65 1.78
C ILE A 73 -5.42 -3.74 2.62
N ASP A 74 -5.22 -5.00 2.24
CA ASP A 74 -5.80 -6.12 2.96
C ASP A 74 -5.17 -6.26 4.34
N TYR A 75 -3.87 -6.00 4.42
CA TYR A 75 -3.15 -6.11 5.68
C TYR A 75 -3.61 -5.04 6.66
N VAL A 76 -3.34 -3.78 6.32
CA VAL A 76 -3.74 -2.65 7.16
C VAL A 76 -5.21 -2.74 7.55
N ASN A 77 -6.04 -3.14 6.61
CA ASN A 77 -7.48 -3.27 6.85
C ASN A 77 -7.75 -4.37 7.88
N SER A 78 -7.05 -5.49 7.74
CA SER A 78 -7.23 -6.62 8.65
C SER A 78 -6.61 -6.31 10.01
N HIS A 79 -5.67 -5.38 10.03
CA HIS A 79 -5.01 -5.00 11.27
C HIS A 79 -5.41 -3.58 11.70
N GLN A 80 -6.67 -3.43 12.07
CA GLN A 80 -7.18 -2.13 12.49
C GLN A 80 -6.38 -1.58 13.67
N GLY A 1 -13.20 -0.24 14.69
CA GLY A 1 -13.22 1.18 14.96
C GLY A 1 -13.02 2.03 13.72
N ILE A 2 -12.33 1.46 12.73
CA ILE A 2 -12.07 2.16 11.48
C ILE A 2 -12.99 1.67 10.37
N PRO A 3 -13.59 2.63 9.63
CA PRO A 3 -14.50 2.31 8.53
C PRO A 3 -13.78 1.71 7.34
N LEU A 4 -14.54 1.36 6.30
CA LEU A 4 -13.97 0.77 5.10
C LEU A 4 -13.75 1.83 4.02
N SER A 5 -13.52 3.07 4.46
CA SER A 5 -13.30 4.17 3.54
C SER A 5 -12.05 4.97 3.93
N ASN A 6 -11.98 5.36 5.19
CA ASN A 6 -10.84 6.11 5.69
C ASN A 6 -9.53 5.44 5.32
N ILE A 7 -9.52 4.12 5.32
CA ILE A 7 -8.32 3.36 4.97
C ILE A 7 -8.04 3.45 3.47
N GLU A 8 -9.07 3.24 2.67
CA GLU A 8 -8.93 3.30 1.22
C GLU A 8 -8.42 4.67 0.78
N GLU A 9 -9.03 5.72 1.31
CA GLU A 9 -8.65 7.09 0.96
C GLU A 9 -7.22 7.37 1.42
N ARG A 10 -6.86 6.87 2.60
CA ARG A 10 -5.53 7.07 3.15
C ARG A 10 -4.48 6.34 2.31
N VAL A 11 -4.64 5.04 2.17
CA VAL A 11 -3.71 4.22 1.40
C VAL A 11 -3.46 4.84 0.03
N LYS A 12 -4.52 4.97 -0.76
CA LYS A 12 -4.41 5.54 -2.09
C LYS A 12 -3.66 6.87 -2.06
N LYS A 13 -4.03 7.73 -1.12
CA LYS A 13 -3.40 9.03 -0.99
C LYS A 13 -1.88 8.89 -0.96
N ILE A 14 -1.38 8.12 -0.01
CA ILE A 14 0.06 7.90 0.14
C ILE A 14 0.67 7.44 -1.19
N ILE A 15 0.15 6.34 -1.72
CA ILE A 15 0.64 5.80 -2.99
C ILE A 15 0.63 6.86 -4.08
N VAL A 16 -0.35 7.77 -4.01
CA VAL A 16 -0.46 8.84 -5.00
C VAL A 16 0.58 9.92 -4.76
N GLU A 17 1.01 10.06 -3.51
CA GLU A 17 2.01 11.06 -3.16
C GLU A 17 3.42 10.57 -3.50
N GLN A 18 3.60 9.25 -3.51
CA GLN A 18 4.89 8.66 -3.83
C GLN A 18 5.09 8.55 -5.33
N LEU A 19 4.20 7.81 -6.00
CA LEU A 19 4.28 7.62 -7.44
C LEU A 19 3.92 8.91 -8.17
N GLY A 20 3.08 9.73 -7.54
CA GLY A 20 2.67 10.98 -8.15
C GLY A 20 1.73 10.78 -9.32
N VAL A 21 1.17 9.58 -9.42
CA VAL A 21 0.24 9.26 -10.51
C VAL A 21 -1.20 9.55 -10.09
N ASP A 22 -2.13 9.29 -11.01
CA ASP A 22 -3.54 9.53 -10.75
C ASP A 22 -4.12 8.41 -9.88
N GLU A 23 -4.79 8.79 -8.80
CA GLU A 23 -5.39 7.83 -7.89
C GLU A 23 -6.29 6.85 -8.66
N ALA A 24 -6.86 7.31 -9.76
CA ALA A 24 -7.73 6.48 -10.58
C ALA A 24 -6.96 5.33 -11.22
N GLU A 25 -5.78 5.64 -11.73
CA GLU A 25 -4.94 4.63 -12.37
C GLU A 25 -4.62 3.49 -11.39
N VAL A 26 -4.12 3.85 -10.22
CA VAL A 26 -3.78 2.86 -9.20
C VAL A 26 -4.94 1.92 -8.94
N LYS A 27 -4.82 0.69 -9.42
CA LYS A 27 -5.85 -0.32 -9.25
C LYS A 27 -5.55 -1.21 -8.04
N ASN A 28 -6.59 -1.60 -7.32
CA ASN A 28 -6.43 -2.44 -6.15
C ASN A 28 -5.86 -3.80 -6.53
N GLU A 29 -6.15 -4.25 -7.75
CA GLU A 29 -5.67 -5.52 -8.25
C GLU A 29 -4.42 -5.34 -9.11
N ALA A 30 -3.65 -4.30 -8.81
CA ALA A 30 -2.43 -4.02 -9.56
C ALA A 30 -1.21 -4.08 -8.65
N SER A 31 -0.11 -4.61 -9.17
CA SER A 31 1.12 -4.73 -8.41
C SER A 31 2.00 -3.49 -8.59
N PHE A 32 3.01 -3.37 -7.75
CA PHE A 32 3.92 -2.23 -7.80
C PHE A 32 5.02 -2.46 -8.84
N VAL A 33 5.37 -3.73 -9.04
CA VAL A 33 6.41 -4.09 -10.00
C VAL A 33 5.87 -5.02 -11.08
N ASP A 34 4.91 -5.87 -10.69
CA ASP A 34 4.30 -6.81 -11.62
C ASP A 34 3.40 -6.10 -12.61
N ASP A 35 2.84 -4.96 -12.19
CA ASP A 35 1.95 -4.18 -13.04
C ASP A 35 2.59 -2.84 -13.39
N LEU A 36 2.60 -1.92 -12.42
CA LEU A 36 3.17 -0.60 -12.64
C LEU A 36 4.61 -0.70 -13.13
N GLY A 37 5.28 -1.79 -12.77
CA GLY A 37 6.66 -1.99 -13.19
C GLY A 37 7.55 -0.81 -12.84
N ALA A 38 7.45 -0.33 -11.60
CA ALA A 38 8.24 0.80 -11.16
C ALA A 38 9.64 0.37 -10.75
N ASP A 39 9.76 -0.16 -9.53
CA ASP A 39 11.05 -0.61 -9.02
C ASP A 39 10.90 -1.14 -7.59
N SER A 40 12.02 -1.60 -7.03
CA SER A 40 12.02 -2.13 -5.66
C SER A 40 11.82 -1.01 -4.64
N LEU A 41 12.50 0.10 -4.86
CA LEU A 41 12.40 1.24 -3.96
C LEU A 41 10.94 1.65 -3.75
N ASP A 42 10.13 1.46 -4.78
CA ASP A 42 8.72 1.81 -4.72
C ASP A 42 7.98 0.92 -3.72
N THR A 43 8.08 -0.40 -3.92
CA THR A 43 7.43 -1.35 -3.04
C THR A 43 7.78 -1.09 -1.59
N VAL A 44 9.07 -1.05 -1.29
CA VAL A 44 9.53 -0.81 0.07
C VAL A 44 9.01 0.52 0.59
N GLU A 45 8.93 1.51 -0.28
CA GLU A 45 8.44 2.84 0.10
C GLU A 45 7.01 2.75 0.64
N LEU A 46 6.17 2.00 -0.05
CA LEU A 46 4.78 1.83 0.37
C LEU A 46 4.69 1.12 1.72
N VAL A 47 5.38 -0.02 1.82
CA VAL A 47 5.39 -0.80 3.05
C VAL A 47 5.71 0.09 4.26
N MET A 48 6.71 0.95 4.10
CA MET A 48 7.11 1.85 5.17
C MET A 48 6.02 2.88 5.47
N ALA A 49 5.42 3.40 4.40
CA ALA A 49 4.36 4.39 4.54
C ALA A 49 3.20 3.84 5.38
N LEU A 50 2.99 2.54 5.29
CA LEU A 50 1.91 1.89 6.03
C LEU A 50 2.30 1.68 7.49
N GLU A 51 3.39 0.97 7.71
CA GLU A 51 3.86 0.71 9.08
C GLU A 51 4.16 2.01 9.80
N GLU A 52 4.34 3.09 9.05
CA GLU A 52 4.62 4.40 9.62
C GLU A 52 3.34 5.18 9.86
N GLU A 53 2.61 5.45 8.77
CA GLU A 53 1.37 6.19 8.85
C GLU A 53 0.33 5.44 9.67
N PHE A 54 0.01 4.22 9.22
CA PHE A 54 -0.97 3.39 9.91
C PHE A 54 -0.38 2.80 11.20
N ASP A 55 0.92 3.00 11.38
CA ASP A 55 1.61 2.49 12.56
C ASP A 55 1.55 0.96 12.60
N THR A 56 1.43 0.36 11.43
CA THR A 56 1.35 -1.10 11.33
C THR A 56 2.73 -1.73 11.46
N GLU A 57 2.78 -3.06 11.49
CA GLU A 57 4.05 -3.78 11.61
C GLU A 57 4.28 -4.65 10.39
N ILE A 58 4.92 -4.08 9.37
CA ILE A 58 5.21 -4.81 8.14
C ILE A 58 6.71 -4.91 7.91
N PRO A 59 7.36 -5.83 8.64
CA PRO A 59 8.81 -6.05 8.53
C PRO A 59 9.20 -6.70 7.22
N ASP A 60 10.44 -7.13 7.12
CA ASP A 60 10.94 -7.76 5.90
C ASP A 60 10.03 -8.92 5.49
N GLU A 61 9.71 -9.78 6.45
CA GLU A 61 8.85 -10.93 6.18
C GLU A 61 7.54 -10.49 5.53
N GLU A 62 6.71 -9.80 6.30
CA GLU A 62 5.42 -9.32 5.81
C GLU A 62 5.60 -8.55 4.51
N ALA A 63 6.68 -7.79 4.41
CA ALA A 63 6.96 -7.00 3.22
C ALA A 63 6.96 -7.87 1.97
N GLU A 64 7.65 -9.01 2.06
CA GLU A 64 7.73 -9.93 0.93
C GLU A 64 6.33 -10.34 0.46
N LYS A 65 5.36 -10.26 1.36
CA LYS A 65 3.98 -10.61 1.03
C LYS A 65 3.27 -9.46 0.33
N ILE A 66 3.44 -8.26 0.87
CA ILE A 66 2.82 -7.07 0.29
C ILE A 66 3.57 -6.62 -0.96
N THR A 67 3.06 -7.03 -2.12
CA THR A 67 3.68 -6.67 -3.39
C THR A 67 2.73 -5.84 -4.25
N THR A 68 1.44 -5.96 -3.97
CA THR A 68 0.42 -5.23 -4.72
C THR A 68 -0.46 -4.40 -3.78
N VAL A 69 -1.45 -3.73 -4.35
CA VAL A 69 -2.37 -2.91 -3.57
C VAL A 69 -3.29 -3.77 -2.71
N GLN A 70 -3.89 -4.78 -3.33
CA GLN A 70 -4.80 -5.68 -2.63
C GLN A 70 -4.13 -6.25 -1.38
N ALA A 71 -2.89 -6.69 -1.52
CA ALA A 71 -2.15 -7.26 -0.40
C ALA A 71 -1.98 -6.22 0.71
N ALA A 72 -1.63 -5.00 0.33
CA ALA A 72 -1.44 -3.93 1.30
C ALA A 72 -2.76 -3.55 1.98
N ILE A 73 -3.73 -3.12 1.18
CA ILE A 73 -5.03 -2.73 1.70
C ILE A 73 -5.61 -3.81 2.59
N ASP A 74 -5.28 -5.07 2.28
CA ASP A 74 -5.76 -6.20 3.07
C ASP A 74 -5.08 -6.26 4.42
N TYR A 75 -3.76 -6.23 4.41
CA TYR A 75 -2.98 -6.28 5.65
C TYR A 75 -3.45 -5.21 6.64
N VAL A 76 -3.46 -3.97 6.20
CA VAL A 76 -3.88 -2.86 7.04
C VAL A 76 -5.33 -3.04 7.49
N ASN A 77 -6.21 -3.31 6.53
CA ASN A 77 -7.63 -3.51 6.83
C ASN A 77 -7.82 -4.63 7.86
N SER A 78 -6.87 -5.55 7.89
CA SER A 78 -6.93 -6.67 8.81
C SER A 78 -6.28 -6.31 10.14
N HIS A 79 -5.28 -5.44 10.10
CA HIS A 79 -4.59 -5.02 11.30
C HIS A 79 -5.26 -3.79 11.92
N GLN A 80 -6.55 -3.91 12.21
CA GLN A 80 -7.30 -2.81 12.79
C GLN A 80 -6.72 -2.42 14.15
N GLY A 1 -10.87 -1.47 14.41
CA GLY A 1 -10.48 -0.07 14.42
C GLY A 1 -10.51 0.54 13.03
N ILE A 2 -11.07 1.74 12.91
CA ILE A 2 -11.15 2.43 11.63
C ILE A 2 -12.03 1.67 10.65
N PRO A 3 -12.95 2.39 9.99
CA PRO A 3 -13.87 1.80 9.01
C PRO A 3 -13.16 1.37 7.74
N LEU A 4 -13.93 0.85 6.79
CA LEU A 4 -13.37 0.40 5.52
C LEU A 4 -13.48 1.49 4.45
N SER A 5 -13.35 2.73 4.87
CA SER A 5 -13.44 3.87 3.96
C SER A 5 -12.25 4.81 4.14
N ASN A 6 -11.84 5.01 5.39
CA ASN A 6 -10.73 5.89 5.69
C ASN A 6 -9.42 5.31 5.15
N ILE A 7 -9.13 4.07 5.52
CA ILE A 7 -7.92 3.40 5.05
C ILE A 7 -7.78 3.50 3.54
N GLU A 8 -8.91 3.41 2.85
CA GLU A 8 -8.91 3.48 1.38
C GLU A 8 -8.35 4.81 0.90
N GLU A 9 -8.94 5.91 1.37
CA GLU A 9 -8.50 7.24 0.99
C GLU A 9 -7.04 7.47 1.39
N ARG A 10 -6.67 6.95 2.56
CA ARG A 10 -5.30 7.10 3.06
C ARG A 10 -4.32 6.36 2.17
N VAL A 11 -4.45 5.02 2.13
CA VAL A 11 -3.57 4.20 1.32
C VAL A 11 -3.47 4.73 -0.10
N LYS A 12 -4.55 5.34 -0.58
CA LYS A 12 -4.58 5.89 -1.92
C LYS A 12 -3.67 7.11 -2.04
N LYS A 13 -3.80 8.04 -1.09
CA LYS A 13 -2.99 9.25 -1.09
C LYS A 13 -1.51 8.90 -1.08
N ILE A 14 -1.13 7.95 -0.23
CA ILE A 14 0.26 7.52 -0.14
C ILE A 14 0.76 6.97 -1.46
N ILE A 15 0.10 5.93 -1.95
CA ILE A 15 0.48 5.31 -3.21
C ILE A 15 0.60 6.34 -4.32
N VAL A 16 -0.21 7.40 -4.22
CA VAL A 16 -0.20 8.47 -5.22
C VAL A 16 0.93 9.44 -4.97
N GLU A 17 1.28 9.61 -3.69
CA GLU A 17 2.36 10.54 -3.31
C GLU A 17 3.72 9.86 -3.48
N GLN A 18 3.72 8.55 -3.58
CA GLN A 18 4.96 7.78 -3.74
C GLN A 18 5.22 7.49 -5.21
N LEU A 19 4.17 7.17 -5.95
CA LEU A 19 4.29 6.86 -7.37
C LEU A 19 4.13 8.12 -8.21
N GLY A 20 3.38 9.09 -7.69
CA GLY A 20 3.17 10.33 -8.42
C GLY A 20 2.20 10.16 -9.57
N VAL A 21 1.42 9.10 -9.54
CA VAL A 21 0.44 8.83 -10.59
C VAL A 21 -0.97 9.20 -10.14
N ASP A 22 -1.94 8.98 -11.03
CA ASP A 22 -3.33 9.29 -10.73
C ASP A 22 -3.95 8.21 -9.86
N GLU A 23 -4.63 8.62 -8.79
CA GLU A 23 -5.28 7.68 -7.89
C GLU A 23 -6.21 6.75 -8.64
N ALA A 24 -6.74 7.23 -9.76
CA ALA A 24 -7.65 6.43 -10.58
C ALA A 24 -6.92 5.24 -11.21
N GLU A 25 -5.74 5.50 -11.73
CA GLU A 25 -4.94 4.45 -12.37
C GLU A 25 -4.61 3.34 -11.38
N VAL A 26 -4.50 3.70 -10.11
CA VAL A 26 -4.18 2.75 -9.05
C VAL A 26 -5.24 1.64 -8.99
N LYS A 27 -4.91 0.49 -9.56
CA LYS A 27 -5.82 -0.65 -9.57
C LYS A 27 -5.61 -1.53 -8.34
N ASN A 28 -6.69 -1.81 -7.62
CA ASN A 28 -6.62 -2.64 -6.42
C ASN A 28 -5.97 -3.98 -6.73
N GLU A 29 -6.34 -4.57 -7.86
CA GLU A 29 -5.78 -5.86 -8.27
C GLU A 29 -4.55 -5.67 -9.14
N ALA A 30 -3.54 -4.99 -8.60
CA ALA A 30 -2.31 -4.75 -9.33
C ALA A 30 -1.13 -4.57 -8.38
N SER A 31 0.02 -5.11 -8.76
CA SER A 31 1.22 -5.01 -7.93
C SER A 31 1.94 -3.68 -8.18
N PHE A 32 2.81 -3.31 -7.24
CA PHE A 32 3.56 -2.06 -7.36
C PHE A 32 4.59 -2.15 -8.48
N VAL A 33 4.98 -3.37 -8.82
CA VAL A 33 5.96 -3.60 -9.89
C VAL A 33 5.45 -4.59 -10.91
N ASP A 34 4.93 -5.72 -10.43
CA ASP A 34 4.40 -6.75 -11.30
C ASP A 34 3.39 -6.17 -12.29
N ASP A 35 2.71 -5.11 -11.86
CA ASP A 35 1.71 -4.46 -12.71
C ASP A 35 2.16 -3.06 -13.11
N LEU A 36 2.16 -2.15 -12.15
CA LEU A 36 2.58 -0.77 -12.39
C LEU A 36 3.94 -0.73 -13.07
N GLY A 37 4.88 -1.49 -12.53
CA GLY A 37 6.22 -1.53 -13.10
C GLY A 37 7.19 -0.62 -12.36
N ALA A 38 6.85 -0.28 -11.12
CA ALA A 38 7.69 0.59 -10.31
C ALA A 38 9.00 -0.12 -9.93
N ASP A 39 9.74 0.50 -9.02
CA ASP A 39 11.02 -0.07 -8.58
C ASP A 39 10.92 -0.53 -7.12
N SER A 40 11.94 -1.25 -6.67
CA SER A 40 11.97 -1.76 -5.31
C SER A 40 11.75 -0.63 -4.30
N LEU A 41 12.39 0.50 -4.54
CA LEU A 41 12.25 1.66 -3.66
C LEU A 41 10.79 2.02 -3.45
N ASP A 42 9.98 1.82 -4.49
CA ASP A 42 8.56 2.11 -4.42
C ASP A 42 7.86 1.22 -3.40
N THR A 43 7.97 -0.09 -3.61
CA THR A 43 7.36 -1.06 -2.71
C THR A 43 7.72 -0.78 -1.26
N VAL A 44 9.03 -0.75 -0.99
CA VAL A 44 9.51 -0.48 0.37
C VAL A 44 8.94 0.81 0.92
N GLU A 45 8.85 1.83 0.07
CA GLU A 45 8.31 3.12 0.48
C GLU A 45 6.90 2.97 1.02
N LEU A 46 6.05 2.28 0.28
CA LEU A 46 4.66 2.06 0.68
C LEU A 46 4.60 1.34 2.03
N VAL A 47 5.34 0.25 2.15
CA VAL A 47 5.36 -0.53 3.38
C VAL A 47 5.63 0.37 4.59
N MET A 48 6.64 1.22 4.48
CA MET A 48 7.01 2.13 5.56
C MET A 48 5.83 3.05 5.91
N ALA A 49 5.22 3.64 4.88
CA ALA A 49 4.09 4.53 5.08
C ALA A 49 2.96 3.83 5.80
N LEU A 50 2.85 2.52 5.60
CA LEU A 50 1.81 1.72 6.23
C LEU A 50 2.09 1.53 7.72
N GLU A 51 3.35 1.25 8.04
CA GLU A 51 3.76 1.05 9.43
C GLU A 51 3.96 2.38 10.14
N GLU A 52 3.94 3.46 9.37
CA GLU A 52 4.13 4.80 9.93
C GLU A 52 2.80 5.55 10.01
N GLU A 53 1.85 5.16 9.16
CA GLU A 53 0.54 5.80 9.13
C GLU A 53 -0.51 4.88 9.74
N PHE A 54 -0.50 3.61 9.35
CA PHE A 54 -1.45 2.63 9.87
C PHE A 54 -0.85 1.84 11.03
N ASP A 55 0.39 2.16 11.38
CA ASP A 55 1.08 1.48 12.47
C ASP A 55 1.01 -0.03 12.29
N THR A 56 1.02 -0.49 11.05
CA THR A 56 0.95 -1.92 10.74
C THR A 56 2.33 -2.55 10.78
N GLU A 57 2.51 -3.52 11.65
CA GLU A 57 3.79 -4.22 11.78
C GLU A 57 4.06 -5.08 10.55
N ILE A 58 4.63 -4.47 9.52
CA ILE A 58 4.94 -5.17 8.29
C ILE A 58 6.45 -5.36 8.13
N PRO A 59 6.99 -6.42 8.73
CA PRO A 59 8.42 -6.73 8.67
C PRO A 59 8.85 -7.18 7.28
N ASP A 60 10.14 -7.47 7.13
CA ASP A 60 10.68 -7.92 5.84
C ASP A 60 9.91 -9.13 5.33
N GLU A 61 9.62 -10.06 6.22
CA GLU A 61 8.89 -11.26 5.85
C GLU A 61 7.55 -10.92 5.20
N GLU A 62 6.72 -10.18 5.92
CA GLU A 62 5.41 -9.79 5.42
C GLU A 62 5.55 -8.67 4.38
N ALA A 63 6.77 -8.19 4.19
CA ALA A 63 7.04 -7.13 3.23
C ALA A 63 7.22 -7.69 1.83
N GLU A 64 7.83 -8.87 1.75
CA GLU A 64 8.07 -9.52 0.46
C GLU A 64 6.76 -10.02 -0.14
N LYS A 65 5.77 -10.25 0.71
CA LYS A 65 4.47 -10.73 0.26
C LYS A 65 3.54 -9.56 -0.05
N ILE A 66 3.68 -8.48 0.71
CA ILE A 66 2.85 -7.29 0.50
C ILE A 66 3.49 -6.33 -0.48
N THR A 67 3.26 -6.57 -1.76
CA THR A 67 3.82 -5.71 -2.81
C THR A 67 2.75 -5.29 -3.81
N THR A 68 1.50 -5.33 -3.38
CA THR A 68 0.38 -4.96 -4.25
C THR A 68 -0.67 -4.18 -3.47
N VAL A 69 -1.48 -3.42 -4.20
CA VAL A 69 -2.54 -2.63 -3.59
C VAL A 69 -3.46 -3.49 -2.74
N GLN A 70 -4.12 -4.45 -3.37
CA GLN A 70 -5.03 -5.35 -2.68
C GLN A 70 -4.36 -5.98 -1.47
N ALA A 71 -3.11 -6.42 -1.66
CA ALA A 71 -2.36 -7.05 -0.58
C ALA A 71 -2.13 -6.07 0.57
N ALA A 72 -1.79 -4.83 0.23
CA ALA A 72 -1.55 -3.81 1.23
C ALA A 72 -2.83 -3.43 1.95
N ILE A 73 -3.82 -2.96 1.19
CA ILE A 73 -5.10 -2.56 1.75
C ILE A 73 -5.69 -3.67 2.61
N ASP A 74 -5.44 -4.91 2.23
CA ASP A 74 -5.94 -6.06 2.98
C ASP A 74 -5.21 -6.20 4.31
N TYR A 75 -3.88 -6.09 4.26
CA TYR A 75 -3.07 -6.21 5.46
C TYR A 75 -3.51 -5.21 6.53
N VAL A 76 -3.51 -3.93 6.17
CA VAL A 76 -3.91 -2.88 7.09
C VAL A 76 -5.36 -3.06 7.53
N ASN A 77 -6.21 -3.47 6.59
CA ASN A 77 -7.63 -3.68 6.88
C ASN A 77 -7.82 -4.87 7.82
N SER A 78 -6.85 -5.77 7.82
CA SER A 78 -6.91 -6.96 8.68
C SER A 78 -6.24 -6.69 10.03
N HIS A 79 -5.22 -5.83 10.02
CA HIS A 79 -4.50 -5.50 11.23
C HIS A 79 -5.08 -4.23 11.88
N GLN A 80 -6.39 -4.25 12.11
CA GLN A 80 -7.07 -3.10 12.71
C GLN A 80 -7.28 -3.33 14.20
N GLY A 1 -14.63 -2.66 12.21
CA GLY A 1 -13.48 -1.79 12.35
C GLY A 1 -13.26 -0.92 11.12
N ILE A 2 -13.28 0.40 11.32
CA ILE A 2 -13.08 1.33 10.23
C ILE A 2 -14.22 1.25 9.22
N PRO A 3 -14.76 2.42 8.84
CA PRO A 3 -15.87 2.51 7.88
C PRO A 3 -15.43 2.14 6.46
N LEU A 4 -14.20 1.66 6.33
CA LEU A 4 -13.66 1.28 5.04
C LEU A 4 -13.61 2.47 4.08
N SER A 5 -13.67 3.67 4.65
CA SER A 5 -13.63 4.89 3.86
C SER A 5 -12.41 5.74 4.21
N ASN A 6 -11.75 5.38 5.31
CA ASN A 6 -10.58 6.11 5.77
C ASN A 6 -9.30 5.49 5.19
N ILE A 7 -9.14 4.18 5.39
CA ILE A 7 -7.98 3.47 4.89
C ILE A 7 -7.83 3.63 3.38
N GLU A 8 -8.97 3.69 2.69
CA GLU A 8 -8.97 3.85 1.24
C GLU A 8 -8.29 5.15 0.83
N GLU A 9 -8.80 6.27 1.36
CA GLU A 9 -8.24 7.58 1.05
C GLU A 9 -6.81 7.70 1.57
N ARG A 10 -6.55 7.08 2.71
CA ARG A 10 -5.22 7.12 3.32
C ARG A 10 -4.20 6.36 2.46
N VAL A 11 -4.42 5.05 2.32
CA VAL A 11 -3.53 4.22 1.52
C VAL A 11 -3.31 4.80 0.14
N LYS A 12 -4.40 5.01 -0.59
CA LYS A 12 -4.32 5.57 -1.94
C LYS A 12 -3.50 6.86 -1.94
N LYS A 13 -3.82 7.76 -1.02
CA LYS A 13 -3.11 9.02 -0.92
C LYS A 13 -1.59 8.81 -0.93
N ILE A 14 -1.11 8.02 0.01
CA ILE A 14 0.31 7.73 0.11
C ILE A 14 0.87 7.27 -1.24
N ILE A 15 0.30 6.20 -1.77
CA ILE A 15 0.74 5.66 -3.06
C ILE A 15 0.72 6.73 -4.14
N VAL A 16 -0.18 7.70 -3.99
CA VAL A 16 -0.30 8.79 -4.95
C VAL A 16 0.76 9.86 -4.70
N GLU A 17 1.21 9.96 -3.46
CA GLU A 17 2.23 10.94 -3.09
C GLU A 17 3.62 10.35 -3.19
N GLN A 18 3.69 9.03 -3.40
CA GLN A 18 4.96 8.34 -3.52
C GLN A 18 5.25 7.98 -4.97
N LEU A 19 4.39 7.16 -5.55
CA LEU A 19 4.55 6.74 -6.95
C LEU A 19 4.23 7.88 -7.90
N GLY A 20 3.11 8.57 -7.65
CA GLY A 20 2.71 9.68 -8.49
C GLY A 20 1.38 9.43 -9.18
N VAL A 21 1.10 8.17 -9.48
CA VAL A 21 -0.15 7.80 -10.14
C VAL A 21 -1.35 8.39 -9.40
N ASP A 22 -2.48 8.45 -10.09
CA ASP A 22 -3.71 8.98 -9.50
C ASP A 22 -4.44 7.92 -8.70
N GLU A 23 -5.09 8.33 -7.62
CA GLU A 23 -5.82 7.41 -6.76
C GLU A 23 -6.96 6.74 -7.53
N ALA A 24 -7.34 7.34 -8.66
CA ALA A 24 -8.40 6.81 -9.49
C ALA A 24 -7.87 5.79 -10.49
N GLU A 25 -6.97 6.25 -11.36
CA GLU A 25 -6.39 5.37 -12.37
C GLU A 25 -5.83 4.10 -11.74
N VAL A 26 -5.22 4.26 -10.57
CA VAL A 26 -4.64 3.12 -9.86
C VAL A 26 -5.65 1.99 -9.71
N LYS A 27 -5.15 0.75 -9.66
CA LYS A 27 -6.02 -0.41 -9.51
C LYS A 27 -5.73 -1.15 -8.20
N ASN A 28 -6.79 -1.54 -7.51
CA ASN A 28 -6.64 -2.25 -6.24
C ASN A 28 -6.10 -3.66 -6.46
N GLU A 29 -6.56 -4.29 -7.54
CA GLU A 29 -6.12 -5.64 -7.86
C GLU A 29 -4.90 -5.62 -8.76
N ALA A 30 -3.92 -4.80 -8.40
CA ALA A 30 -2.70 -4.68 -9.18
C ALA A 30 -1.47 -4.58 -8.26
N SER A 31 -0.31 -4.93 -8.80
CA SER A 31 0.93 -4.87 -8.03
C SER A 31 1.64 -3.54 -8.22
N PHE A 32 2.82 -3.41 -7.65
CA PHE A 32 3.60 -2.19 -7.75
C PHE A 32 4.63 -2.29 -8.87
N VAL A 33 5.19 -3.48 -9.05
CA VAL A 33 6.19 -3.72 -10.08
C VAL A 33 5.74 -4.81 -11.03
N ASP A 34 5.03 -5.80 -10.51
CA ASP A 34 4.53 -6.90 -11.33
C ASP A 34 3.48 -6.41 -12.33
N ASP A 35 2.86 -5.28 -12.02
CA ASP A 35 1.83 -4.71 -12.88
C ASP A 35 2.26 -3.33 -13.39
N LEU A 36 2.20 -2.34 -12.50
CA LEU A 36 2.57 -0.97 -12.85
C LEU A 36 3.95 -0.94 -13.48
N GLY A 37 4.85 -1.79 -12.98
CA GLY A 37 6.19 -1.84 -13.52
C GLY A 37 7.14 -0.87 -12.83
N ALA A 38 6.83 -0.56 -11.57
CA ALA A 38 7.65 0.37 -10.79
C ALA A 38 9.02 -0.25 -10.46
N ASP A 39 9.76 0.39 -9.58
CA ASP A 39 11.08 -0.09 -9.18
C ASP A 39 11.03 -0.69 -7.78
N SER A 40 12.19 -1.10 -7.28
CA SER A 40 12.28 -1.70 -5.95
C SER A 40 11.99 -0.66 -4.88
N LEU A 41 12.62 0.50 -4.97
CA LEU A 41 12.42 1.58 -4.02
C LEU A 41 10.94 1.89 -3.86
N ASP A 42 10.19 1.75 -4.94
CA ASP A 42 8.75 2.02 -4.92
C ASP A 42 8.04 1.12 -3.92
N THR A 43 8.09 -0.18 -4.17
CA THR A 43 7.44 -1.15 -3.30
C THR A 43 7.87 -0.95 -1.84
N VAL A 44 9.17 -0.87 -1.62
CA VAL A 44 9.71 -0.67 -0.28
C VAL A 44 9.19 0.63 0.33
N GLU A 45 9.04 1.66 -0.51
CA GLU A 45 8.56 2.95 -0.05
C GLU A 45 7.14 2.84 0.50
N LEU A 46 6.30 2.07 -0.20
CA LEU A 46 4.92 1.89 0.21
C LEU A 46 4.84 1.13 1.53
N VAL A 47 5.60 0.05 1.64
CA VAL A 47 5.63 -0.76 2.85
C VAL A 47 5.97 0.08 4.07
N MET A 48 7.11 0.75 4.02
CA MET A 48 7.56 1.59 5.11
C MET A 48 6.54 2.69 5.40
N ALA A 49 5.92 3.21 4.35
CA ALA A 49 4.92 4.26 4.49
C ALA A 49 3.75 3.80 5.36
N LEU A 50 3.33 2.55 5.16
CA LEU A 50 2.23 1.98 5.92
C LEU A 50 2.62 1.78 7.38
N GLU A 51 3.65 0.98 7.61
CA GLU A 51 4.12 0.71 8.96
C GLU A 51 4.47 2.01 9.69
N GLU A 52 4.72 3.06 8.92
CA GLU A 52 5.06 4.36 9.49
C GLU A 52 3.81 5.16 9.79
N GLU A 53 3.05 5.49 8.74
CA GLU A 53 1.82 6.26 8.90
C GLU A 53 0.80 5.50 9.74
N PHE A 54 0.38 4.34 9.25
CA PHE A 54 -0.60 3.51 9.95
C PHE A 54 -0.02 2.98 11.25
N ASP A 55 1.30 3.09 11.39
CA ASP A 55 1.98 2.61 12.60
C ASP A 55 1.78 1.11 12.77
N THR A 56 1.80 0.38 11.66
CA THR A 56 1.62 -1.06 11.70
C THR A 56 2.96 -1.79 11.76
N GLU A 57 2.92 -3.07 12.10
CA GLU A 57 4.14 -3.87 12.20
C GLU A 57 4.36 -4.66 10.92
N ILE A 58 4.98 -4.02 9.93
CA ILE A 58 5.26 -4.67 8.65
C ILE A 58 6.75 -4.87 8.45
N PRO A 59 7.29 -5.91 9.10
CA PRO A 59 8.72 -6.24 9.00
C PRO A 59 9.10 -6.78 7.63
N ASP A 60 10.33 -7.28 7.51
CA ASP A 60 10.81 -7.82 6.24
C ASP A 60 9.86 -8.86 5.69
N GLU A 61 9.49 -9.82 6.53
CA GLU A 61 8.57 -10.88 6.11
C GLU A 61 7.31 -10.30 5.49
N GLU A 62 6.50 -9.62 6.31
CA GLU A 62 5.27 -9.03 5.85
C GLU A 62 5.53 -8.08 4.67
N ALA A 63 6.74 -7.54 4.61
CA ALA A 63 7.12 -6.64 3.55
C ALA A 63 7.34 -7.38 2.23
N GLU A 64 7.70 -8.65 2.34
CA GLU A 64 7.93 -9.48 1.16
C GLU A 64 6.62 -9.97 0.56
N LYS A 65 5.65 -10.24 1.43
CA LYS A 65 4.34 -10.72 1.00
C LYS A 65 3.47 -9.56 0.52
N ILE A 66 3.67 -8.40 1.11
CA ILE A 66 2.90 -7.21 0.74
C ILE A 66 3.61 -6.41 -0.35
N THR A 67 3.38 -6.80 -1.60
CA THR A 67 3.99 -6.12 -2.74
C THR A 67 2.95 -5.66 -3.74
N THR A 68 1.68 -5.69 -3.33
CA THR A 68 0.59 -5.27 -4.19
C THR A 68 -0.45 -4.47 -3.41
N VAL A 69 -1.21 -3.65 -4.13
CA VAL A 69 -2.25 -2.83 -3.51
C VAL A 69 -3.22 -3.69 -2.69
N GLN A 70 -3.88 -4.62 -3.38
CA GLN A 70 -4.83 -5.51 -2.71
C GLN A 70 -4.21 -6.15 -1.49
N ALA A 71 -2.94 -6.54 -1.59
CA ALA A 71 -2.24 -7.17 -0.48
C ALA A 71 -2.07 -6.19 0.68
N ALA A 72 -1.64 -4.98 0.37
CA ALA A 72 -1.43 -3.94 1.38
C ALA A 72 -2.75 -3.56 2.05
N ILE A 73 -3.73 -3.19 1.24
CA ILE A 73 -5.03 -2.80 1.74
C ILE A 73 -5.66 -3.91 2.58
N ASP A 74 -5.39 -5.15 2.19
CA ASP A 74 -5.92 -6.30 2.91
C ASP A 74 -5.29 -6.43 4.28
N TYR A 75 -3.97 -6.24 4.34
CA TYR A 75 -3.24 -6.35 5.60
C TYR A 75 -3.74 -5.30 6.60
N VAL A 76 -3.61 -4.03 6.23
CA VAL A 76 -4.04 -2.94 7.10
C VAL A 76 -5.49 -3.13 7.54
N ASN A 77 -6.36 -3.41 6.57
CA ASN A 77 -7.77 -3.62 6.86
C ASN A 77 -7.98 -4.86 7.72
N SER A 78 -7.03 -5.79 7.65
CA SER A 78 -7.11 -7.02 8.42
C SER A 78 -6.71 -6.79 9.87
N HIS A 79 -5.62 -6.04 10.06
CA HIS A 79 -5.12 -5.74 11.39
C HIS A 79 -5.88 -4.56 11.99
N GLN A 80 -7.20 -4.68 12.08
CA GLN A 80 -8.03 -3.63 12.64
C GLN A 80 -7.52 -3.20 14.01
N GLY A 1 -14.09 1.03 15.96
CA GLY A 1 -13.57 0.44 14.74
C GLY A 1 -13.53 1.42 13.59
N ILE A 2 -12.70 1.14 12.60
CA ILE A 2 -12.57 2.00 11.43
C ILE A 2 -13.25 1.39 10.21
N PRO A 3 -14.05 2.21 9.51
CA PRO A 3 -14.77 1.78 8.31
C PRO A 3 -13.85 1.51 7.14
N LEU A 4 -14.42 0.98 6.06
CA LEU A 4 -13.64 0.67 4.86
C LEU A 4 -13.72 1.82 3.84
N SER A 5 -13.95 3.03 4.34
CA SER A 5 -14.07 4.19 3.49
C SER A 5 -12.94 5.18 3.78
N ASN A 6 -12.35 5.07 4.97
CA ASN A 6 -11.27 5.96 5.37
C ASN A 6 -9.91 5.36 5.00
N ILE A 7 -9.78 4.05 5.20
CA ILE A 7 -8.53 3.36 4.88
C ILE A 7 -8.21 3.46 3.40
N GLU A 8 -9.22 3.34 2.56
CA GLU A 8 -9.04 3.41 1.12
C GLU A 8 -8.38 4.73 0.72
N GLU A 9 -8.88 5.82 1.28
CA GLU A 9 -8.34 7.15 0.98
C GLU A 9 -6.91 7.28 1.52
N ARG A 10 -6.68 6.72 2.71
CA ARG A 10 -5.37 6.78 3.34
C ARG A 10 -4.34 5.99 2.53
N VAL A 11 -4.59 4.69 2.38
CA VAL A 11 -3.70 3.82 1.63
C VAL A 11 -3.37 4.41 0.26
N LYS A 12 -4.40 4.62 -0.55
CA LYS A 12 -4.23 5.18 -1.88
C LYS A 12 -3.39 6.46 -1.83
N LYS A 13 -3.72 7.34 -0.90
CA LYS A 13 -3.00 8.60 -0.74
C LYS A 13 -1.50 8.35 -0.66
N ILE A 14 -1.11 7.41 0.19
CA ILE A 14 0.30 7.08 0.35
C ILE A 14 0.92 6.61 -0.97
N ILE A 15 0.35 5.56 -1.54
CA ILE A 15 0.84 5.01 -2.80
C ILE A 15 0.97 6.11 -3.85
N VAL A 16 0.07 7.08 -3.80
CA VAL A 16 0.09 8.19 -4.76
C VAL A 16 1.17 9.20 -4.40
N GLU A 17 1.34 9.45 -3.10
CA GLU A 17 2.35 10.40 -2.63
C GLU A 17 3.75 9.83 -2.80
N GLN A 18 3.85 8.51 -2.85
CA GLN A 18 5.13 7.84 -3.01
C GLN A 18 5.52 7.74 -4.48
N LEU A 19 4.57 7.32 -5.32
CA LEU A 19 4.81 7.19 -6.74
C LEU A 19 4.58 8.50 -7.46
N GLY A 20 3.34 8.97 -7.46
CA GLY A 20 3.00 10.22 -8.10
C GLY A 20 1.85 10.09 -9.08
N VAL A 21 1.56 8.86 -9.48
CA VAL A 21 0.47 8.59 -10.41
C VAL A 21 -0.88 8.94 -9.80
N ASP A 22 -1.95 8.67 -10.53
CA ASP A 22 -3.30 8.96 -10.07
C ASP A 22 -3.90 7.75 -9.35
N GLU A 23 -4.48 7.98 -8.18
CA GLU A 23 -5.08 6.92 -7.40
C GLU A 23 -6.13 6.17 -8.22
N ALA A 24 -6.71 6.85 -9.19
CA ALA A 24 -7.72 6.25 -10.05
C ALA A 24 -7.13 5.16 -10.92
N GLU A 25 -6.06 5.49 -11.64
CA GLU A 25 -5.39 4.53 -12.52
C GLU A 25 -5.00 3.27 -11.75
N VAL A 26 -4.79 3.42 -10.45
CA VAL A 26 -4.41 2.30 -9.60
C VAL A 26 -5.64 1.50 -9.18
N LYS A 27 -5.69 0.24 -9.60
CA LYS A 27 -6.81 -0.63 -9.26
C LYS A 27 -6.46 -1.52 -8.06
N ASN A 28 -7.44 -2.29 -7.60
CA ASN A 28 -7.24 -3.18 -6.46
C ASN A 28 -6.48 -4.43 -6.88
N GLU A 29 -6.66 -4.84 -8.12
CA GLU A 29 -5.99 -6.03 -8.64
C GLU A 29 -4.82 -5.64 -9.53
N ALA A 30 -3.98 -4.72 -9.06
CA ALA A 30 -2.82 -4.27 -9.81
C ALA A 30 -1.52 -4.72 -9.15
N SER A 31 -0.42 -4.60 -9.87
CA SER A 31 0.89 -5.00 -9.36
C SER A 31 1.72 -3.77 -8.99
N PHE A 32 2.74 -4.00 -8.16
CA PHE A 32 3.62 -2.91 -7.73
C PHE A 32 4.76 -2.71 -8.72
N VAL A 33 4.68 -3.39 -9.86
CA VAL A 33 5.71 -3.28 -10.89
C VAL A 33 5.11 -3.49 -12.29
N ASP A 34 4.21 -4.47 -12.39
CA ASP A 34 3.56 -4.77 -13.66
C ASP A 34 2.60 -3.66 -14.06
N ASP A 35 1.84 -3.17 -13.09
CA ASP A 35 0.87 -2.10 -13.33
C ASP A 35 1.55 -0.74 -13.35
N LEU A 36 2.05 -0.32 -12.18
CA LEU A 36 2.73 0.96 -12.05
C LEU A 36 4.00 1.00 -12.90
N GLY A 37 4.99 0.23 -12.49
CA GLY A 37 6.25 0.18 -13.22
C GLY A 37 7.45 0.23 -12.30
N ALA A 38 7.21 0.42 -11.01
CA ALA A 38 8.28 0.48 -10.03
C ALA A 38 9.09 -0.81 -10.01
N ASP A 39 9.95 -0.95 -9.01
CA ASP A 39 10.78 -2.14 -8.87
C ASP A 39 10.76 -2.66 -7.44
N SER A 40 11.52 -2.01 -6.57
CA SER A 40 11.60 -2.40 -5.18
C SER A 40 11.47 -1.19 -4.25
N LEU A 41 12.11 -0.09 -4.63
CA LEU A 41 12.07 1.13 -3.85
C LEU A 41 10.63 1.52 -3.53
N ASP A 42 9.72 1.21 -4.44
CA ASP A 42 8.31 1.52 -4.25
C ASP A 42 7.70 0.66 -3.13
N THR A 43 7.78 -0.65 -3.30
CA THR A 43 7.25 -1.59 -2.31
C THR A 43 7.68 -1.20 -0.91
N VAL A 44 8.99 -1.04 -0.73
CA VAL A 44 9.54 -0.67 0.58
C VAL A 44 9.03 0.71 1.02
N GLU A 45 8.87 1.61 0.06
CA GLU A 45 8.40 2.96 0.36
C GLU A 45 6.99 2.92 0.94
N LEU A 46 6.07 2.30 0.21
CA LEU A 46 4.68 2.19 0.65
C LEU A 46 4.60 1.55 2.03
N VAL A 47 5.32 0.44 2.20
CA VAL A 47 5.34 -0.27 3.47
C VAL A 47 5.65 0.67 4.63
N MET A 48 6.79 1.33 4.55
CA MET A 48 7.19 2.28 5.60
C MET A 48 6.08 3.28 5.89
N ALA A 49 5.49 3.83 4.83
CA ALA A 49 4.42 4.81 4.96
C ALA A 49 3.26 4.23 5.76
N LEU A 50 3.01 2.94 5.58
CA LEU A 50 1.92 2.26 6.29
C LEU A 50 2.26 2.08 7.76
N GLU A 51 3.35 1.36 8.03
CA GLU A 51 3.78 1.11 9.39
C GLU A 51 4.00 2.42 10.15
N GLU A 52 4.18 3.50 9.40
CA GLU A 52 4.41 4.81 9.99
C GLU A 52 3.07 5.52 10.27
N GLU A 53 2.31 5.76 9.21
CA GLU A 53 1.02 6.43 9.34
C GLU A 53 0.03 5.56 10.11
N PHE A 54 -0.26 4.38 9.56
CA PHE A 54 -1.19 3.45 10.20
C PHE A 54 -0.61 2.92 11.51
N ASP A 55 0.67 3.14 11.72
CA ASP A 55 1.35 2.68 12.92
C ASP A 55 1.34 1.16 13.01
N THR A 56 1.43 0.51 11.85
CA THR A 56 1.42 -0.96 11.80
C THR A 56 2.84 -1.51 11.86
N GLU A 57 2.95 -2.83 11.90
CA GLU A 57 4.24 -3.49 11.97
C GLU A 57 4.48 -4.36 10.74
N ILE A 58 5.01 -3.75 9.69
CA ILE A 58 5.29 -4.47 8.44
C ILE A 58 6.79 -4.63 8.22
N PRO A 59 7.37 -5.67 8.84
CA PRO A 59 8.80 -5.96 8.72
C PRO A 59 9.18 -6.44 7.33
N ASP A 60 10.41 -6.91 7.19
CA ASP A 60 10.91 -7.41 5.91
C ASP A 60 10.16 -8.67 5.50
N GLU A 61 10.04 -9.62 6.44
CA GLU A 61 9.36 -10.88 6.17
C GLU A 61 7.95 -10.63 5.64
N GLU A 62 7.22 -9.73 6.30
CA GLU A 62 5.87 -9.40 5.90
C GLU A 62 5.86 -8.47 4.69
N ALA A 63 6.97 -7.75 4.51
CA ALA A 63 7.10 -6.82 3.39
C ALA A 63 7.11 -7.56 2.06
N GLU A 64 7.81 -8.68 2.02
CA GLU A 64 7.90 -9.47 0.80
C GLU A 64 6.52 -9.90 0.32
N LYS A 65 5.55 -9.91 1.24
CA LYS A 65 4.18 -10.29 0.91
C LYS A 65 3.42 -9.12 0.29
N ILE A 66 3.77 -7.90 0.71
CA ILE A 66 3.13 -6.71 0.19
C ILE A 66 3.78 -6.26 -1.11
N THR A 67 3.21 -6.68 -2.23
CA THR A 67 3.73 -6.32 -3.55
C THR A 67 2.60 -6.02 -4.53
N THR A 68 1.40 -5.85 -4.00
CA THR A 68 0.22 -5.56 -4.81
C THR A 68 -0.81 -4.76 -4.04
N VAL A 69 -1.64 -4.02 -4.76
CA VAL A 69 -2.68 -3.21 -4.14
C VAL A 69 -3.53 -4.04 -3.18
N GLN A 70 -4.17 -5.08 -3.72
CA GLN A 70 -5.00 -5.96 -2.91
C GLN A 70 -4.26 -6.45 -1.68
N ALA A 71 -3.01 -6.87 -1.89
CA ALA A 71 -2.18 -7.37 -0.79
C ALA A 71 -1.96 -6.29 0.26
N ALA A 72 -1.66 -5.09 -0.19
CA ALA A 72 -1.42 -3.97 0.71
C ALA A 72 -2.70 -3.58 1.45
N ILE A 73 -3.73 -3.21 0.70
CA ILE A 73 -5.00 -2.83 1.29
C ILE A 73 -5.50 -3.88 2.27
N ASP A 74 -5.16 -5.14 2.01
CA ASP A 74 -5.57 -6.24 2.87
C ASP A 74 -4.82 -6.19 4.20
N TYR A 75 -3.49 -6.13 4.13
CA TYR A 75 -2.67 -6.09 5.33
C TYR A 75 -3.11 -4.97 6.26
N VAL A 76 -3.16 -3.75 5.73
CA VAL A 76 -3.57 -2.59 6.51
C VAL A 76 -4.98 -2.78 7.07
N ASN A 77 -5.90 -3.18 6.21
CA ASN A 77 -7.29 -3.40 6.61
C ASN A 77 -7.37 -4.44 7.73
N SER A 78 -6.45 -5.40 7.69
CA SER A 78 -6.42 -6.47 8.69
C SER A 78 -5.73 -5.99 9.96
N HIS A 79 -4.80 -5.05 9.81
CA HIS A 79 -4.06 -4.51 10.95
C HIS A 79 -4.69 -3.21 11.44
N GLN A 80 -5.96 -3.26 11.78
CA GLN A 80 -6.67 -2.08 12.26
C GLN A 80 -5.95 -1.45 13.45
N GLY A 1 -14.73 -1.82 13.48
CA GLY A 1 -14.32 -0.47 13.84
C GLY A 1 -14.16 0.42 12.62
N ILE A 2 -12.95 0.50 12.09
CA ILE A 2 -12.67 1.33 10.92
C ILE A 2 -13.42 0.82 9.70
N PRO A 3 -14.07 1.74 8.98
CA PRO A 3 -14.84 1.42 7.77
C PRO A 3 -13.94 1.00 6.62
N LEU A 4 -14.55 0.64 5.50
CA LEU A 4 -13.81 0.21 4.32
C LEU A 4 -13.63 1.37 3.35
N SER A 5 -13.53 2.58 3.88
CA SER A 5 -13.36 3.78 3.06
C SER A 5 -12.15 4.58 3.53
N ASN A 6 -12.03 4.76 4.84
CA ASN A 6 -10.92 5.51 5.41
C ASN A 6 -9.59 4.97 4.91
N ILE A 7 -9.32 3.70 5.19
CA ILE A 7 -8.08 3.07 4.77
C ILE A 7 -7.89 3.20 3.26
N GLU A 8 -8.98 3.02 2.52
CA GLU A 8 -8.93 3.11 1.06
C GLU A 8 -8.26 4.40 0.62
N GLU A 9 -8.78 5.54 1.09
CA GLU A 9 -8.24 6.84 0.75
C GLU A 9 -6.84 7.02 1.32
N ARG A 10 -6.56 6.30 2.39
CA ARG A 10 -5.25 6.37 3.05
C ARG A 10 -4.18 5.68 2.20
N VAL A 11 -4.30 4.36 2.07
CA VAL A 11 -3.35 3.58 1.29
C VAL A 11 -3.15 4.19 -0.09
N LYS A 12 -4.24 4.61 -0.71
CA LYS A 12 -4.20 5.21 -2.05
C LYS A 12 -3.37 6.50 -2.03
N LYS A 13 -3.70 7.39 -1.10
CA LYS A 13 -2.99 8.66 -0.97
C LYS A 13 -1.49 8.44 -0.93
N ILE A 14 -1.05 7.47 -0.13
CA ILE A 14 0.37 7.16 0.00
C ILE A 14 0.95 6.71 -1.34
N ILE A 15 0.45 5.58 -1.84
CA ILE A 15 0.92 5.05 -3.12
C ILE A 15 0.92 6.11 -4.20
N VAL A 16 -0.01 7.06 -4.10
CA VAL A 16 -0.11 8.14 -5.07
C VAL A 16 0.94 9.21 -4.80
N GLU A 17 1.22 9.45 -3.54
CA GLU A 17 2.21 10.46 -3.15
C GLU A 17 3.63 9.94 -3.40
N GLN A 18 3.80 8.62 -3.32
CA GLN A 18 5.10 8.01 -3.52
C GLN A 18 5.41 7.88 -5.01
N LEU A 19 4.50 7.25 -5.74
CA LEU A 19 4.67 7.07 -7.18
C LEU A 19 4.48 8.39 -7.93
N GLY A 20 3.28 8.94 -7.84
CA GLY A 20 3.00 10.20 -8.51
C GLY A 20 1.92 10.06 -9.57
N VAL A 21 1.17 8.96 -9.51
CA VAL A 21 0.11 8.70 -10.49
C VAL A 21 -1.24 9.11 -9.92
N ASP A 22 -2.27 9.02 -10.75
CA ASP A 22 -3.62 9.38 -10.34
C ASP A 22 -4.25 8.28 -9.50
N GLU A 23 -4.75 8.65 -8.33
CA GLU A 23 -5.38 7.69 -7.43
C GLU A 23 -6.45 6.86 -8.15
N ALA A 24 -7.09 7.49 -9.14
CA ALA A 24 -8.13 6.82 -9.90
C ALA A 24 -7.57 5.60 -10.65
N GLU A 25 -6.36 5.75 -11.19
CA GLU A 25 -5.71 4.67 -11.91
C GLU A 25 -5.49 3.46 -11.01
N VAL A 26 -4.90 3.70 -9.84
CA VAL A 26 -4.63 2.64 -8.89
C VAL A 26 -5.91 1.94 -8.46
N LYS A 27 -6.03 0.67 -8.84
CA LYS A 27 -7.22 -0.11 -8.49
C LYS A 27 -6.87 -1.22 -7.50
N ASN A 28 -7.90 -1.84 -6.93
CA ASN A 28 -7.70 -2.92 -5.97
C ASN A 28 -7.10 -4.16 -6.64
N GLU A 29 -7.27 -4.24 -7.95
CA GLU A 29 -6.76 -5.37 -8.72
C GLU A 29 -5.45 -5.01 -9.41
N ALA A 30 -4.78 -3.99 -8.90
CA ALA A 30 -3.50 -3.54 -9.45
C ALA A 30 -2.33 -4.08 -8.64
N SER A 31 -1.16 -4.15 -9.27
CA SER A 31 0.04 -4.65 -8.60
C SER A 31 0.96 -3.50 -8.22
N PHE A 32 2.02 -3.82 -7.49
CA PHE A 32 2.98 -2.82 -7.05
C PHE A 32 4.09 -2.63 -8.07
N VAL A 33 4.36 -3.69 -8.85
CA VAL A 33 5.39 -3.64 -9.86
C VAL A 33 4.85 -4.07 -11.23
N ASP A 34 4.08 -5.15 -11.24
CA ASP A 34 3.49 -5.65 -12.46
C ASP A 34 2.68 -4.58 -13.17
N ASP A 35 2.07 -3.69 -12.38
CA ASP A 35 1.27 -2.61 -12.93
C ASP A 35 1.97 -1.27 -12.76
N LEU A 36 2.12 -0.84 -11.51
CA LEU A 36 2.77 0.42 -11.21
C LEU A 36 4.14 0.51 -11.88
N GLY A 37 4.98 -0.50 -11.64
CA GLY A 37 6.30 -0.51 -12.25
C GLY A 37 7.40 -0.34 -11.22
N ALA A 38 7.05 -0.51 -9.95
CA ALA A 38 8.03 -0.36 -8.87
C ALA A 38 9.20 -1.32 -9.06
N ASP A 39 10.22 -1.18 -8.22
CA ASP A 39 11.41 -2.02 -8.30
C ASP A 39 11.84 -2.47 -6.91
N SER A 40 12.47 -1.57 -6.16
CA SER A 40 12.94 -1.88 -4.82
C SER A 40 12.67 -0.71 -3.86
N LEU A 41 13.04 0.48 -4.29
CA LEU A 41 12.85 1.67 -3.48
C LEU A 41 11.36 2.01 -3.36
N ASP A 42 10.61 1.72 -4.40
CA ASP A 42 9.17 1.98 -4.41
C ASP A 42 8.44 1.08 -3.42
N THR A 43 8.68 -0.24 -3.54
CA THR A 43 8.04 -1.21 -2.66
C THR A 43 8.37 -0.91 -1.19
N VAL A 44 9.65 -0.84 -0.87
CA VAL A 44 10.08 -0.56 0.48
C VAL A 44 9.52 0.77 0.98
N GLU A 45 9.41 1.74 0.07
CA GLU A 45 8.89 3.05 0.43
C GLU A 45 7.45 2.95 0.93
N LEU A 46 6.64 2.18 0.22
CA LEU A 46 5.24 2.00 0.59
C LEU A 46 5.12 1.32 1.95
N VAL A 47 5.86 0.23 2.13
CA VAL A 47 5.85 -0.51 3.38
C VAL A 47 6.10 0.41 4.57
N MET A 48 7.14 1.23 4.46
CA MET A 48 7.48 2.17 5.53
C MET A 48 6.35 3.15 5.78
N ALA A 49 5.81 3.71 4.70
CA ALA A 49 4.71 4.66 4.82
C ALA A 49 3.54 4.07 5.60
N LEU A 50 3.34 2.76 5.46
CA LEU A 50 2.26 2.07 6.15
C LEU A 50 2.55 1.97 7.64
N GLU A 51 3.70 1.42 7.98
CA GLU A 51 4.10 1.27 9.38
C GLU A 51 4.31 2.63 10.04
N GLU A 52 4.37 3.67 9.22
CA GLU A 52 4.57 5.03 9.72
C GLU A 52 3.24 5.73 9.91
N GLU A 53 2.42 5.72 8.86
CA GLU A 53 1.10 6.37 8.91
C GLU A 53 0.11 5.52 9.70
N PHE A 54 -0.07 4.28 9.26
CA PHE A 54 -1.00 3.37 9.91
C PHE A 54 -0.40 2.83 11.21
N ASP A 55 0.86 3.17 11.47
CA ASP A 55 1.55 2.73 12.68
C ASP A 55 1.46 1.21 12.82
N THR A 56 1.36 0.52 11.68
CA THR A 56 1.27 -0.94 11.68
C THR A 56 2.66 -1.57 11.67
N GLU A 57 2.71 -2.89 11.88
CA GLU A 57 3.98 -3.60 11.87
C GLU A 57 4.15 -4.41 10.60
N ILE A 58 5.11 -4.01 9.78
CA ILE A 58 5.39 -4.69 8.51
C ILE A 58 6.89 -4.89 8.31
N PRO A 59 7.42 -5.97 8.90
CA PRO A 59 8.85 -6.30 8.79
C PRO A 59 9.24 -6.75 7.39
N ASP A 60 10.48 -7.19 7.24
CA ASP A 60 10.97 -7.66 5.95
C ASP A 60 10.05 -8.73 5.37
N GLU A 61 9.73 -9.73 6.17
CA GLU A 61 8.86 -10.82 5.73
C GLU A 61 7.56 -10.26 5.16
N GLU A 62 6.77 -9.59 6.00
CA GLU A 62 5.51 -9.02 5.59
C GLU A 62 5.71 -7.98 4.48
N ALA A 63 6.95 -7.51 4.35
CA ALA A 63 7.28 -6.51 3.34
C ALA A 63 7.53 -7.17 1.99
N GLU A 64 7.90 -8.45 2.01
CA GLU A 64 8.15 -9.19 0.79
C GLU A 64 6.87 -9.74 0.19
N LYS A 65 5.87 -9.95 1.05
CA LYS A 65 4.59 -10.48 0.61
C LYS A 65 3.69 -9.35 0.11
N ILE A 66 3.80 -8.18 0.73
CA ILE A 66 3.00 -7.03 0.33
C ILE A 66 3.54 -6.38 -0.93
N THR A 67 3.07 -6.86 -2.08
CA THR A 67 3.52 -6.33 -3.36
C THR A 67 2.34 -6.14 -4.31
N THR A 68 1.17 -5.86 -3.74
CA THR A 68 -0.03 -5.65 -4.54
C THR A 68 -1.08 -4.86 -3.76
N VAL A 69 -1.86 -4.05 -4.48
CA VAL A 69 -2.89 -3.24 -3.86
C VAL A 69 -3.77 -4.08 -2.94
N GLN A 70 -4.43 -5.09 -3.51
CA GLN A 70 -5.30 -5.97 -2.75
C GLN A 70 -4.58 -6.51 -1.52
N ALA A 71 -3.32 -6.89 -1.69
CA ALA A 71 -2.52 -7.42 -0.59
C ALA A 71 -2.30 -6.37 0.49
N ALA A 72 -1.98 -5.15 0.06
CA ALA A 72 -1.74 -4.05 1.00
C ALA A 72 -3.03 -3.67 1.72
N ILE A 73 -4.07 -3.34 0.96
CA ILE A 73 -5.35 -2.95 1.53
C ILE A 73 -5.86 -4.02 2.49
N ASP A 74 -5.55 -5.28 2.20
CA ASP A 74 -5.98 -6.39 3.03
C ASP A 74 -5.21 -6.41 4.35
N TYR A 75 -3.89 -6.31 4.27
CA TYR A 75 -3.05 -6.30 5.45
C TYR A 75 -3.49 -5.22 6.44
N VAL A 76 -3.50 -3.98 5.98
CA VAL A 76 -3.90 -2.86 6.83
C VAL A 76 -5.31 -3.06 7.36
N ASN A 77 -6.25 -3.33 6.45
CA ASN A 77 -7.64 -3.54 6.84
C ASN A 77 -7.75 -4.59 7.92
N SER A 78 -6.83 -5.55 7.92
CA SER A 78 -6.83 -6.62 8.92
C SER A 78 -6.11 -6.18 10.19
N HIS A 79 -5.11 -5.31 10.03
CA HIS A 79 -4.35 -4.81 11.17
C HIS A 79 -4.90 -3.47 11.64
N GLN A 80 -6.18 -3.46 12.00
CA GLN A 80 -6.83 -2.24 12.47
C GLN A 80 -6.59 -2.04 13.97
N GLY A 1 -16.06 1.38 14.47
CA GLY A 1 -15.06 0.77 13.62
C GLY A 1 -14.73 1.61 12.41
N ILE A 2 -13.98 1.03 11.47
CA ILE A 2 -13.59 1.73 10.26
C ILE A 2 -14.64 1.54 9.15
N PRO A 3 -15.05 2.65 8.53
CA PRO A 3 -16.04 2.63 7.45
C PRO A 3 -15.50 1.99 6.18
N LEU A 4 -14.24 1.55 6.23
CA LEU A 4 -13.60 0.93 5.07
C LEU A 4 -13.41 1.93 3.95
N SER A 5 -13.50 3.22 4.28
CA SER A 5 -13.34 4.28 3.29
C SER A 5 -12.12 5.14 3.62
N ASN A 6 -11.72 5.13 4.90
CA ASN A 6 -10.58 5.91 5.34
C ASN A 6 -9.28 5.28 4.86
N ILE A 7 -9.12 3.98 5.12
CA ILE A 7 -7.92 3.27 4.72
C ILE A 7 -7.66 3.43 3.22
N GLU A 8 -8.67 3.16 2.41
CA GLU A 8 -8.55 3.29 0.96
C GLU A 8 -7.95 4.64 0.58
N GLU A 9 -8.45 5.69 1.22
CA GLU A 9 -7.97 7.04 0.94
C GLU A 9 -6.51 7.21 1.38
N ARG A 10 -6.24 6.87 2.64
CA ARG A 10 -4.89 6.98 3.18
C ARG A 10 -3.89 6.22 2.32
N VAL A 11 -4.13 4.91 2.16
CA VAL A 11 -3.26 4.06 1.35
C VAL A 11 -2.98 4.69 0.00
N LYS A 12 -4.05 4.94 -0.76
CA LYS A 12 -3.92 5.54 -2.08
C LYS A 12 -3.14 6.85 -2.02
N LYS A 13 -3.44 7.65 -1.02
CA LYS A 13 -2.75 8.93 -0.83
C LYS A 13 -1.24 8.75 -0.87
N ILE A 14 -0.74 7.83 -0.06
CA ILE A 14 0.69 7.55 0.00
C ILE A 14 1.22 7.12 -1.36
N ILE A 15 0.61 6.10 -1.93
CA ILE A 15 1.02 5.60 -3.24
C ILE A 15 1.09 6.71 -4.26
N VAL A 16 0.27 7.74 -4.07
CA VAL A 16 0.24 8.88 -4.98
C VAL A 16 1.41 9.83 -4.71
N GLU A 17 1.68 10.09 -3.44
CA GLU A 17 2.77 10.98 -3.05
C GLU A 17 4.12 10.31 -3.31
N GLN A 18 4.13 8.99 -3.33
CA GLN A 18 5.36 8.24 -3.56
C GLN A 18 5.67 8.14 -5.05
N LEU A 19 4.69 7.66 -5.82
CA LEU A 19 4.86 7.51 -7.26
C LEU A 19 4.56 8.83 -7.97
N GLY A 20 3.32 9.28 -7.87
CA GLY A 20 2.93 10.53 -8.52
C GLY A 20 1.70 10.37 -9.39
N VAL A 21 1.34 9.13 -9.69
CA VAL A 21 0.17 8.85 -10.51
C VAL A 21 -1.11 9.21 -9.78
N ASP A 22 -2.25 8.90 -10.40
CA ASP A 22 -3.54 9.19 -9.81
C ASP A 22 -4.07 7.98 -9.04
N GLU A 23 -4.64 8.23 -7.86
CA GLU A 23 -5.17 7.16 -7.03
C GLU A 23 -6.28 6.40 -7.75
N ALA A 24 -7.02 7.13 -8.58
CA ALA A 24 -8.12 6.53 -9.34
C ALA A 24 -7.62 5.39 -10.22
N GLU A 25 -6.75 5.72 -11.17
CA GLU A 25 -6.19 4.71 -12.07
C GLU A 25 -5.60 3.54 -11.29
N VAL A 26 -5.13 3.83 -10.09
CA VAL A 26 -4.52 2.80 -9.24
C VAL A 26 -5.59 1.87 -8.68
N LYS A 27 -5.95 0.85 -9.45
CA LYS A 27 -6.96 -0.11 -9.03
C LYS A 27 -6.53 -0.83 -7.75
N ASN A 28 -7.45 -1.59 -7.17
CA ASN A 28 -7.16 -2.32 -5.94
C ASN A 28 -6.56 -3.68 -6.25
N GLU A 29 -6.89 -4.22 -7.43
CA GLU A 29 -6.37 -5.52 -7.86
C GLU A 29 -5.12 -5.35 -8.70
N ALA A 30 -4.28 -4.39 -8.33
CA ALA A 30 -3.05 -4.14 -9.06
C ALA A 30 -1.83 -4.32 -8.16
N SER A 31 -0.64 -4.07 -8.72
CA SER A 31 0.59 -4.22 -7.96
C SER A 31 1.49 -2.99 -8.16
N PHE A 32 2.47 -2.84 -7.28
CA PHE A 32 3.40 -1.72 -7.34
C PHE A 32 4.33 -1.87 -8.53
N VAL A 33 4.74 -3.10 -8.82
CA VAL A 33 5.64 -3.37 -9.92
C VAL A 33 5.07 -4.44 -10.85
N ASP A 34 4.46 -5.46 -10.26
CA ASP A 34 3.87 -6.55 -11.02
C ASP A 34 2.91 -6.01 -12.09
N ASP A 35 2.31 -4.86 -11.80
CA ASP A 35 1.37 -4.23 -12.72
C ASP A 35 1.83 -2.82 -13.10
N LEU A 36 1.91 -1.95 -12.11
CA LEU A 36 2.34 -0.58 -12.33
C LEU A 36 3.65 -0.53 -13.09
N GLY A 37 4.48 -1.55 -12.90
CA GLY A 37 5.76 -1.61 -13.59
C GLY A 37 6.82 -0.75 -12.92
N ALA A 38 6.57 -0.37 -11.67
CA ALA A 38 7.51 0.46 -10.92
C ALA A 38 8.76 -0.32 -10.55
N ASP A 39 9.59 0.26 -9.70
CA ASP A 39 10.82 -0.39 -9.26
C ASP A 39 10.70 -0.85 -7.81
N SER A 40 11.60 -1.75 -7.41
CA SER A 40 11.60 -2.28 -6.05
C SER A 40 11.59 -1.15 -5.03
N LEU A 41 12.31 -0.06 -5.35
CA LEU A 41 12.38 1.08 -4.46
C LEU A 41 10.99 1.55 -4.05
N ASP A 42 10.02 1.35 -4.93
CA ASP A 42 8.64 1.75 -4.66
C ASP A 42 8.02 0.86 -3.59
N THR A 43 7.99 -0.44 -3.85
CA THR A 43 7.43 -1.40 -2.92
C THR A 43 8.00 -1.21 -1.52
N VAL A 44 9.29 -0.87 -1.46
CA VAL A 44 9.96 -0.66 -0.18
C VAL A 44 9.44 0.59 0.51
N GLU A 45 9.52 1.72 -0.19
CA GLU A 45 9.06 2.99 0.36
C GLU A 45 7.59 2.90 0.78
N LEU A 46 6.83 2.08 0.06
CA LEU A 46 5.42 1.91 0.36
C LEU A 46 5.22 1.14 1.67
N VAL A 47 5.95 0.05 1.83
CA VAL A 47 5.86 -0.77 3.02
C VAL A 47 6.18 0.05 4.27
N MET A 48 7.30 0.77 4.23
CA MET A 48 7.71 1.59 5.36
C MET A 48 6.70 2.70 5.61
N ALA A 49 6.13 3.25 4.53
CA ALA A 49 5.16 4.31 4.64
C ALA A 49 3.94 3.88 5.44
N LEU A 50 3.49 2.64 5.19
CA LEU A 50 2.34 2.09 5.89
C LEU A 50 2.64 1.86 7.36
N GLU A 51 3.64 1.03 7.63
CA GLU A 51 4.04 0.73 9.01
C GLU A 51 4.35 2.00 9.78
N GLU A 52 4.69 3.06 9.05
CA GLU A 52 5.01 4.34 9.67
C GLU A 52 3.75 5.16 9.92
N GLU A 53 3.02 5.47 8.84
CA GLU A 53 1.79 6.25 8.94
C GLU A 53 0.74 5.49 9.74
N PHE A 54 0.32 4.33 9.21
CA PHE A 54 -0.68 3.51 9.87
C PHE A 54 -0.17 3.00 11.21
N ASP A 55 1.14 3.08 11.40
CA ASP A 55 1.76 2.62 12.64
C ASP A 55 1.53 1.12 12.84
N THR A 56 1.76 0.35 11.78
CA THR A 56 1.58 -1.10 11.83
C THR A 56 2.92 -1.81 11.88
N GLU A 57 2.89 -3.09 12.20
CA GLU A 57 4.11 -3.90 12.27
C GLU A 57 4.32 -4.68 10.98
N ILE A 58 4.93 -4.02 10.00
CA ILE A 58 5.20 -4.66 8.71
C ILE A 58 6.68 -4.91 8.52
N PRO A 59 7.18 -6.02 9.09
CA PRO A 59 8.60 -6.39 9.00
C PRO A 59 8.98 -6.83 7.59
N ASP A 60 10.27 -7.12 7.40
CA ASP A 60 10.78 -7.55 6.09
C ASP A 60 10.01 -8.77 5.60
N GLU A 61 9.76 -9.71 6.50
CA GLU A 61 9.04 -10.93 6.14
C GLU A 61 7.68 -10.60 5.53
N GLU A 62 6.87 -9.87 6.29
CA GLU A 62 5.53 -9.49 5.82
C GLU A 62 5.62 -8.36 4.78
N ALA A 63 6.83 -7.87 4.56
CA ALA A 63 7.05 -6.80 3.58
C ALA A 63 7.22 -7.37 2.18
N GLU A 64 7.83 -8.55 2.09
CA GLU A 64 8.05 -9.19 0.80
C GLU A 64 6.73 -9.71 0.21
N LYS A 65 5.80 -10.04 1.08
CA LYS A 65 4.49 -10.54 0.66
C LYS A 65 3.56 -9.38 0.30
N ILE A 66 3.69 -8.27 1.02
CA ILE A 66 2.86 -7.10 0.77
C ILE A 66 3.53 -6.16 -0.21
N THR A 67 3.42 -6.46 -1.50
CA THR A 67 4.01 -5.64 -2.54
C THR A 67 2.97 -5.24 -3.59
N THR A 68 1.71 -5.34 -3.22
CA THR A 68 0.61 -4.98 -4.12
C THR A 68 -0.50 -4.26 -3.38
N VAL A 69 -1.32 -3.52 -4.13
CA VAL A 69 -2.43 -2.78 -3.55
C VAL A 69 -3.34 -3.69 -2.73
N GLN A 70 -3.92 -4.68 -3.40
CA GLN A 70 -4.82 -5.63 -2.74
C GLN A 70 -4.15 -6.22 -1.50
N ALA A 71 -2.87 -6.55 -1.62
CA ALA A 71 -2.13 -7.14 -0.51
C ALA A 71 -2.03 -6.16 0.65
N ALA A 72 -1.69 -4.91 0.35
CA ALA A 72 -1.57 -3.88 1.37
C ALA A 72 -2.92 -3.58 2.02
N ILE A 73 -3.89 -3.19 1.19
CA ILE A 73 -5.23 -2.86 1.67
C ILE A 73 -5.80 -4.02 2.50
N ASP A 74 -5.43 -5.24 2.14
CA ASP A 74 -5.90 -6.42 2.84
C ASP A 74 -5.29 -6.50 4.24
N TYR A 75 -3.97 -6.39 4.30
CA TYR A 75 -3.26 -6.45 5.58
C TYR A 75 -3.83 -5.45 6.57
N VAL A 76 -3.78 -4.17 6.20
CA VAL A 76 -4.29 -3.12 7.07
C VAL A 76 -5.75 -3.37 7.45
N ASN A 77 -6.56 -3.67 6.45
CA ASN A 77 -7.98 -3.94 6.68
C ASN A 77 -8.16 -5.14 7.61
N SER A 78 -7.17 -6.03 7.63
CA SER A 78 -7.23 -7.21 8.47
C SER A 78 -6.69 -6.91 9.86
N HIS A 79 -5.79 -5.94 9.95
CA HIS A 79 -5.20 -5.55 11.22
C HIS A 79 -5.89 -4.32 11.80
N GLN A 80 -7.18 -4.46 12.09
CA GLN A 80 -7.97 -3.36 12.64
C GLN A 80 -8.35 -3.63 14.08
N GLY A 1 -14.54 -0.02 14.97
CA GLY A 1 -13.53 -0.31 13.98
C GLY A 1 -13.50 0.72 12.86
N ILE A 2 -12.47 0.65 12.02
CA ILE A 2 -12.33 1.58 10.91
C ILE A 2 -13.17 1.14 9.72
N PRO A 3 -13.92 2.09 9.13
CA PRO A 3 -14.78 1.82 7.98
C PRO A 3 -13.98 1.53 6.71
N LEU A 4 -14.68 1.15 5.65
CA LEU A 4 -14.03 0.84 4.37
C LEU A 4 -13.98 2.08 3.49
N SER A 5 -13.58 3.20 4.06
CA SER A 5 -13.48 4.46 3.32
C SER A 5 -12.23 5.23 3.71
N ASN A 6 -11.94 5.27 5.00
CA ASN A 6 -10.77 5.97 5.51
C ASN A 6 -9.49 5.38 4.92
N ILE A 7 -9.30 4.08 5.11
CA ILE A 7 -8.12 3.39 4.61
C ILE A 7 -7.94 3.64 3.11
N GLU A 8 -9.05 3.58 2.37
CA GLU A 8 -9.01 3.80 0.93
C GLU A 8 -8.30 5.12 0.60
N GLU A 9 -8.77 6.20 1.19
CA GLU A 9 -8.17 7.51 0.95
C GLU A 9 -6.74 7.55 1.43
N ARG A 10 -6.47 6.86 2.54
CA ARG A 10 -5.13 6.83 3.11
C ARG A 10 -4.15 6.13 2.16
N VAL A 11 -4.38 4.84 1.93
CA VAL A 11 -3.52 4.07 1.04
C VAL A 11 -3.30 4.79 -0.28
N LYS A 12 -4.39 5.29 -0.86
CA LYS A 12 -4.32 6.00 -2.13
C LYS A 12 -3.42 7.24 -2.01
N LYS A 13 -3.54 7.95 -0.91
CA LYS A 13 -2.74 9.15 -0.67
C LYS A 13 -1.25 8.82 -0.75
N ILE A 14 -0.84 7.77 -0.06
CA ILE A 14 0.56 7.35 -0.06
C ILE A 14 1.03 7.00 -1.47
N ILE A 15 0.26 6.18 -2.16
CA ILE A 15 0.59 5.77 -3.52
C ILE A 15 0.65 6.97 -4.46
N VAL A 16 -0.23 7.94 -4.23
CA VAL A 16 -0.27 9.14 -5.05
C VAL A 16 0.83 10.11 -4.65
N GLU A 17 1.31 9.99 -3.42
CA GLU A 17 2.37 10.86 -2.90
C GLU A 17 3.74 10.24 -3.15
N GLN A 18 3.76 8.96 -3.50
CA GLN A 18 5.01 8.26 -3.76
C GLN A 18 5.13 7.89 -5.24
N LEU A 19 4.23 7.02 -5.70
CA LEU A 19 4.22 6.57 -7.08
C LEU A 19 3.86 7.72 -8.02
N GLY A 20 2.95 8.57 -7.56
CA GLY A 20 2.52 9.70 -8.37
C GLY A 20 1.19 9.46 -9.07
N VAL A 21 0.88 8.18 -9.32
CA VAL A 21 -0.36 7.81 -9.99
C VAL A 21 -1.56 8.45 -9.29
N ASP A 22 -2.68 8.50 -10.00
CA ASP A 22 -3.90 9.08 -9.46
C ASP A 22 -4.68 8.06 -8.63
N GLU A 23 -5.32 8.53 -7.57
CA GLU A 23 -6.10 7.65 -6.70
C GLU A 23 -7.22 6.98 -7.47
N ALA A 24 -7.58 7.55 -8.62
CA ALA A 24 -8.64 7.01 -9.45
C ALA A 24 -8.10 5.95 -10.41
N GLU A 25 -7.07 6.31 -11.17
CA GLU A 25 -6.47 5.40 -12.14
C GLU A 25 -5.95 4.14 -11.44
N VAL A 26 -5.38 4.32 -10.26
CA VAL A 26 -4.85 3.21 -9.48
C VAL A 26 -5.89 2.11 -9.33
N LYS A 27 -5.44 0.86 -9.41
CA LYS A 27 -6.34 -0.29 -9.28
C LYS A 27 -5.94 -1.15 -8.08
N ASN A 28 -6.91 -1.42 -7.20
CA ASN A 28 -6.66 -2.23 -6.02
C ASN A 28 -6.24 -3.65 -6.40
N GLU A 29 -6.58 -4.05 -7.62
CA GLU A 29 -6.23 -5.38 -8.11
C GLU A 29 -4.94 -5.34 -8.92
N ALA A 30 -4.09 -4.37 -8.60
CA ALA A 30 -2.82 -4.22 -9.30
C ALA A 30 -1.64 -4.36 -8.34
N SER A 31 -0.42 -4.22 -8.86
CA SER A 31 0.78 -4.33 -8.05
C SER A 31 1.61 -3.06 -8.13
N PHE A 32 2.83 -3.12 -7.59
CA PHE A 32 3.72 -1.97 -7.60
C PHE A 32 4.77 -2.10 -8.71
N VAL A 33 5.34 -3.30 -8.84
CA VAL A 33 6.35 -3.56 -9.85
C VAL A 33 5.90 -4.66 -10.81
N ASP A 34 5.14 -5.61 -10.29
CA ASP A 34 4.64 -6.72 -11.09
C ASP A 34 3.68 -6.22 -12.17
N ASP A 35 3.06 -5.07 -11.91
CA ASP A 35 2.13 -4.48 -12.86
C ASP A 35 2.57 -3.07 -13.25
N LEU A 36 2.55 -2.17 -12.29
CA LEU A 36 2.94 -0.78 -12.53
C LEU A 36 4.36 -0.70 -13.10
N GLY A 37 5.16 -1.73 -12.80
CA GLY A 37 6.53 -1.76 -13.29
C GLY A 37 7.42 -0.76 -12.58
N ALA A 38 7.04 -0.41 -11.35
CA ALA A 38 7.82 0.54 -10.56
C ALA A 38 9.19 -0.04 -10.19
N ASP A 39 9.89 0.66 -9.32
CA ASP A 39 11.22 0.22 -8.88
C ASP A 39 11.17 -0.29 -7.44
N SER A 40 12.22 -0.99 -7.03
CA SER A 40 12.30 -1.54 -5.69
C SER A 40 12.03 -0.46 -4.64
N LEU A 41 12.58 0.72 -4.87
CA LEU A 41 12.40 1.85 -3.95
C LEU A 41 10.92 2.15 -3.76
N ASP A 42 10.13 1.95 -4.81
CA ASP A 42 8.70 2.20 -4.74
C ASP A 42 8.02 1.25 -3.76
N THR A 43 8.19 -0.05 -3.98
CA THR A 43 7.60 -1.06 -3.12
C THR A 43 7.95 -0.82 -1.66
N VAL A 44 9.24 -0.74 -1.38
CA VAL A 44 9.71 -0.50 -0.01
C VAL A 44 9.14 0.79 0.54
N GLU A 45 8.96 1.78 -0.32
CA GLU A 45 8.41 3.07 0.10
C GLU A 45 7.01 2.91 0.66
N LEU A 46 6.17 2.18 -0.06
CA LEU A 46 4.78 1.95 0.37
C LEU A 46 4.76 1.17 1.68
N VAL A 47 5.56 0.12 1.76
CA VAL A 47 5.63 -0.71 2.96
C VAL A 47 5.88 0.14 4.20
N MET A 48 6.91 0.98 4.14
CA MET A 48 7.27 1.86 5.25
C MET A 48 6.11 2.78 5.60
N ALA A 49 5.53 3.41 4.58
CA ALA A 49 4.41 4.32 4.78
C ALA A 49 3.28 3.64 5.55
N LEU A 50 3.10 2.35 5.30
CA LEU A 50 2.05 1.58 5.96
C LEU A 50 2.37 1.38 7.44
N GLU A 51 3.57 0.88 7.71
CA GLU A 51 4.00 0.64 9.08
C GLU A 51 4.24 1.95 9.82
N GLU A 52 4.24 3.06 9.07
CA GLU A 52 4.46 4.37 9.64
C GLU A 52 3.14 5.08 9.92
N GLU A 53 2.24 5.03 8.94
CA GLU A 53 0.93 5.67 9.07
C GLU A 53 -0.06 4.73 9.76
N PHE A 54 -0.23 3.54 9.19
CA PHE A 54 -1.15 2.56 9.74
C PHE A 54 -0.51 1.83 10.93
N ASP A 55 0.74 2.16 11.22
CA ASP A 55 1.45 1.54 12.33
C ASP A 55 1.36 0.01 12.26
N THR A 56 1.33 -0.51 11.04
CA THR A 56 1.25 -1.95 10.84
C THR A 56 2.53 -2.66 11.26
N GLU A 57 3.61 -1.88 11.38
CA GLU A 57 4.89 -2.43 11.79
C GLU A 57 5.31 -3.58 10.88
N ILE A 58 4.79 -3.57 9.65
CA ILE A 58 5.10 -4.61 8.68
C ILE A 58 6.59 -4.92 8.67
N PRO A 59 6.96 -6.06 9.28
CA PRO A 59 8.36 -6.50 9.36
C PRO A 59 8.91 -6.94 8.00
N ASP A 60 10.09 -7.55 8.01
CA ASP A 60 10.71 -8.01 6.77
C ASP A 60 9.93 -9.17 6.17
N GLU A 61 9.69 -10.21 6.98
CA GLU A 61 8.95 -11.38 6.52
C GLU A 61 7.63 -10.97 5.87
N GLU A 62 6.89 -10.09 6.55
CA GLU A 62 5.60 -9.63 6.04
C GLU A 62 5.80 -8.70 4.85
N ALA A 63 6.84 -7.88 4.90
CA ALA A 63 7.14 -6.95 3.82
C ALA A 63 7.20 -7.66 2.48
N GLU A 64 7.88 -8.80 2.46
CA GLU A 64 8.01 -9.58 1.23
C GLU A 64 6.65 -9.95 0.66
N LYS A 65 5.64 -9.99 1.54
CA LYS A 65 4.29 -10.33 1.13
C LYS A 65 3.59 -9.12 0.51
N ILE A 66 3.72 -7.97 1.16
CA ILE A 66 3.10 -6.75 0.66
C ILE A 66 3.84 -6.22 -0.57
N THR A 67 3.59 -6.83 -1.71
CA THR A 67 4.22 -6.43 -2.96
C THR A 67 3.22 -5.78 -3.90
N THR A 68 1.93 -5.97 -3.62
CA THR A 68 0.87 -5.41 -4.44
C THR A 68 -0.05 -4.52 -3.61
N VAL A 69 -1.10 -4.01 -4.25
CA VAL A 69 -2.06 -3.15 -3.58
C VAL A 69 -3.03 -3.97 -2.74
N GLN A 70 -3.74 -4.88 -3.39
CA GLN A 70 -4.71 -5.73 -2.70
C GLN A 70 -4.09 -6.37 -1.46
N ALA A 71 -2.83 -6.77 -1.58
CA ALA A 71 -2.12 -7.40 -0.47
C ALA A 71 -1.94 -6.42 0.68
N ALA A 72 -1.41 -5.25 0.37
CA ALA A 72 -1.17 -4.22 1.39
C ALA A 72 -2.49 -3.78 2.04
N ILE A 73 -3.41 -3.30 1.21
CA ILE A 73 -4.71 -2.85 1.70
C ILE A 73 -5.38 -3.93 2.55
N ASP A 74 -5.19 -5.18 2.16
CA ASP A 74 -5.78 -6.31 2.89
C ASP A 74 -5.14 -6.45 4.27
N TYR A 75 -3.82 -6.24 4.33
CA TYR A 75 -3.10 -6.36 5.59
C TYR A 75 -3.55 -5.28 6.58
N VAL A 76 -3.28 -4.02 6.24
CA VAL A 76 -3.67 -2.91 7.09
C VAL A 76 -5.13 -2.99 7.48
N ASN A 77 -5.98 -3.34 6.52
CA ASN A 77 -7.42 -3.45 6.78
C ASN A 77 -7.70 -4.54 7.80
N SER A 78 -6.97 -5.65 7.70
CA SER A 78 -7.14 -6.77 8.62
C SER A 78 -6.53 -6.47 9.98
N HIS A 79 -5.54 -5.58 9.99
CA HIS A 79 -4.87 -5.19 11.22
C HIS A 79 -5.29 -3.80 11.66
N GLN A 80 -6.58 -3.63 11.94
CA GLN A 80 -7.12 -2.35 12.36
C GLN A 80 -7.46 -2.37 13.85
#